data_1HC7
#
_entry.id   1HC7
#
_cell.length_a   132.300
_cell.length_b   191.100
_cell.length_c   125.100
_cell.angle_alpha   90.00
_cell.angle_beta   90.00
_cell.angle_gamma   90.00
#
_symmetry.space_group_name_H-M   'P 21 21 2'
#
loop_
_entity.id
_entity.type
_entity.pdbx_description
1 polymer 'PROLYL-TRNA SYNTHETASE'
2 non-polymer 'ZINC ION'
3 water water
#
_entity_poly.entity_id   1
_entity_poly.type   'polypeptide(L)'
_entity_poly.pdbx_seq_one_letter_code
;MAKEKGLTPQSQDFSEWYLEVIQKAELADYGPVRGTIVVRPYGYAIWENIQQVLDRMFKETGHQNAYFPLFIPMSFLRKE
AEHVEGFSPELAVVTHAGGEELEEPLAVRPTSETVIGYMWSKWIRSWRDLPQLLNQWGNVVRWEMRTRPFLRTSEFLWQE
GHTAHATREEAEEEVRRMLSIYARLAREYAAIPVIEGLKTEKEKFAGAVYTTTIEALMKDGKALQAGTSHYLGENFARAF
DIKFQDRDLQVKYVHTTSWGLSWRFIGAIIMTHGDDRGLVLPPRLAPIQVVIVPIYKDESRERVLEAAQGLRQALLAQGL
RVHLDDRDQHTPGYKFHEWELKGVPFRVELGPKDLEGGQAVLASRLGGKETLPLAALPEALPGKLDAFHEELYRRALAFR
EDHTRKVDTYEAFKEAVQEGFALAFHCGDKACERLIQEETTATTRCVPFEAEPEEGFCVRCGRPSAYGKRVVFAKAY
;
_entity_poly.pdbx_strand_id   A,B,C,D
#
# COMPACT_ATOMS: atom_id res chain seq x y z
N LYS A 5 -62.32 30.36 -2.44
CA LYS A 5 -62.51 31.60 -1.63
C LYS A 5 -61.25 32.48 -1.67
N GLY A 6 -61.37 33.66 -2.26
CA GLY A 6 -60.25 34.58 -2.35
C GLY A 6 -59.59 34.91 -1.02
N LEU A 7 -58.41 35.52 -1.09
CA LEU A 7 -57.66 35.89 0.10
C LEU A 7 -58.31 37.00 0.92
N THR A 8 -58.48 36.77 2.21
CA THR A 8 -59.05 37.78 3.08
C THR A 8 -58.13 39.00 2.97
N PRO A 9 -58.69 40.19 2.68
CA PRO A 9 -57.86 41.39 2.56
C PRO A 9 -57.12 41.70 3.85
N GLN A 10 -55.96 42.32 3.72
CA GLN A 10 -55.14 42.69 4.86
C GLN A 10 -55.87 43.69 5.75
N SER A 11 -56.64 44.58 5.13
CA SER A 11 -57.38 45.60 5.87
C SER A 11 -58.51 44.99 6.71
N GLN A 12 -58.99 43.82 6.30
CA GLN A 12 -60.06 43.15 7.02
C GLN A 12 -59.55 42.32 8.21
N ASP A 13 -58.52 41.50 7.99
CA ASP A 13 -57.94 40.69 9.06
C ASP A 13 -56.55 40.19 8.67
N PHE A 14 -55.54 40.99 8.99
CA PHE A 14 -54.14 40.67 8.67
C PHE A 14 -53.71 39.27 9.11
N SER A 15 -53.99 38.92 10.36
CA SER A 15 -53.62 37.61 10.90
C SER A 15 -54.13 36.50 10.00
N GLU A 16 -55.41 36.57 9.65
CA GLU A 16 -56.00 35.55 8.79
C GLU A 16 -55.40 35.61 7.41
N TRP A 17 -55.13 36.82 6.91
CA TRP A 17 -54.52 37.00 5.60
C TRP A 17 -53.21 36.24 5.57
N TYR A 18 -52.44 36.41 6.64
CA TYR A 18 -51.14 35.78 6.79
C TYR A 18 -51.24 34.26 6.72
N LEU A 19 -52.15 33.70 7.53
CA LEU A 19 -52.35 32.26 7.55
C LEU A 19 -52.82 31.73 6.21
N GLU A 20 -53.67 32.48 5.52
CA GLU A 20 -54.18 32.01 4.23
C GLU A 20 -53.17 32.06 3.09
N VAL A 21 -52.32 33.08 3.06
CA VAL A 21 -51.35 33.17 1.98
C VAL A 21 -50.29 32.07 2.10
N ILE A 22 -49.89 31.78 3.34
CA ILE A 22 -48.92 30.72 3.58
C ILE A 22 -49.50 29.40 3.05
N GLN A 23 -50.81 29.26 3.20
CA GLN A 23 -51.52 28.08 2.77
C GLN A 23 -51.68 28.06 1.24
N LYS A 24 -52.21 29.15 0.69
CA LYS A 24 -52.46 29.26 -0.74
C LYS A 24 -51.23 29.33 -1.63
N ALA A 25 -50.16 29.96 -1.15
CA ALA A 25 -48.93 30.03 -1.92
C ALA A 25 -48.14 28.73 -1.73
N GLU A 26 -48.71 27.80 -0.98
CA GLU A 26 -48.07 26.51 -0.71
C GLU A 26 -46.70 26.64 -0.07
N LEU A 27 -46.59 27.53 0.91
CA LEU A 27 -45.36 27.76 1.63
C LEU A 27 -45.22 26.72 2.73
N ALA A 28 -46.32 26.48 3.45
CA ALA A 28 -46.34 25.50 4.52
C ALA A 28 -47.74 24.93 4.67
N ASP A 29 -47.87 23.92 5.53
CA ASP A 29 -49.15 23.29 5.80
C ASP A 29 -49.00 22.73 7.22
N TYR A 30 -50.10 22.42 7.88
CA TYR A 30 -50.00 21.91 9.24
C TYR A 30 -49.73 20.42 9.28
N GLY A 31 -48.79 20.05 10.16
CA GLY A 31 -48.42 18.65 10.32
C GLY A 31 -49.35 17.96 11.29
N PRO A 32 -49.36 16.61 11.29
CA PRO A 32 -50.23 15.83 12.18
C PRO A 32 -50.10 16.21 13.67
N VAL A 33 -48.88 16.45 14.13
CA VAL A 33 -48.66 16.83 15.52
C VAL A 33 -48.96 18.32 15.70
N ARG A 34 -49.90 18.62 16.58
CA ARG A 34 -50.29 20.00 16.86
C ARG A 34 -49.07 20.84 17.23
N GLY A 35 -48.94 22.01 16.61
CA GLY A 35 -47.82 22.88 16.90
C GLY A 35 -46.66 22.75 15.91
N THR A 36 -46.82 21.84 14.96
CA THR A 36 -45.78 21.61 13.95
C THR A 36 -46.30 21.92 12.55
N ILE A 37 -45.41 22.39 11.70
CA ILE A 37 -45.78 22.68 10.33
C ILE A 37 -44.93 21.87 9.38
N VAL A 38 -45.38 21.78 8.13
CA VAL A 38 -44.66 21.07 7.09
C VAL A 38 -44.25 22.16 6.11
N VAL A 39 -42.96 22.39 5.96
CA VAL A 39 -42.52 23.41 5.03
C VAL A 39 -42.49 22.82 3.63
N ARG A 40 -43.32 23.36 2.76
CA ARG A 40 -43.41 22.86 1.40
C ARG A 40 -42.24 23.32 0.54
N PRO A 41 -42.01 22.65 -0.61
CA PRO A 41 -40.92 22.98 -1.51
C PRO A 41 -40.72 24.48 -1.75
N TYR A 42 -41.75 25.14 -2.26
CA TYR A 42 -41.63 26.57 -2.56
C TYR A 42 -41.19 27.36 -1.34
N GLY A 43 -41.75 27.02 -0.19
CA GLY A 43 -41.37 27.72 1.02
C GLY A 43 -39.95 27.38 1.43
N TYR A 44 -39.56 26.12 1.25
CA TYR A 44 -38.23 25.70 1.62
C TYR A 44 -37.18 26.35 0.73
N ALA A 45 -37.51 26.48 -0.56
CA ALA A 45 -36.61 27.10 -1.52
C ALA A 45 -36.27 28.54 -1.10
N ILE A 46 -37.21 29.21 -0.45
CA ILE A 46 -36.95 30.57 0.01
C ILE A 46 -35.91 30.50 1.13
N TRP A 47 -36.05 29.52 2.00
CA TRP A 47 -35.11 29.36 3.10
C TRP A 47 -33.74 29.02 2.56
N GLU A 48 -33.70 28.25 1.48
CA GLU A 48 -32.44 27.84 0.85
C GLU A 48 -31.67 29.05 0.28
N ASN A 49 -32.39 29.98 -0.32
CA ASN A 49 -31.76 31.17 -0.89
C ASN A 49 -31.21 32.03 0.24
N ILE A 50 -31.95 32.10 1.34
CA ILE A 50 -31.54 32.87 2.49
C ILE A 50 -30.26 32.26 3.07
N GLN A 51 -30.24 30.93 3.13
CA GLN A 51 -29.10 30.20 3.65
C GLN A 51 -27.86 30.37 2.76
N GLN A 52 -28.03 30.27 1.45
CA GLN A 52 -26.93 30.42 0.52
C GLN A 52 -26.31 31.81 0.64
N VAL A 53 -27.16 32.82 0.74
CA VAL A 53 -26.67 34.18 0.86
C VAL A 53 -25.92 34.41 2.17
N LEU A 54 -26.46 33.91 3.29
CA LEU A 54 -25.80 34.09 4.57
C LEU A 54 -24.51 33.29 4.64
N ASP A 55 -24.56 32.07 4.13
CA ASP A 55 -23.39 31.20 4.13
C ASP A 55 -22.20 31.86 3.45
N ARG A 56 -22.43 32.49 2.30
CA ARG A 56 -21.35 33.16 1.59
C ARG A 56 -20.80 34.26 2.47
N MET A 57 -21.70 35.05 3.04
CA MET A 57 -21.26 36.15 3.89
C MET A 57 -20.52 35.67 5.13
N PHE A 58 -20.97 34.56 5.71
CA PHE A 58 -20.30 34.02 6.89
C PHE A 58 -18.90 33.52 6.53
N LYS A 59 -18.83 32.78 5.43
CA LYS A 59 -17.58 32.21 4.95
C LYS A 59 -16.54 33.26 4.60
N GLU A 60 -16.95 34.27 3.83
CA GLU A 60 -16.02 35.33 3.43
C GLU A 60 -15.44 35.96 4.67
N THR A 61 -16.12 35.81 5.81
CA THR A 61 -15.65 36.39 7.06
C THR A 61 -14.99 35.41 8.01
N GLY A 62 -14.52 34.30 7.46
CA GLY A 62 -13.80 33.32 8.26
C GLY A 62 -14.55 32.30 9.09
N HIS A 63 -15.87 32.34 9.09
CA HIS A 63 -16.59 31.37 9.90
C HIS A 63 -16.66 30.01 9.21
N GLN A 64 -16.84 28.97 10.00
CA GLN A 64 -16.92 27.63 9.45
C GLN A 64 -18.09 26.87 10.03
N ASN A 65 -18.73 26.06 9.20
CA ASN A 65 -19.86 25.28 9.65
C ASN A 65 -19.40 23.97 10.31
N ALA A 66 -20.12 23.57 11.35
CA ALA A 66 -19.84 22.34 12.07
C ALA A 66 -21.20 21.75 12.43
N TYR A 67 -21.22 20.59 13.07
CA TYR A 67 -22.49 20.03 13.46
C TYR A 67 -22.49 19.47 14.86
N PHE A 68 -23.13 20.20 15.76
CA PHE A 68 -23.23 19.73 17.13
C PHE A 68 -24.50 18.90 17.26
N PRO A 69 -24.48 17.86 18.13
CA PRO A 69 -25.56 16.91 18.42
C PRO A 69 -26.96 17.48 18.69
N LEU A 70 -27.97 16.74 18.26
CA LEU A 70 -29.37 17.11 18.45
C LEU A 70 -29.73 16.90 19.93
N PHE A 71 -29.14 15.88 20.56
CA PHE A 71 -29.42 15.56 21.95
C PHE A 71 -28.39 16.17 22.90
N ILE A 72 -28.90 16.85 23.92
CA ILE A 72 -28.05 17.51 24.90
C ILE A 72 -28.24 16.89 26.28
N PRO A 73 -27.13 16.76 27.04
CA PRO A 73 -27.21 16.18 28.38
C PRO A 73 -28.22 16.95 29.22
N MET A 74 -29.17 16.25 29.83
CA MET A 74 -30.15 16.93 30.66
C MET A 74 -29.37 17.57 31.81
N SER A 75 -28.33 16.87 32.26
CA SER A 75 -27.48 17.35 33.33
C SER A 75 -26.80 18.67 32.98
N PHE A 76 -26.50 18.85 31.68
CA PHE A 76 -25.87 20.08 31.21
C PHE A 76 -26.85 21.24 31.08
N LEU A 77 -28.14 20.97 31.26
CA LEU A 77 -29.16 22.01 31.15
C LEU A 77 -29.84 22.41 32.45
N PHE A 87 -39.11 20.06 34.05
CA PHE A 87 -37.85 20.78 33.94
C PHE A 87 -37.75 21.64 32.69
N SER A 88 -37.83 22.95 32.89
CA SER A 88 -37.77 23.94 31.80
C SER A 88 -38.83 23.69 30.74
N PRO A 89 -39.86 24.55 30.68
CA PRO A 89 -40.96 24.45 29.72
C PRO A 89 -40.55 24.47 28.26
N GLU A 90 -39.43 25.12 27.94
CA GLU A 90 -38.97 25.21 26.56
C GLU A 90 -38.37 23.92 26.01
N LEU A 91 -38.07 22.98 26.90
CA LEU A 91 -37.45 21.71 26.47
C LEU A 91 -38.36 20.55 26.15
N ALA A 92 -37.99 19.81 25.10
CA ALA A 92 -38.68 18.60 24.69
C ALA A 92 -37.71 17.52 25.17
N VAL A 93 -38.14 16.68 26.10
CA VAL A 93 -37.27 15.68 26.68
C VAL A 93 -37.54 14.24 26.24
N VAL A 94 -36.47 13.55 25.87
CA VAL A 94 -36.56 12.16 25.45
C VAL A 94 -36.34 11.32 26.71
N THR A 95 -37.34 10.52 27.06
CA THR A 95 -37.27 9.70 28.26
C THR A 95 -37.14 8.21 27.97
N HIS A 96 -37.43 7.81 26.74
CA HIS A 96 -37.34 6.40 26.35
C HIS A 96 -36.63 6.24 25.02
N ALA A 97 -35.74 5.26 24.95
CA ALA A 97 -34.98 4.97 23.74
C ALA A 97 -34.28 3.62 23.91
N GLY A 98 -34.11 2.89 22.81
CA GLY A 98 -33.46 1.60 22.89
C GLY A 98 -34.34 0.60 23.60
N GLY A 99 -35.65 0.82 23.57
CA GLY A 99 -36.58 -0.07 24.21
C GLY A 99 -36.54 -0.06 25.74
N GLU A 100 -36.27 1.09 26.34
CA GLU A 100 -36.23 1.17 27.80
C GLU A 100 -36.20 2.61 28.30
N GLU A 101 -36.47 2.80 29.59
CA GLU A 101 -36.42 4.11 30.20
C GLU A 101 -34.96 4.51 30.36
N LEU A 102 -34.62 5.69 29.88
CA LEU A 102 -33.25 6.16 29.98
C LEU A 102 -32.93 6.55 31.40
N GLU A 103 -31.82 6.06 31.93
CA GLU A 103 -31.43 6.42 33.28
C GLU A 103 -31.14 7.92 33.23
N GLU A 104 -30.70 8.39 32.07
CA GLU A 104 -30.41 9.81 31.92
C GLU A 104 -31.18 10.40 30.74
N PRO A 105 -32.31 11.05 31.02
CA PRO A 105 -33.13 11.66 29.97
C PRO A 105 -32.36 12.68 29.13
N LEU A 106 -32.67 12.73 27.84
CA LEU A 106 -31.98 13.63 26.94
C LEU A 106 -32.90 14.74 26.43
N ALA A 107 -32.38 15.96 26.41
CA ALA A 107 -33.15 17.09 25.92
C ALA A 107 -32.84 17.31 24.45
N VAL A 108 -33.84 17.72 23.68
CA VAL A 108 -33.61 18.01 22.28
C VAL A 108 -33.04 19.42 22.35
N ARG A 109 -31.93 19.65 21.65
CA ARG A 109 -31.27 20.96 21.68
C ARG A 109 -32.14 22.17 21.38
N PRO A 110 -32.10 23.18 22.27
CA PRO A 110 -32.86 24.42 22.09
C PRO A 110 -31.87 25.37 21.41
N THR A 111 -30.60 24.97 21.50
CA THR A 111 -29.46 25.69 20.94
C THR A 111 -28.27 24.78 21.27
N SER A 112 -27.15 24.95 20.58
CA SER A 112 -25.98 24.11 20.83
C SER A 112 -24.94 24.73 21.78
N GLU A 113 -25.23 25.91 22.31
CA GLU A 113 -24.29 26.58 23.18
C GLU A 113 -23.65 25.75 24.29
N THR A 114 -24.45 25.00 25.04
CA THR A 114 -23.87 24.20 26.12
C THR A 114 -22.81 23.21 25.62
N VAL A 115 -23.11 22.46 24.57
CA VAL A 115 -22.15 21.49 24.04
C VAL A 115 -20.94 22.25 23.48
N ILE A 116 -21.21 23.38 22.84
CA ILE A 116 -20.15 24.20 22.28
C ILE A 116 -19.20 24.65 23.40
N GLY A 117 -19.77 25.14 24.49
CA GLY A 117 -18.95 25.58 25.61
C GLY A 117 -18.04 24.47 26.10
N TYR A 118 -18.57 23.25 26.15
CA TYR A 118 -17.81 22.09 26.59
C TYR A 118 -16.67 21.80 25.61
N MET A 119 -16.99 21.73 24.32
CA MET A 119 -15.97 21.46 23.31
C MET A 119 -14.90 22.55 23.27
N TRP A 120 -15.32 23.80 23.43
CA TRP A 120 -14.36 24.91 23.40
C TRP A 120 -13.45 24.83 24.62
N SER A 121 -13.99 24.31 25.71
CA SER A 121 -13.21 24.19 26.93
C SER A 121 -12.00 23.31 26.69
N LYS A 122 -12.17 22.25 25.91
CA LYS A 122 -11.05 21.36 25.64
C LYS A 122 -10.27 21.74 24.38
N TRP A 123 -10.93 22.34 23.40
CA TRP A 123 -10.26 22.72 22.16
C TRP A 123 -9.37 23.96 22.32
N ILE A 124 -9.82 24.93 23.10
CA ILE A 124 -9.07 26.15 23.30
C ILE A 124 -8.08 26.04 24.45
N ARG A 125 -6.80 26.25 24.16
CA ARG A 125 -5.77 26.19 25.19
C ARG A 125 -4.86 27.41 25.17
N SER A 126 -4.59 27.96 23.99
CA SER A 126 -3.75 29.15 23.89
C SER A 126 -4.26 30.13 22.84
N TRP A 127 -3.67 31.32 22.84
CA TRP A 127 -4.03 32.36 21.89
C TRP A 127 -3.91 31.84 20.45
N ARG A 128 -3.14 30.78 20.28
CA ARG A 128 -2.97 30.19 18.96
C ARG A 128 -4.28 29.57 18.48
N ASP A 129 -5.11 29.17 19.43
CA ASP A 129 -6.41 28.54 19.14
C ASP A 129 -7.53 29.54 18.85
N LEU A 130 -7.20 30.84 18.85
CA LEU A 130 -8.20 31.87 18.61
C LEU A 130 -7.88 32.68 17.36
N PRO A 131 -8.93 33.23 16.71
CA PRO A 131 -10.33 33.11 17.11
C PRO A 131 -10.98 31.79 16.71
N GLN A 132 -12.14 31.54 17.31
CA GLN A 132 -12.93 30.36 17.02
C GLN A 132 -14.17 30.97 16.34
N LEU A 133 -14.33 30.76 15.04
CA LEU A 133 -15.45 31.32 14.27
C LEU A 133 -16.35 30.20 13.76
N LEU A 134 -17.37 29.88 14.55
CA LEU A 134 -18.28 28.79 14.27
C LEU A 134 -19.73 29.13 13.92
N ASN A 135 -20.31 28.32 13.04
CA ASN A 135 -21.71 28.47 12.64
C ASN A 135 -22.35 27.10 12.47
N GLN A 136 -23.67 27.04 12.62
CA GLN A 136 -24.40 25.79 12.42
C GLN A 136 -25.80 26.03 11.88
N TRP A 137 -26.13 25.35 10.79
CA TRP A 137 -27.45 25.44 10.19
C TRP A 137 -28.24 24.22 10.64
N GLY A 138 -29.50 24.40 10.99
CA GLY A 138 -30.29 23.25 11.39
C GLY A 138 -31.50 23.59 12.24
N ASN A 139 -32.10 22.53 12.76
CA ASN A 139 -33.30 22.63 13.59
C ASN A 139 -32.99 22.62 15.07
N VAL A 140 -33.83 23.30 15.84
CA VAL A 140 -33.74 23.36 17.29
C VAL A 140 -35.19 23.32 17.78
N VAL A 141 -35.37 23.04 19.06
CA VAL A 141 -36.71 23.00 19.60
C VAL A 141 -36.83 23.76 20.91
N ARG A 142 -37.84 24.61 20.96
CA ARG A 142 -38.16 25.42 22.14
C ARG A 142 -39.68 25.40 22.15
N TRP A 143 -40.24 24.50 22.95
CA TRP A 143 -41.68 24.34 23.01
C TRP A 143 -42.51 25.62 23.01
N GLU A 144 -43.53 25.64 22.16
CA GLU A 144 -44.39 26.80 22.04
C GLU A 144 -45.86 26.36 22.07
N MET A 145 -46.67 27.11 22.82
CA MET A 145 -48.09 26.81 22.93
C MET A 145 -48.85 27.50 21.79
N ARG A 146 -48.42 28.71 21.44
CA ARG A 146 -49.06 29.46 20.37
C ARG A 146 -48.47 29.08 19.01
N THR A 147 -49.22 28.34 18.20
CA THR A 147 -48.75 27.92 16.88
C THR A 147 -49.00 29.03 15.85
N ARG A 148 -48.02 29.25 14.97
CA ARG A 148 -48.14 30.28 13.94
C ARG A 148 -46.95 30.16 13.00
N PRO A 149 -47.19 29.69 11.77
CA PRO A 149 -46.21 29.47 10.70
C PRO A 149 -45.12 30.53 10.56
N PHE A 150 -43.87 30.10 10.67
CA PHE A 150 -42.69 30.94 10.53
C PHE A 150 -42.49 32.01 11.60
N LEU A 151 -43.43 32.12 12.53
CA LEU A 151 -43.33 33.11 13.61
C LEU A 151 -43.17 32.43 14.96
N ARG A 152 -44.01 31.45 15.24
CA ARG A 152 -43.92 30.73 16.50
C ARG A 152 -44.27 29.26 16.33
N THR A 153 -43.25 28.41 16.44
CA THR A 153 -43.43 26.97 16.32
C THR A 153 -42.40 26.32 17.23
N SER A 154 -42.76 25.16 17.79
CA SER A 154 -41.88 24.44 18.70
C SER A 154 -40.56 24.12 18.00
N GLU A 155 -40.67 23.69 16.74
CA GLU A 155 -39.46 23.39 15.98
C GLU A 155 -39.34 24.36 14.80
N PHE A 156 -38.11 24.78 14.54
CA PHE A 156 -37.85 25.68 13.43
C PHE A 156 -36.42 25.52 12.97
N LEU A 157 -36.15 26.02 11.76
CA LEU A 157 -34.80 25.95 11.23
C LEU A 157 -34.17 27.32 11.40
N TRP A 158 -32.86 27.35 11.54
CA TRP A 158 -32.16 28.59 11.67
C TRP A 158 -30.67 28.38 11.53
N GLN A 159 -29.94 29.42 11.87
CA GLN A 159 -28.52 29.39 11.80
C GLN A 159 -28.13 30.08 13.09
N GLU A 160 -27.20 29.49 13.83
CA GLU A 160 -26.72 30.13 15.04
C GLU A 160 -25.21 30.09 14.99
N GLY A 161 -24.59 31.26 15.16
CA GLY A 161 -23.15 31.37 15.13
C GLY A 161 -22.62 31.59 16.54
N HIS A 162 -21.37 31.21 16.76
CA HIS A 162 -20.73 31.36 18.05
C HIS A 162 -19.24 31.59 17.82
N THR A 163 -18.69 32.63 18.44
CA THR A 163 -17.28 32.92 18.26
C THR A 163 -16.62 33.17 19.61
N ALA A 164 -15.32 32.93 19.65
CA ALA A 164 -14.50 33.11 20.85
C ALA A 164 -13.28 33.92 20.44
N HIS A 165 -12.96 34.94 21.22
CA HIS A 165 -11.85 35.82 20.91
C HIS A 165 -10.88 36.07 22.06
N ALA A 166 -9.64 36.38 21.70
CA ALA A 166 -8.60 36.64 22.69
C ALA A 166 -8.85 37.95 23.41
N THR A 167 -9.48 38.89 22.73
CA THR A 167 -9.76 40.19 23.33
C THR A 167 -11.21 40.65 23.22
N ARG A 168 -11.55 41.58 24.08
CA ARG A 168 -12.88 42.16 24.11
C ARG A 168 -13.18 42.89 22.81
N GLU A 169 -12.23 43.73 22.38
CA GLU A 169 -12.39 44.51 21.16
C GLU A 169 -12.76 43.64 19.97
N GLU A 170 -11.97 42.59 19.74
CA GLU A 170 -12.20 41.73 18.61
C GLU A 170 -13.59 41.09 18.65
N ALA A 171 -14.09 40.80 19.86
CA ALA A 171 -15.40 40.19 20.02
C ALA A 171 -16.50 41.21 19.72
N GLU A 172 -16.36 42.42 20.24
CA GLU A 172 -17.38 43.43 20.00
C GLU A 172 -17.43 43.78 18.50
N GLU A 173 -16.30 43.67 17.83
CA GLU A 173 -16.26 43.96 16.40
C GLU A 173 -17.02 42.86 15.66
N GLU A 174 -16.88 41.63 16.13
CA GLU A 174 -17.56 40.50 15.51
C GLU A 174 -19.07 40.68 15.67
N VAL A 175 -19.49 41.09 16.87
CA VAL A 175 -20.91 41.30 17.13
C VAL A 175 -21.53 42.21 16.08
N ARG A 176 -20.90 43.37 15.87
CA ARG A 176 -21.39 44.33 14.89
C ARG A 176 -21.21 43.84 13.46
N ARG A 177 -20.16 43.06 13.23
CA ARG A 177 -19.92 42.54 11.90
C ARG A 177 -21.09 41.64 11.48
N MET A 178 -21.54 40.79 12.40
CA MET A 178 -22.63 39.86 12.11
C MET A 178 -23.98 40.58 12.04
N LEU A 179 -24.20 41.57 12.90
CA LEU A 179 -25.47 42.29 12.82
C LEU A 179 -25.56 42.99 11.45
N SER A 180 -24.45 43.56 10.99
CA SER A 180 -24.40 44.24 9.69
C SER A 180 -24.66 43.26 8.54
N ILE A 181 -24.27 42.00 8.74
CA ILE A 181 -24.50 40.99 7.72
C ILE A 181 -26.01 40.73 7.66
N TYR A 182 -26.68 40.66 8.81
CA TYR A 182 -28.11 40.45 8.83
C TYR A 182 -28.81 41.67 8.21
N ALA A 183 -28.34 42.86 8.56
CA ALA A 183 -28.92 44.10 8.04
C ALA A 183 -28.77 44.15 6.54
N ARG A 184 -27.64 43.66 6.06
CA ARG A 184 -27.43 43.66 4.63
C ARG A 184 -28.38 42.65 4.01
N LEU A 185 -28.53 41.50 4.67
CA LEU A 185 -29.43 40.48 4.15
C LEU A 185 -30.82 41.08 4.01
N ALA A 186 -31.25 41.78 5.06
CA ALA A 186 -32.56 42.42 5.07
C ALA A 186 -32.69 43.48 3.98
N ARG A 187 -31.77 44.44 3.97
CA ARG A 187 -31.82 45.52 3.00
C ARG A 187 -31.51 45.17 1.56
N GLU A 188 -30.28 44.76 1.30
CA GLU A 188 -29.86 44.43 -0.07
C GLU A 188 -30.50 43.20 -0.71
N TYR A 189 -30.91 42.21 0.11
CA TYR A 189 -31.51 41.02 -0.48
C TYR A 189 -33.01 40.85 -0.32
N ALA A 190 -33.58 41.29 0.80
CA ALA A 190 -35.01 41.16 1.02
C ALA A 190 -35.75 42.48 0.90
N ALA A 191 -35.00 43.54 0.65
CA ALA A 191 -35.58 44.87 0.52
C ALA A 191 -36.47 45.19 1.73
N ILE A 192 -36.02 44.76 2.91
CA ILE A 192 -36.77 45.03 4.13
C ILE A 192 -35.99 46.06 4.93
N PRO A 193 -36.59 47.24 5.17
CA PRO A 193 -35.88 48.27 5.95
C PRO A 193 -35.79 47.78 7.39
N VAL A 194 -34.70 48.12 8.07
CA VAL A 194 -34.53 47.72 9.46
C VAL A 194 -33.74 48.78 10.21
N ILE A 195 -33.85 48.74 11.53
CA ILE A 195 -33.13 49.65 12.40
C ILE A 195 -32.15 48.80 13.21
N GLU A 196 -30.88 49.22 13.23
CA GLU A 196 -29.86 48.51 13.99
C GLU A 196 -29.69 49.25 15.31
N GLY A 197 -29.65 48.51 16.41
CA GLY A 197 -29.48 49.15 17.70
C GLY A 197 -29.37 48.15 18.84
N LEU A 198 -29.34 48.67 20.05
CA LEU A 198 -29.23 47.85 21.25
C LEU A 198 -30.58 47.60 21.88
N LYS A 199 -30.74 46.41 22.45
CA LYS A 199 -31.97 46.08 23.16
C LYS A 199 -31.74 46.76 24.51
N THR A 200 -32.81 47.14 25.21
CA THR A 200 -32.65 47.75 26.51
C THR A 200 -32.27 46.64 27.49
N GLU A 201 -31.94 47.02 28.72
CA GLU A 201 -31.56 46.04 29.73
C GLU A 201 -32.70 45.02 29.93
N LYS A 202 -33.93 45.51 29.85
CA LYS A 202 -35.10 44.64 30.02
C LYS A 202 -35.31 43.68 28.87
N GLU A 203 -35.07 44.13 27.66
CA GLU A 203 -35.27 43.31 26.47
C GLU A 203 -34.09 42.46 25.99
N LYS A 204 -32.92 42.63 26.59
CA LYS A 204 -31.75 41.86 26.17
C LYS A 204 -31.75 40.44 26.71
N PHE A 205 -30.85 39.62 26.17
CA PHE A 205 -30.72 38.24 26.64
C PHE A 205 -30.08 38.34 28.02
N ALA A 206 -30.67 37.69 29.00
CA ALA A 206 -30.18 37.72 30.38
C ALA A 206 -28.69 37.41 30.53
N GLY A 207 -28.20 36.48 29.72
CA GLY A 207 -26.80 36.09 29.81
C GLY A 207 -25.78 36.93 29.06
N ALA A 208 -26.23 37.92 28.31
CA ALA A 208 -25.33 38.76 27.53
C ALA A 208 -25.04 40.09 28.17
N VAL A 209 -23.87 40.66 27.88
CA VAL A 209 -23.50 41.97 28.40
C VAL A 209 -24.47 42.93 27.70
N TYR A 210 -24.72 42.67 26.43
CA TYR A 210 -25.69 43.46 25.67
C TYR A 210 -26.14 42.67 24.45
N THR A 211 -27.29 43.08 23.90
CA THR A 211 -27.85 42.42 22.73
C THR A 211 -28.15 43.43 21.63
N THR A 212 -27.61 43.21 20.44
CA THR A 212 -27.88 44.10 19.30
C THR A 212 -28.94 43.43 18.43
N THR A 213 -29.71 44.24 17.72
CA THR A 213 -30.78 43.69 16.90
C THR A 213 -31.11 44.55 15.68
N ILE A 214 -31.84 43.98 14.73
CA ILE A 214 -32.32 44.71 13.56
C ILE A 214 -33.83 44.58 13.68
N GLU A 215 -34.51 45.72 13.74
CA GLU A 215 -35.95 45.74 13.88
C GLU A 215 -36.62 46.20 12.60
N ALA A 216 -37.62 45.43 12.17
CA ALA A 216 -38.38 45.75 10.96
C ALA A 216 -39.83 46.02 11.34
N LEU A 217 -40.53 46.74 10.46
CA LEU A 217 -41.94 47.07 10.68
C LEU A 217 -42.77 46.36 9.61
N MET A 218 -43.70 45.51 10.04
CA MET A 218 -44.55 44.76 9.12
C MET A 218 -45.66 45.65 8.60
N LYS A 219 -46.32 45.23 7.53
CA LYS A 219 -47.40 46.01 6.94
C LYS A 219 -48.59 46.23 7.87
N ASP A 220 -48.61 45.57 9.01
CA ASP A 220 -49.72 45.73 9.94
C ASP A 220 -49.34 46.70 11.06
N GLY A 221 -48.20 47.37 10.89
CA GLY A 221 -47.76 48.34 11.87
C GLY A 221 -47.07 47.77 13.10
N LYS A 222 -46.83 46.47 13.09
CA LYS A 222 -46.17 45.81 14.22
C LYS A 222 -44.69 45.57 13.92
N ALA A 223 -43.87 45.58 14.97
CA ALA A 223 -42.44 45.36 14.82
C ALA A 223 -42.10 43.87 14.89
N LEU A 224 -41.03 43.52 14.18
CA LEU A 224 -40.53 42.16 14.16
C LEU A 224 -39.00 42.17 14.21
N GLN A 225 -38.44 41.45 15.18
CA GLN A 225 -36.99 41.36 15.31
C GLN A 225 -36.50 40.39 14.23
N ALA A 226 -35.72 40.88 13.27
CA ALA A 226 -35.24 40.04 12.18
C ALA A 226 -33.88 39.35 12.37
N GLY A 227 -33.10 39.79 13.36
CA GLY A 227 -31.80 39.19 13.58
C GLY A 227 -31.22 39.66 14.90
N THR A 228 -30.35 38.85 15.50
CA THR A 228 -29.77 39.22 16.78
C THR A 228 -28.31 38.85 16.85
N SER A 229 -27.55 39.68 17.55
CA SER A 229 -26.14 39.44 17.73
C SER A 229 -25.85 39.89 19.16
N HIS A 230 -25.36 38.96 19.98
CA HIS A 230 -25.07 39.25 21.38
C HIS A 230 -23.57 39.32 21.68
N TYR A 231 -23.22 40.16 22.65
CA TYR A 231 -21.85 40.22 23.11
C TYR A 231 -21.99 39.58 24.49
N LEU A 232 -21.33 38.45 24.70
CA LEU A 232 -21.44 37.74 25.97
C LEU A 232 -20.32 38.05 26.96
N GLY A 233 -19.34 38.84 26.54
CA GLY A 233 -18.24 39.16 27.44
C GLY A 233 -17.54 37.87 27.83
N GLU A 234 -17.26 37.71 29.12
CA GLU A 234 -16.59 36.51 29.62
C GLU A 234 -17.61 35.62 30.33
N ASN A 235 -18.88 36.02 30.30
CA ASN A 235 -19.93 35.26 30.97
C ASN A 235 -19.96 33.79 30.57
N PHE A 236 -20.00 33.54 29.27
CA PHE A 236 -20.05 32.19 28.74
C PHE A 236 -18.74 31.45 29.03
N ALA A 237 -17.61 32.14 28.92
CA ALA A 237 -16.31 31.55 29.17
C ALA A 237 -16.16 31.10 30.63
N ARG A 238 -16.63 31.93 31.56
CA ARG A 238 -16.55 31.58 32.98
C ARG A 238 -17.44 30.38 33.29
N ALA A 239 -18.65 30.39 32.73
CA ALA A 239 -19.60 29.30 32.94
C ALA A 239 -19.10 27.94 32.48
N PHE A 240 -18.32 27.91 31.41
CA PHE A 240 -17.82 26.64 30.88
C PHE A 240 -16.33 26.50 30.98
N ASP A 241 -15.71 27.35 31.79
CA ASP A 241 -14.28 27.29 32.01
C ASP A 241 -13.51 27.27 30.70
N ILE A 242 -13.79 28.25 29.86
CA ILE A 242 -13.11 28.36 28.57
C ILE A 242 -12.01 29.40 28.71
N LYS A 243 -10.77 28.95 28.83
CA LYS A 243 -9.66 29.88 28.97
C LYS A 243 -8.47 29.50 28.11
N PHE A 244 -7.60 30.47 27.89
CA PHE A 244 -6.43 30.24 27.06
C PHE A 244 -5.21 30.90 27.65
N GLN A 245 -4.03 30.48 27.19
CA GLN A 245 -2.77 31.06 27.64
C GLN A 245 -2.40 32.11 26.62
N ASP A 246 -2.45 33.37 27.03
CA ASP A 246 -2.14 34.46 26.12
C ASP A 246 -0.65 34.50 25.79
N ARG A 247 -0.26 35.43 24.93
CA ARG A 247 1.14 35.56 24.52
C ARG A 247 2.03 35.97 25.70
N ASP A 248 1.43 36.66 26.67
CA ASP A 248 2.16 37.09 27.86
C ASP A 248 2.17 35.99 28.91
N LEU A 249 1.90 34.76 28.47
CA LEU A 249 1.89 33.59 29.33
C LEU A 249 0.80 33.60 30.41
N GLN A 250 0.03 34.69 30.47
CA GLN A 250 -1.05 34.78 31.44
C GLN A 250 -2.28 33.99 30.97
N VAL A 251 -2.97 33.34 31.89
CA VAL A 251 -4.17 32.58 31.56
C VAL A 251 -5.41 33.45 31.74
N LYS A 252 -6.15 33.64 30.65
CA LYS A 252 -7.35 34.47 30.67
C LYS A 252 -8.56 33.78 30.04
N TYR A 253 -9.76 34.30 30.34
CA TYR A 253 -10.98 33.73 29.75
C TYR A 253 -11.17 34.36 28.39
N VAL A 254 -11.84 33.65 27.49
CA VAL A 254 -12.08 34.19 26.16
C VAL A 254 -13.30 35.08 26.19
N HIS A 255 -13.45 35.88 25.13
CA HIS A 255 -14.58 36.77 24.97
C HIS A 255 -15.38 36.17 23.83
N THR A 256 -16.66 35.93 24.07
CA THR A 256 -17.47 35.31 23.05
C THR A 256 -18.66 36.12 22.55
N THR A 257 -19.18 35.70 21.40
CA THR A 257 -20.34 36.33 20.80
C THR A 257 -21.25 35.19 20.35
N SER A 258 -22.48 35.55 20.00
CA SER A 258 -23.47 34.61 19.55
C SER A 258 -24.43 35.39 18.66
N TRP A 259 -24.93 34.77 17.61
CA TRP A 259 -25.88 35.43 16.71
C TRP A 259 -26.70 34.41 15.95
N GLY A 260 -27.97 34.72 15.74
CA GLY A 260 -28.81 33.80 15.02
C GLY A 260 -29.90 34.47 14.22
N LEU A 261 -30.37 33.76 13.20
CA LEU A 261 -31.45 34.22 12.34
C LEU A 261 -32.19 32.96 11.90
N SER A 262 -33.51 32.96 12.10
CA SER A 262 -34.34 31.80 11.75
C SER A 262 -35.27 32.04 10.57
N TRP A 263 -36.05 31.02 10.23
CA TRP A 263 -36.98 31.15 9.12
C TRP A 263 -38.09 32.16 9.43
N ARG A 264 -37.98 32.80 10.59
CA ARG A 264 -38.95 33.83 10.93
C ARG A 264 -38.73 34.94 9.89
N PHE A 265 -37.54 34.96 9.31
CA PHE A 265 -37.20 35.94 8.30
C PHE A 265 -38.21 35.80 7.17
N ILE A 266 -38.57 34.55 6.86
CA ILE A 266 -39.55 34.29 5.80
C ILE A 266 -40.85 34.99 6.16
N GLY A 267 -41.21 34.96 7.43
CA GLY A 267 -42.42 35.64 7.86
C GLY A 267 -42.25 37.14 7.64
N ALA A 268 -41.06 37.65 7.95
CA ALA A 268 -40.79 39.07 7.78
C ALA A 268 -41.00 39.44 6.32
N ILE A 269 -40.55 38.59 5.40
CA ILE A 269 -40.72 38.84 3.98
C ILE A 269 -42.19 38.84 3.59
N ILE A 270 -42.93 37.88 4.12
CA ILE A 270 -44.35 37.79 3.83
C ILE A 270 -45.12 39.04 4.25
N MET A 271 -44.98 39.43 5.51
CA MET A 271 -45.68 40.58 6.05
C MET A 271 -45.16 41.96 5.65
N THR A 272 -44.01 41.99 5.00
CA THR A 272 -43.42 43.25 4.58
C THR A 272 -43.80 43.63 3.15
N HIS A 273 -43.75 42.65 2.24
CA HIS A 273 -44.06 42.91 0.85
C HIS A 273 -45.37 42.28 0.34
N GLY A 274 -45.92 41.35 1.12
CA GLY A 274 -47.15 40.71 0.70
C GLY A 274 -48.31 41.68 0.57
N ASP A 275 -49.20 41.39 -0.38
CA ASP A 275 -50.37 42.24 -0.60
C ASP A 275 -51.63 41.36 -0.67
N ASP A 276 -52.77 41.98 -0.98
CA ASP A 276 -54.06 41.27 -1.04
C ASP A 276 -54.15 40.22 -2.14
N ARG A 277 -53.19 40.21 -3.06
CA ARG A 277 -53.21 39.21 -4.12
C ARG A 277 -52.28 38.04 -3.78
N GLY A 278 -51.58 38.15 -2.65
CA GLY A 278 -50.68 37.08 -2.25
C GLY A 278 -49.28 37.56 -1.93
N LEU A 279 -48.30 36.69 -2.14
CA LEU A 279 -46.90 37.02 -1.88
C LEU A 279 -46.25 37.88 -2.95
N VAL A 280 -45.24 38.63 -2.53
CA VAL A 280 -44.44 39.46 -3.43
C VAL A 280 -43.03 39.24 -2.86
N LEU A 281 -42.23 38.44 -3.56
CA LEU A 281 -40.88 38.17 -3.07
C LEU A 281 -39.79 39.06 -3.65
N PRO A 282 -38.83 39.46 -2.81
CA PRO A 282 -37.74 40.31 -3.31
C PRO A 282 -36.92 39.50 -4.31
N PRO A 283 -36.64 40.09 -5.47
CA PRO A 283 -35.87 39.46 -6.56
C PRO A 283 -34.60 38.69 -6.18
N ARG A 284 -33.88 39.20 -5.19
CA ARG A 284 -32.63 38.57 -4.80
C ARG A 284 -32.71 37.35 -3.88
N LEU A 285 -33.92 36.99 -3.48
CA LEU A 285 -34.14 35.83 -2.63
C LEU A 285 -35.24 34.93 -3.22
N ALA A 286 -35.83 35.39 -4.31
CA ALA A 286 -36.91 34.64 -4.98
C ALA A 286 -36.40 33.37 -5.61
N PRO A 287 -36.98 32.22 -5.24
CA PRO A 287 -36.55 30.94 -5.82
C PRO A 287 -36.65 31.04 -7.34
N ILE A 288 -37.72 31.68 -7.81
CA ILE A 288 -37.97 31.88 -9.23
C ILE A 288 -38.10 33.38 -9.50
N GLN A 289 -37.14 33.96 -10.19
CA GLN A 289 -37.20 35.39 -10.49
C GLN A 289 -38.10 35.65 -11.69
N VAL A 290 -38.07 34.73 -12.65
CA VAL A 290 -38.86 34.86 -13.86
C VAL A 290 -39.49 33.53 -14.21
N VAL A 291 -40.81 33.53 -14.40
CA VAL A 291 -41.52 32.31 -14.78
C VAL A 291 -42.07 32.46 -16.19
N ILE A 292 -41.79 31.48 -17.03
CA ILE A 292 -42.27 31.49 -18.39
C ILE A 292 -43.45 30.54 -18.49
N VAL A 293 -44.58 31.06 -18.96
CA VAL A 293 -45.79 30.26 -19.11
C VAL A 293 -46.17 30.22 -20.58
N PRO A 294 -45.82 29.13 -21.27
CA PRO A 294 -46.13 29.01 -22.69
C PRO A 294 -47.62 28.77 -22.95
N ILE A 295 -48.15 29.45 -23.96
CA ILE A 295 -49.55 29.31 -24.33
C ILE A 295 -49.54 28.80 -25.77
N TYR A 296 -50.33 27.75 -26.05
CA TYR A 296 -50.34 27.19 -27.39
C TYR A 296 -51.45 26.17 -27.63
N LYS A 297 -51.47 25.63 -28.84
CA LYS A 297 -52.44 24.62 -29.25
C LYS A 297 -51.63 23.52 -29.93
N ASP A 298 -52.25 22.36 -30.17
CA ASP A 298 -51.55 21.25 -30.81
C ASP A 298 -50.69 21.72 -31.97
N GLU A 299 -51.24 22.59 -32.80
CA GLU A 299 -50.54 23.11 -33.97
C GLU A 299 -49.31 23.94 -33.63
N SER A 300 -49.44 24.84 -32.65
CA SER A 300 -48.34 25.70 -32.27
C SER A 300 -47.51 25.23 -31.08
N ARG A 301 -47.67 23.96 -30.68
CA ARG A 301 -46.90 23.42 -29.56
C ARG A 301 -45.40 23.52 -29.84
N GLU A 302 -44.96 22.88 -30.92
CA GLU A 302 -43.56 22.88 -31.35
C GLU A 302 -42.91 24.26 -31.30
N ARG A 303 -43.50 25.20 -32.04
CA ARG A 303 -42.96 26.56 -32.13
C ARG A 303 -42.90 27.28 -30.79
N VAL A 304 -43.98 27.20 -30.01
CA VAL A 304 -44.02 27.87 -28.72
C VAL A 304 -43.00 27.32 -27.73
N LEU A 305 -43.04 26.03 -27.48
CA LEU A 305 -42.11 25.43 -26.53
C LEU A 305 -40.67 25.64 -26.93
N GLU A 306 -40.39 25.60 -28.23
CA GLU A 306 -39.02 25.79 -28.71
C GLU A 306 -38.58 27.20 -28.32
N ALA A 307 -39.45 28.18 -28.55
CA ALA A 307 -39.15 29.57 -28.23
C ALA A 307 -39.08 29.76 -26.71
N ALA A 308 -39.90 29.01 -25.98
CA ALA A 308 -39.94 29.10 -24.54
C ALA A 308 -38.63 28.56 -23.95
N GLN A 309 -38.13 27.48 -24.54
CA GLN A 309 -36.87 26.88 -24.08
C GLN A 309 -35.69 27.77 -24.44
N GLY A 310 -35.72 28.35 -25.65
CA GLY A 310 -34.64 29.23 -26.05
C GLY A 310 -34.52 30.39 -25.09
N LEU A 311 -35.66 30.96 -24.72
CA LEU A 311 -35.69 32.07 -23.78
C LEU A 311 -35.21 31.60 -22.40
N ARG A 312 -35.52 30.35 -22.05
CA ARG A 312 -35.10 29.81 -20.76
C ARG A 312 -33.57 29.78 -20.70
N GLN A 313 -32.95 29.24 -21.74
CA GLN A 313 -31.50 29.17 -21.76
C GLN A 313 -30.89 30.57 -21.76
N ALA A 314 -31.45 31.44 -22.60
CA ALA A 314 -30.96 32.80 -22.71
C ALA A 314 -30.98 33.52 -21.36
N LEU A 315 -31.99 33.24 -20.55
CA LEU A 315 -32.06 33.87 -19.23
C LEU A 315 -31.10 33.22 -18.25
N LEU A 316 -30.98 31.90 -18.32
CA LEU A 316 -30.06 31.18 -17.43
C LEU A 316 -28.65 31.70 -17.69
N ALA A 317 -28.32 31.87 -18.96
CA ALA A 317 -27.00 32.37 -19.33
C ALA A 317 -26.76 33.72 -18.68
N GLN A 318 -27.83 34.44 -18.39
CA GLN A 318 -27.72 35.75 -17.74
C GLN A 318 -27.59 35.59 -16.23
N GLY A 319 -27.56 34.34 -15.77
CA GLY A 319 -27.44 34.09 -14.34
C GLY A 319 -28.73 34.31 -13.57
N LEU A 320 -29.84 34.40 -14.29
CA LEU A 320 -31.13 34.62 -13.65
C LEU A 320 -31.79 33.29 -13.28
N ARG A 321 -32.58 33.31 -12.21
CA ARG A 321 -33.28 32.09 -11.81
C ARG A 321 -34.63 32.08 -12.52
N VAL A 322 -34.67 31.41 -13.66
CA VAL A 322 -35.86 31.31 -14.48
C VAL A 322 -36.46 29.92 -14.46
N HIS A 323 -37.78 29.86 -14.49
CA HIS A 323 -38.49 28.58 -14.51
C HIS A 323 -39.51 28.51 -15.63
N LEU A 324 -39.45 27.43 -16.41
CA LEU A 324 -40.37 27.22 -17.51
C LEU A 324 -41.47 26.28 -17.06
N ASP A 325 -42.67 26.83 -16.83
CA ASP A 325 -43.80 26.02 -16.38
C ASP A 325 -44.56 25.43 -17.57
N ASP A 326 -43.99 24.38 -18.16
CA ASP A 326 -44.65 23.72 -19.27
C ASP A 326 -45.41 22.50 -18.79
N ARG A 327 -45.90 22.58 -17.55
CA ARG A 327 -46.66 21.48 -16.97
C ARG A 327 -47.92 21.20 -17.76
N ASP A 328 -48.20 19.92 -17.99
CA ASP A 328 -49.40 19.52 -18.70
C ASP A 328 -50.52 19.30 -17.69
N GLN A 329 -50.17 19.19 -16.41
CA GLN A 329 -51.18 18.96 -15.39
C GLN A 329 -51.97 20.21 -14.96
N HIS A 330 -51.73 21.35 -15.62
CA HIS A 330 -52.46 22.57 -15.29
C HIS A 330 -52.64 23.52 -16.47
N THR A 331 -53.70 24.32 -16.42
CA THR A 331 -54.02 25.30 -17.46
C THR A 331 -53.28 26.63 -17.22
N PRO A 332 -53.18 27.48 -18.26
CA PRO A 332 -52.50 28.77 -18.13
C PRO A 332 -53.13 29.66 -17.04
N GLY A 333 -54.45 29.67 -16.99
CA GLY A 333 -55.15 30.47 -16.00
C GLY A 333 -54.71 30.07 -14.62
N TYR A 334 -54.62 28.77 -14.39
CA TYR A 334 -54.20 28.22 -13.11
C TYR A 334 -52.77 28.69 -12.78
N LYS A 335 -51.87 28.50 -13.73
CA LYS A 335 -50.47 28.88 -13.56
C LYS A 335 -50.27 30.35 -13.21
N PHE A 336 -50.85 31.24 -14.01
CA PHE A 336 -50.71 32.67 -13.76
C PHE A 336 -51.18 33.01 -12.37
N HIS A 337 -52.32 32.47 -11.98
CA HIS A 337 -52.84 32.74 -10.65
C HIS A 337 -51.89 32.21 -9.58
N GLU A 338 -51.33 31.02 -9.81
CA GLU A 338 -50.41 30.41 -8.87
C GLU A 338 -49.13 31.24 -8.71
N TRP A 339 -48.52 31.59 -9.83
CA TRP A 339 -47.28 32.35 -9.78
C TRP A 339 -47.49 33.73 -9.21
N GLU A 340 -48.73 34.21 -9.25
CA GLU A 340 -49.04 35.53 -8.68
C GLU A 340 -49.06 35.34 -7.16
N LEU A 341 -49.78 34.31 -6.72
CA LEU A 341 -49.86 34.00 -5.29
C LEU A 341 -48.48 33.75 -4.70
N LYS A 342 -47.62 33.08 -5.46
CA LYS A 342 -46.28 32.75 -5.00
C LYS A 342 -45.29 33.91 -5.10
N GLY A 343 -45.76 35.05 -5.59
CA GLY A 343 -44.93 36.25 -5.68
C GLY A 343 -43.75 36.30 -6.64
N VAL A 344 -43.81 35.55 -7.74
CA VAL A 344 -42.72 35.59 -8.70
C VAL A 344 -42.63 37.02 -9.27
N PRO A 345 -41.45 37.66 -9.17
CA PRO A 345 -41.27 39.02 -9.69
C PRO A 345 -41.79 39.25 -11.10
N PHE A 346 -41.31 38.46 -12.05
CA PHE A 346 -41.76 38.62 -13.44
C PHE A 346 -42.32 37.37 -14.10
N ARG A 347 -43.37 37.56 -14.88
CA ARG A 347 -44.03 36.48 -15.61
C ARG A 347 -43.95 36.79 -17.09
N VAL A 348 -43.66 35.77 -17.89
CA VAL A 348 -43.58 35.93 -19.33
C VAL A 348 -44.65 35.07 -19.99
N GLU A 349 -45.60 35.72 -20.66
CA GLU A 349 -46.67 35.02 -21.36
C GLU A 349 -46.23 34.90 -22.82
N LEU A 350 -45.86 33.70 -23.23
CA LEU A 350 -45.39 33.49 -24.61
C LEU A 350 -46.42 32.71 -25.41
N GLY A 351 -47.21 33.44 -26.20
CA GLY A 351 -48.24 32.83 -27.02
C GLY A 351 -47.89 32.76 -28.49
N PRO A 352 -48.68 32.03 -29.28
CA PRO A 352 -48.48 31.87 -30.73
C PRO A 352 -48.48 33.18 -31.51
N LYS A 353 -49.47 34.02 -31.24
CA LYS A 353 -49.61 35.30 -31.92
C LYS A 353 -48.39 36.20 -31.75
N ASP A 354 -48.08 36.56 -30.51
CA ASP A 354 -46.93 37.40 -30.22
C ASP A 354 -45.66 36.78 -30.78
N LEU A 355 -45.55 35.46 -30.67
CA LEU A 355 -44.37 34.76 -31.16
C LEU A 355 -44.10 35.04 -32.65
N GLU A 356 -45.16 35.15 -33.45
CA GLU A 356 -44.98 35.43 -34.87
C GLU A 356 -44.25 36.74 -35.02
N GLY A 357 -44.59 37.69 -34.15
CA GLY A 357 -43.95 38.99 -34.18
C GLY A 357 -42.67 38.99 -33.37
N GLY A 358 -42.23 37.79 -32.98
CA GLY A 358 -41.02 37.65 -32.20
C GLY A 358 -41.09 38.35 -30.86
N GLN A 359 -42.29 38.42 -30.30
CA GLN A 359 -42.48 39.08 -29.02
C GLN A 359 -43.17 38.19 -28.00
N ALA A 360 -43.40 38.75 -26.82
CA ALA A 360 -44.06 38.04 -25.74
C ALA A 360 -44.48 39.09 -24.72
N VAL A 361 -45.36 38.70 -23.80
CA VAL A 361 -45.82 39.64 -22.78
C VAL A 361 -45.04 39.48 -21.47
N LEU A 362 -44.51 40.60 -20.97
CA LEU A 362 -43.76 40.59 -19.73
C LEU A 362 -44.59 41.27 -18.66
N ALA A 363 -45.06 40.48 -17.69
CA ALA A 363 -45.88 41.00 -16.61
C ALA A 363 -45.09 41.14 -15.31
N SER A 364 -45.38 42.21 -14.56
CA SER A 364 -44.73 42.45 -13.28
C SER A 364 -45.71 42.17 -12.15
N ARG A 365 -45.25 41.42 -11.17
CA ARG A 365 -46.08 41.07 -10.02
C ARG A 365 -46.53 42.33 -9.32
N LEU A 366 -45.75 43.40 -9.49
CA LEU A 366 -46.03 44.68 -8.86
C LEU A 366 -47.12 45.44 -9.63
N GLY A 367 -47.48 44.93 -10.80
CA GLY A 367 -48.51 45.57 -11.60
C GLY A 367 -47.99 46.07 -12.93
N GLY A 368 -48.77 45.84 -13.98
CA GLY A 368 -48.38 46.29 -15.31
C GLY A 368 -47.84 45.17 -16.16
N LYS A 369 -48.03 45.31 -17.47
CA LYS A 369 -47.55 44.33 -18.44
C LYS A 369 -47.01 45.12 -19.62
N GLU A 370 -46.44 44.41 -20.58
CA GLU A 370 -45.92 45.04 -21.77
C GLU A 370 -45.45 43.98 -22.74
N THR A 371 -45.58 44.27 -24.02
CA THR A 371 -45.16 43.34 -25.06
C THR A 371 -43.78 43.79 -25.48
N LEU A 372 -42.85 42.85 -25.56
CA LEU A 372 -41.49 43.18 -25.95
C LEU A 372 -40.90 42.06 -26.78
N PRO A 373 -39.82 42.35 -27.52
CA PRO A 373 -39.21 41.30 -28.33
C PRO A 373 -38.45 40.31 -27.45
N LEU A 374 -38.61 39.02 -27.75
CA LEU A 374 -37.95 37.97 -27.00
C LEU A 374 -36.44 38.19 -26.89
N ALA A 375 -35.84 38.65 -27.99
CA ALA A 375 -34.40 38.89 -28.03
C ALA A 375 -33.89 39.94 -27.06
N ALA A 376 -34.73 40.93 -26.75
CA ALA A 376 -34.34 42.01 -25.84
C ALA A 376 -34.55 41.64 -24.37
N LEU A 377 -35.31 40.58 -24.12
CA LEU A 377 -35.62 40.15 -22.77
C LEU A 377 -34.41 39.75 -21.91
N PRO A 378 -33.48 38.97 -22.45
CA PRO A 378 -32.32 38.56 -21.67
C PRO A 378 -31.49 39.73 -21.15
N GLU A 379 -31.32 40.75 -21.99
CA GLU A 379 -30.53 41.90 -21.62
C GLU A 379 -31.27 42.91 -20.75
N ALA A 380 -32.60 42.86 -20.77
CA ALA A 380 -33.38 43.80 -19.99
C ALA A 380 -33.79 43.29 -18.60
N LEU A 381 -34.13 42.02 -18.48
CA LEU A 381 -34.56 41.47 -17.21
C LEU A 381 -33.65 41.76 -16.00
N PRO A 382 -32.33 41.65 -16.18
CA PRO A 382 -31.47 41.93 -15.02
C PRO A 382 -31.72 43.33 -14.45
N GLY A 383 -31.71 44.34 -15.32
CA GLY A 383 -31.94 45.69 -14.85
C GLY A 383 -33.33 45.84 -14.26
N LYS A 384 -34.31 45.18 -14.86
CA LYS A 384 -35.68 45.27 -14.37
C LYS A 384 -35.80 44.64 -12.98
N LEU A 385 -35.11 43.54 -12.74
CA LEU A 385 -35.14 42.88 -11.43
C LEU A 385 -34.62 43.85 -10.36
N ASP A 386 -33.52 44.53 -10.67
CA ASP A 386 -32.93 45.50 -9.73
C ASP A 386 -33.96 46.60 -9.45
N ALA A 387 -34.58 47.08 -10.52
CA ALA A 387 -35.59 48.13 -10.41
C ALA A 387 -36.70 47.61 -9.50
N PHE A 388 -37.13 46.38 -9.76
CA PHE A 388 -38.17 45.75 -8.97
C PHE A 388 -37.74 45.76 -7.50
N HIS A 389 -36.50 45.37 -7.25
CA HIS A 389 -35.97 45.36 -5.89
C HIS A 389 -36.02 46.77 -5.31
N GLU A 390 -35.51 47.73 -6.09
CA GLU A 390 -35.47 49.12 -5.66
C GLU A 390 -36.85 49.64 -5.28
N GLU A 391 -37.84 49.30 -6.08
CA GLU A 391 -39.20 49.74 -5.82
C GLU A 391 -39.72 49.13 -4.51
N LEU A 392 -39.44 47.86 -4.27
CA LEU A 392 -39.91 47.22 -3.04
C LEU A 392 -39.35 47.92 -1.82
N TYR A 393 -38.09 48.31 -1.92
CA TYR A 393 -37.43 48.98 -0.81
C TYR A 393 -38.00 50.39 -0.61
N ARG A 394 -38.13 51.12 -1.71
CA ARG A 394 -38.68 52.46 -1.68
C ARG A 394 -40.06 52.43 -1.02
N ARG A 395 -40.93 51.54 -1.49
CA ARG A 395 -42.27 51.44 -0.92
C ARG A 395 -42.25 51.09 0.56
N ALA A 396 -41.33 50.21 0.95
CA ALA A 396 -41.25 49.78 2.34
C ALA A 396 -40.74 50.93 3.20
N LEU A 397 -39.82 51.72 2.64
CA LEU A 397 -39.28 52.86 3.37
C LEU A 397 -40.34 53.92 3.61
N ALA A 398 -41.17 54.15 2.60
CA ALA A 398 -42.23 55.14 2.69
C ALA A 398 -43.25 54.74 3.76
N PHE A 399 -43.63 53.46 3.72
CA PHE A 399 -44.59 52.93 4.68
C PHE A 399 -44.04 53.18 6.09
N ARG A 400 -42.77 52.84 6.30
CA ARG A 400 -42.15 53.04 7.60
C ARG A 400 -42.21 54.52 8.00
N GLU A 401 -41.81 55.39 7.08
CA GLU A 401 -41.83 56.84 7.33
C GLU A 401 -43.23 57.24 7.79
N ASP A 402 -44.24 56.87 7.00
CA ASP A 402 -45.62 57.21 7.31
C ASP A 402 -46.14 56.56 8.58
N HIS A 403 -45.42 55.55 9.07
CA HIS A 403 -45.84 54.84 10.26
C HIS A 403 -44.85 54.93 11.42
N THR A 404 -44.09 56.02 11.44
CA THR A 404 -43.12 56.28 12.49
C THR A 404 -43.46 57.68 12.99
N ARG A 405 -43.47 57.87 14.30
CA ARG A 405 -43.85 59.17 14.85
C ARG A 405 -43.18 59.55 16.15
N LYS A 406 -42.60 60.75 16.19
CA LYS A 406 -41.96 61.25 17.39
C LYS A 406 -43.08 61.64 18.34
N VAL A 407 -42.97 61.22 19.59
CA VAL A 407 -43.98 61.55 20.57
C VAL A 407 -43.37 62.11 21.85
N ASP A 408 -44.02 63.11 22.42
CA ASP A 408 -43.53 63.73 23.64
C ASP A 408 -44.51 63.55 24.80
N THR A 409 -45.70 63.05 24.49
CA THR A 409 -46.71 62.82 25.53
C THR A 409 -47.11 61.35 25.49
N TYR A 410 -47.56 60.83 26.63
CA TYR A 410 -47.98 59.44 26.70
C TYR A 410 -49.25 59.27 25.89
N GLU A 411 -49.97 60.37 25.66
CA GLU A 411 -51.20 60.34 24.89
C GLU A 411 -50.89 60.08 23.42
N ALA A 412 -49.95 60.86 22.88
CA ALA A 412 -49.54 60.72 21.49
C ALA A 412 -48.83 59.37 21.30
N PHE A 413 -48.18 58.90 22.35
CA PHE A 413 -47.47 57.63 22.33
C PHE A 413 -48.50 56.53 22.06
N LYS A 414 -49.57 56.52 22.86
CA LYS A 414 -50.62 55.53 22.72
C LYS A 414 -51.18 55.53 21.30
N GLU A 415 -51.24 56.70 20.69
CA GLU A 415 -51.76 56.80 19.33
C GLU A 415 -50.75 56.24 18.33
N ALA A 416 -49.49 56.58 18.56
CA ALA A 416 -48.40 56.15 17.70
C ALA A 416 -48.18 54.64 17.66
N VAL A 417 -48.13 54.00 18.83
CA VAL A 417 -47.91 52.55 18.88
C VAL A 417 -49.11 51.77 18.39
N GLN A 418 -50.10 52.50 17.88
CA GLN A 418 -51.32 51.90 17.37
C GLN A 418 -51.17 51.78 15.86
N GLU A 419 -50.29 52.60 15.31
CA GLU A 419 -50.09 52.66 13.87
C GLU A 419 -48.73 52.12 13.44
N GLY A 420 -47.76 52.21 14.33
CA GLY A 420 -46.43 51.72 14.00
C GLY A 420 -45.41 52.14 15.03
N PHE A 421 -44.26 52.61 14.55
CA PHE A 421 -43.18 53.04 15.43
C PHE A 421 -43.46 54.33 16.20
N ALA A 422 -43.03 54.35 17.46
CA ALA A 422 -43.17 55.51 18.31
C ALA A 422 -41.78 55.83 18.86
N LEU A 423 -41.24 56.98 18.47
CA LEU A 423 -39.93 57.42 18.93
C LEU A 423 -40.14 58.26 20.19
N ALA A 424 -39.83 57.68 21.34
CA ALA A 424 -40.05 58.41 22.58
C ALA A 424 -38.91 58.36 23.56
N PHE A 425 -38.84 59.39 24.41
CA PHE A 425 -37.80 59.46 25.44
C PHE A 425 -38.18 58.48 26.54
N HIS A 426 -37.18 57.87 27.15
CA HIS A 426 -37.44 56.96 28.24
C HIS A 426 -36.37 57.10 29.31
N CYS A 427 -36.79 56.99 30.56
CA CYS A 427 -35.90 57.14 31.72
C CYS A 427 -34.84 56.05 31.81
N GLY A 428 -35.11 54.88 31.25
CA GLY A 428 -34.14 53.80 31.31
C GLY A 428 -34.38 52.85 32.48
N ASP A 429 -35.53 52.99 33.12
CA ASP A 429 -35.89 52.14 34.25
C ASP A 429 -36.72 50.95 33.76
N LYS A 430 -36.30 49.74 34.13
CA LYS A 430 -37.02 48.53 33.73
C LYS A 430 -38.47 48.58 34.19
N ALA A 431 -38.69 48.99 35.43
CA ALA A 431 -40.03 49.06 35.99
C ALA A 431 -40.91 50.00 35.17
N CYS A 432 -40.39 51.17 34.85
CA CYS A 432 -41.18 52.11 34.06
C CYS A 432 -41.44 51.49 32.69
N GLU A 433 -40.44 50.82 32.15
CA GLU A 433 -40.56 50.19 30.84
C GLU A 433 -41.61 49.08 30.82
N ARG A 434 -41.64 48.24 31.84
CA ARG A 434 -42.62 47.16 31.87
C ARG A 434 -44.03 47.71 32.09
N LEU A 435 -44.11 48.83 32.79
CA LEU A 435 -45.39 49.48 33.04
C LEU A 435 -46.01 49.90 31.71
N ILE A 436 -45.18 50.48 30.83
CA ILE A 436 -45.66 50.91 29.52
C ILE A 436 -46.20 49.70 28.76
N GLN A 437 -45.50 48.58 28.88
CA GLN A 437 -45.92 47.36 28.21
C GLN A 437 -47.25 46.85 28.79
N GLU A 438 -47.39 46.96 30.10
CA GLU A 438 -48.60 46.50 30.77
C GLU A 438 -49.81 47.37 30.39
N GLU A 439 -49.57 48.65 30.14
CA GLU A 439 -50.64 49.57 29.79
C GLU A 439 -50.96 49.68 28.31
N THR A 440 -49.96 49.49 27.45
CA THR A 440 -50.16 49.63 26.01
C THR A 440 -49.81 48.38 25.19
N THR A 441 -49.11 47.44 25.82
CA THR A 441 -48.65 46.20 25.20
C THR A 441 -47.42 46.47 24.32
N ALA A 442 -47.08 47.75 24.16
CA ALA A 442 -45.92 48.13 23.36
C ALA A 442 -44.62 47.90 24.13
N THR A 443 -43.57 47.52 23.42
CA THR A 443 -42.27 47.26 24.03
C THR A 443 -41.17 48.08 23.37
N THR A 444 -40.04 48.23 24.05
CA THR A 444 -38.93 48.95 23.45
C THR A 444 -38.37 47.96 22.43
N ARG A 445 -38.20 48.40 21.19
CA ARG A 445 -37.66 47.53 20.17
C ARG A 445 -36.13 47.64 20.17
N CYS A 446 -35.62 48.86 20.25
CA CYS A 446 -34.17 49.07 20.29
C CYS A 446 -33.81 50.54 20.44
N VAL A 447 -32.62 50.77 20.97
CA VAL A 447 -32.08 52.11 21.12
C VAL A 447 -31.11 52.07 19.95
N PRO A 448 -31.46 52.76 18.84
CA PRO A 448 -30.61 52.79 17.64
C PRO A 448 -29.20 53.30 17.83
N PHE A 449 -28.25 52.68 17.14
CA PHE A 449 -26.86 53.09 17.20
C PHE A 449 -26.75 54.52 16.66
N GLU A 450 -27.39 54.76 15.52
CA GLU A 450 -27.34 56.08 14.90
C GLU A 450 -28.70 56.73 14.78
N ALA A 451 -28.82 57.90 15.38
CA ALA A 451 -30.05 58.68 15.37
C ALA A 451 -29.73 60.09 15.84
N GLU A 452 -30.69 61.00 15.67
CA GLU A 452 -30.50 62.37 16.10
C GLU A 452 -30.29 62.40 17.61
N PRO A 453 -29.20 63.03 18.07
CA PRO A 453 -28.97 63.08 19.50
C PRO A 453 -29.99 64.03 20.14
N GLU A 454 -30.71 63.53 21.13
CA GLU A 454 -31.74 64.31 21.82
C GLU A 454 -31.73 64.05 23.33
N GLU A 455 -32.25 65.01 24.07
CA GLU A 455 -32.35 64.93 25.52
C GLU A 455 -33.75 65.42 25.87
N GLY A 456 -34.44 64.72 26.77
CA GLY A 456 -35.77 65.14 27.15
C GLY A 456 -36.25 64.47 28.43
N PHE A 457 -37.53 64.13 28.48
CA PHE A 457 -38.08 63.48 29.67
C PHE A 457 -38.95 62.30 29.29
N CYS A 458 -38.79 61.21 30.04
CA CYS A 458 -39.54 59.97 29.81
C CYS A 458 -40.99 60.24 29.44
N VAL A 459 -41.41 59.65 28.34
CA VAL A 459 -42.77 59.81 27.85
C VAL A 459 -43.82 59.34 28.87
N ARG A 460 -43.42 58.47 29.80
CA ARG A 460 -44.35 57.94 30.78
C ARG A 460 -44.27 58.56 32.17
N CYS A 461 -43.11 58.47 32.80
CA CYS A 461 -42.92 58.97 34.15
C CYS A 461 -42.38 60.41 34.22
N GLY A 462 -41.96 60.95 33.09
CA GLY A 462 -41.45 62.31 33.08
C GLY A 462 -40.05 62.57 33.63
N ARG A 463 -39.35 61.53 34.08
CA ARG A 463 -38.01 61.71 34.60
C ARG A 463 -37.00 61.97 33.47
N PRO A 464 -35.79 62.44 33.81
CA PRO A 464 -34.77 62.71 32.79
C PRO A 464 -34.58 61.53 31.84
N SER A 465 -34.49 61.81 30.54
CA SER A 465 -34.33 60.77 29.53
C SER A 465 -32.91 60.18 29.51
N ALA A 466 -32.82 58.89 29.22
CA ALA A 466 -31.53 58.22 29.16
C ALA A 466 -31.16 57.94 27.70
N TYR A 467 -30.02 57.32 27.48
CA TYR A 467 -29.54 56.94 26.14
C TYR A 467 -29.09 58.08 25.24
N GLY A 468 -29.44 59.32 25.60
CA GLY A 468 -29.06 60.44 24.77
C GLY A 468 -29.81 60.51 23.45
N LYS A 469 -30.92 59.80 23.36
CA LYS A 469 -31.71 59.81 22.14
C LYS A 469 -33.06 59.14 22.39
N ARG A 470 -33.97 59.24 21.43
CA ARG A 470 -35.29 58.62 21.56
C ARG A 470 -35.17 57.13 21.34
N VAL A 471 -35.97 56.36 22.08
CA VAL A 471 -35.97 54.92 21.94
C VAL A 471 -37.10 54.53 21.01
N VAL A 472 -36.91 53.46 20.24
CA VAL A 472 -37.94 52.98 19.33
C VAL A 472 -38.90 52.05 20.09
N PHE A 473 -40.18 52.40 20.13
CA PHE A 473 -41.18 51.56 20.80
C PHE A 473 -42.15 51.10 19.72
N ALA A 474 -42.88 50.02 20.01
CA ALA A 474 -43.87 49.48 19.08
C ALA A 474 -44.49 48.20 19.63
N LYS A 475 -45.64 47.83 19.07
CA LYS A 475 -46.29 46.58 19.47
C LYS A 475 -45.53 45.60 18.60
N ALA A 476 -45.07 44.50 19.18
CA ALA A 476 -44.27 43.58 18.39
C ALA A 476 -44.73 42.14 18.33
N TYR A 477 -44.21 41.45 17.32
CA TYR A 477 -44.47 40.03 17.10
C TYR A 477 -43.57 39.27 18.05
N LYS B 5 3.81 9.24 18.07
CA LYS B 5 3.37 7.86 17.73
C LYS B 5 2.31 7.87 16.63
N GLY B 6 2.36 6.86 15.77
CA GLY B 6 1.40 6.77 14.68
C GLY B 6 0.03 6.20 15.02
N LEU B 7 -0.79 6.09 14.00
CA LEU B 7 -2.14 5.55 14.12
C LEU B 7 -2.00 4.03 14.24
N THR B 8 -2.92 3.41 14.97
CA THR B 8 -2.90 1.96 15.08
C THR B 8 -3.00 1.49 13.64
N PRO B 9 -2.08 0.60 13.20
CA PRO B 9 -2.16 0.15 11.81
C PRO B 9 -3.50 -0.51 11.48
N GLN B 10 -3.89 -0.42 10.22
CA GLN B 10 -5.15 -1.01 9.78
C GLN B 10 -5.16 -2.52 9.95
N SER B 11 -4.01 -3.16 9.68
CA SER B 11 -3.91 -4.61 9.81
C SER B 11 -3.77 -5.05 11.26
N GLN B 12 -3.53 -4.10 12.16
CA GLN B 12 -3.40 -4.43 13.58
C GLN B 12 -4.79 -4.46 14.20
N ASP B 13 -5.55 -3.39 13.98
CA ASP B 13 -6.91 -3.27 14.50
C ASP B 13 -7.66 -2.22 13.69
N PHE B 14 -8.29 -2.67 12.60
CA PHE B 14 -9.02 -1.77 11.71
C PHE B 14 -9.95 -0.83 12.46
N SER B 15 -10.76 -1.38 13.36
CA SER B 15 -11.69 -0.56 14.12
C SER B 15 -11.03 0.55 14.93
N GLU B 16 -9.90 0.24 15.57
CA GLU B 16 -9.23 1.26 16.36
C GLU B 16 -8.57 2.27 15.42
N TRP B 17 -8.08 1.80 14.28
CA TRP B 17 -7.47 2.68 13.30
C TRP B 17 -8.55 3.69 12.86
N TYR B 18 -9.74 3.16 12.61
CA TYR B 18 -10.88 3.96 12.17
C TYR B 18 -11.19 5.09 13.14
N LEU B 19 -11.38 4.75 14.40
CA LEU B 19 -11.69 5.76 15.41
C LEU B 19 -10.55 6.76 15.55
N GLU B 20 -9.32 6.29 15.47
CA GLU B 20 -8.18 7.18 15.62
C GLU B 20 -8.06 8.17 14.48
N VAL B 21 -8.23 7.70 13.24
CA VAL B 21 -8.09 8.60 12.11
C VAL B 21 -9.14 9.71 12.16
N ILE B 22 -10.37 9.34 12.53
CA ILE B 22 -11.44 10.33 12.61
C ILE B 22 -11.08 11.38 13.65
N GLN B 23 -10.48 10.93 14.75
CA GLN B 23 -10.07 11.82 15.83
C GLN B 23 -8.90 12.70 15.38
N LYS B 24 -7.82 12.06 14.93
CA LYS B 24 -6.61 12.77 14.51
C LYS B 24 -6.75 13.73 13.34
N ALA B 25 -7.56 13.36 12.36
CA ALA B 25 -7.75 14.22 11.20
C ALA B 25 -8.80 15.29 11.51
N GLU B 26 -9.31 15.29 12.73
CA GLU B 26 -10.30 16.27 13.18
C GLU B 26 -11.61 16.26 12.41
N LEU B 27 -12.07 15.06 12.07
CA LEU B 27 -13.32 14.89 11.36
C LEU B 27 -14.44 15.03 12.39
N ALA B 28 -14.20 14.50 13.60
CA ALA B 28 -15.20 14.55 14.65
C ALA B 28 -14.54 14.36 16.01
N ASP B 29 -15.27 14.72 17.06
CA ASP B 29 -14.79 14.58 18.43
C ASP B 29 -15.96 14.04 19.24
N TYR B 30 -15.75 13.81 20.54
CA TYR B 30 -16.84 13.23 21.34
C TYR B 30 -17.57 14.21 22.25
N GLY B 31 -18.90 14.22 22.08
CA GLY B 31 -19.77 15.08 22.86
C GLY B 31 -20.01 14.58 24.26
N PRO B 32 -20.54 15.43 25.16
CA PRO B 32 -20.81 15.06 26.55
C PRO B 32 -21.74 13.85 26.71
N VAL B 33 -22.64 13.66 25.76
CA VAL B 33 -23.56 12.53 25.80
C VAL B 33 -22.91 11.28 25.24
N ARG B 34 -22.82 10.23 26.06
CA ARG B 34 -22.23 8.98 25.62
C ARG B 34 -23.03 8.52 24.40
N GLY B 35 -22.43 8.59 23.22
CA GLY B 35 -23.15 8.18 22.03
C GLY B 35 -23.33 9.31 21.04
N THR B 36 -23.22 10.55 21.52
CA THR B 36 -23.35 11.70 20.64
C THR B 36 -21.96 12.22 20.31
N ILE B 37 -21.76 12.57 19.07
CA ILE B 37 -20.48 13.09 18.66
C ILE B 37 -20.63 14.52 18.13
N VAL B 38 -19.51 15.16 17.84
CA VAL B 38 -19.51 16.50 17.31
C VAL B 38 -18.75 16.45 16.00
N VAL B 39 -19.39 16.82 14.90
CA VAL B 39 -18.69 16.80 13.62
C VAL B 39 -17.97 18.12 13.42
N ARG B 40 -16.64 18.07 13.45
CA ARG B 40 -15.82 19.25 13.29
C ARG B 40 -15.93 19.83 11.88
N PRO B 41 -15.50 21.08 11.70
CA PRO B 41 -15.56 21.75 10.39
C PRO B 41 -14.99 20.93 9.21
N TYR B 42 -13.82 20.34 9.39
CA TYR B 42 -13.21 19.57 8.29
C TYR B 42 -14.06 18.36 7.93
N GLY B 43 -14.64 17.73 8.94
CA GLY B 43 -15.49 16.59 8.69
C GLY B 43 -16.79 17.05 8.04
N TYR B 44 -17.34 18.14 8.54
CA TYR B 44 -18.59 18.64 7.98
C TYR B 44 -18.45 19.09 6.52
N ALA B 45 -17.30 19.65 6.19
CA ALA B 45 -17.05 20.13 4.83
C ALA B 45 -17.15 18.98 3.81
N ILE B 46 -16.76 17.78 4.23
CA ILE B 46 -16.85 16.63 3.33
C ILE B 46 -18.34 16.37 3.06
N TRP B 47 -19.14 16.35 4.12
CA TRP B 47 -20.58 16.12 3.98
C TRP B 47 -21.21 17.20 3.10
N GLU B 48 -20.82 18.45 3.30
CA GLU B 48 -21.33 19.57 2.49
C GLU B 48 -21.06 19.30 1.03
N ASN B 49 -19.87 18.78 0.71
CA ASN B 49 -19.54 18.49 -0.69
C ASN B 49 -20.40 17.37 -1.24
N ILE B 50 -20.62 16.34 -0.43
CA ILE B 50 -21.47 15.23 -0.86
C ILE B 50 -22.89 15.77 -1.11
N GLN B 51 -23.36 16.62 -0.20
CA GLN B 51 -24.69 17.21 -0.32
C GLN B 51 -24.83 18.04 -1.60
N GLN B 52 -23.84 18.88 -1.91
CA GLN B 52 -23.91 19.70 -3.12
C GLN B 52 -24.02 18.84 -4.36
N VAL B 53 -23.14 17.86 -4.48
CA VAL B 53 -23.15 16.98 -5.64
C VAL B 53 -24.50 16.26 -5.79
N LEU B 54 -24.98 15.66 -4.70
CA LEU B 54 -26.25 14.95 -4.77
C LEU B 54 -27.39 15.92 -5.06
N ASP B 55 -27.35 17.09 -4.43
CA ASP B 55 -28.38 18.10 -4.63
C ASP B 55 -28.50 18.47 -6.09
N ARG B 56 -27.36 18.74 -6.73
CA ARG B 56 -27.36 19.08 -8.15
C ARG B 56 -28.03 17.96 -8.95
N MET B 57 -27.67 16.73 -8.64
CA MET B 57 -28.22 15.60 -9.37
C MET B 57 -29.72 15.39 -9.15
N PHE B 58 -30.21 15.70 -7.95
CA PHE B 58 -31.62 15.54 -7.66
C PHE B 58 -32.39 16.63 -8.39
N LYS B 59 -31.85 17.84 -8.32
CA LYS B 59 -32.46 18.99 -8.96
C LYS B 59 -32.60 18.81 -10.48
N GLU B 60 -31.53 18.35 -11.12
CA GLU B 60 -31.58 18.14 -12.56
C GLU B 60 -32.57 17.04 -12.93
N THR B 61 -33.01 16.25 -11.96
CA THR B 61 -33.94 15.19 -12.26
C THR B 61 -35.34 15.52 -11.75
N GLY B 62 -35.57 16.82 -11.54
CA GLY B 62 -36.87 17.30 -11.11
C GLY B 62 -37.27 17.24 -9.66
N HIS B 63 -36.38 16.79 -8.78
CA HIS B 63 -36.76 16.72 -7.36
C HIS B 63 -36.69 18.08 -6.67
N GLN B 64 -37.44 18.22 -5.58
CA GLN B 64 -37.44 19.46 -4.83
C GLN B 64 -37.32 19.20 -3.35
N ASN B 65 -36.58 20.04 -2.66
CA ASN B 65 -36.38 19.88 -1.23
C ASN B 65 -37.53 20.43 -0.40
N ALA B 66 -37.79 19.77 0.72
CA ALA B 66 -38.85 20.20 1.62
C ALA B 66 -38.41 19.92 3.06
N TYR B 67 -39.26 20.22 4.02
CA TYR B 67 -38.91 19.95 5.39
C TYR B 67 -40.08 19.49 6.24
N PHE B 68 -40.12 18.19 6.54
CA PHE B 68 -41.16 17.65 7.39
C PHE B 68 -40.66 17.71 8.84
N PRO B 69 -41.58 17.86 9.81
CA PRO B 69 -41.26 17.95 11.24
C PRO B 69 -40.41 16.85 11.85
N LEU B 70 -39.72 17.20 12.93
CA LEU B 70 -38.85 16.29 13.67
C LEU B 70 -39.67 15.24 14.42
N PHE B 71 -40.76 15.69 15.03
CA PHE B 71 -41.63 14.85 15.82
C PHE B 71 -42.77 14.20 15.02
N ILE B 72 -42.96 12.90 15.24
CA ILE B 72 -43.99 12.12 14.57
C ILE B 72 -44.93 11.51 15.63
N PRO B 73 -46.24 11.47 15.35
CA PRO B 73 -47.22 10.90 16.29
C PRO B 73 -46.90 9.43 16.50
N MET B 74 -46.84 8.99 17.75
CA MET B 74 -46.52 7.60 18.03
C MET B 74 -47.44 6.65 17.26
N SER B 75 -48.70 7.04 17.13
CA SER B 75 -49.69 6.24 16.42
C SER B 75 -49.30 5.90 14.98
N PHE B 76 -48.50 6.77 14.36
CA PHE B 76 -48.05 6.54 12.98
C PHE B 76 -47.04 5.41 12.88
N LEU B 77 -46.55 4.96 14.03
CA LEU B 77 -45.55 3.90 14.08
C LEU B 77 -46.03 2.74 14.96
N PHE B 87 -42.75 0.43 22.55
CA PHE B 87 -41.93 1.35 21.76
C PHE B 87 -40.77 0.62 21.09
N SER B 88 -40.76 0.61 19.75
CA SER B 88 -39.68 -0.04 19.00
C SER B 88 -38.35 0.51 19.54
N PRO B 89 -37.43 -0.38 19.94
CA PRO B 89 -36.13 0.04 20.48
C PRO B 89 -35.38 1.11 19.69
N GLU B 90 -35.57 1.14 18.38
CA GLU B 90 -34.89 2.12 17.54
C GLU B 90 -35.36 3.56 17.79
N LEU B 91 -36.58 3.71 18.29
CA LEU B 91 -37.14 5.04 18.51
C LEU B 91 -36.75 5.77 19.79
N ALA B 92 -36.58 7.09 19.65
CA ALA B 92 -36.27 7.94 20.78
C ALA B 92 -37.63 8.59 20.98
N VAL B 93 -38.20 8.44 22.17
CA VAL B 93 -39.52 8.98 22.42
C VAL B 93 -39.57 10.13 23.40
N VAL B 94 -40.31 11.17 23.03
CA VAL B 94 -40.49 12.34 23.87
C VAL B 94 -41.79 12.14 24.63
N THR B 95 -41.72 12.19 25.95
CA THR B 95 -42.91 12.00 26.78
C THR B 95 -43.17 13.25 27.62
N HIS B 96 -42.20 14.16 27.60
CA HIS B 96 -42.31 15.39 28.37
C HIS B 96 -41.93 16.59 27.51
N ALA B 97 -42.84 17.56 27.43
CA ALA B 97 -42.62 18.78 26.66
C ALA B 97 -43.38 19.94 27.28
N GLY B 98 -42.81 21.13 27.22
CA GLY B 98 -43.48 22.29 27.79
C GLY B 98 -43.70 22.19 29.28
N GLY B 99 -42.69 21.69 29.99
CA GLY B 99 -42.79 21.57 31.44
C GLY B 99 -43.83 20.58 31.95
N GLU B 100 -44.61 19.99 31.05
CA GLU B 100 -45.63 19.03 31.46
C GLU B 100 -45.49 17.69 30.73
N GLU B 101 -46.07 16.64 31.30
CA GLU B 101 -46.01 15.30 30.72
C GLU B 101 -47.08 15.19 29.63
N LEU B 102 -46.67 14.74 28.44
CA LEU B 102 -47.60 14.61 27.31
C LEU B 102 -48.55 13.43 27.41
N GLU B 103 -49.73 13.57 26.81
CA GLU B 103 -50.74 12.52 26.80
C GLU B 103 -50.44 11.64 25.60
N GLU B 104 -50.02 12.29 24.52
CA GLU B 104 -49.67 11.61 23.27
C GLU B 104 -48.15 11.63 23.08
N PRO B 105 -47.48 10.50 23.36
CA PRO B 105 -46.02 10.41 23.22
C PRO B 105 -45.58 10.61 21.77
N LEU B 106 -44.54 11.44 21.59
CA LEU B 106 -44.04 11.73 20.26
C LEU B 106 -42.72 11.02 19.96
N ALA B 107 -42.52 10.65 18.71
CA ALA B 107 -41.30 9.99 18.30
C ALA B 107 -40.42 10.96 17.52
N VAL B 108 -39.11 10.89 17.74
CA VAL B 108 -38.22 11.72 16.98
C VAL B 108 -38.13 10.91 15.69
N ARG B 109 -38.29 11.57 14.56
CA ARG B 109 -38.27 10.88 13.27
C ARG B 109 -37.09 9.98 12.94
N PRO B 110 -37.37 8.71 12.60
CA PRO B 110 -36.31 7.76 12.24
C PRO B 110 -36.32 7.89 10.72
N THR B 111 -37.34 8.57 10.23
CA THR B 111 -37.57 8.81 8.81
C THR B 111 -38.88 9.62 8.73
N SER B 112 -39.01 10.46 7.70
CA SER B 112 -40.23 11.26 7.53
C SER B 112 -41.30 10.54 6.71
N GLU B 113 -41.06 9.29 6.33
CA GLU B 113 -42.00 8.55 5.50
C GLU B 113 -43.46 8.55 5.96
N THR B 114 -43.70 8.36 7.26
CA THR B 114 -45.09 8.33 7.72
C THR B 114 -45.79 9.68 7.63
N VAL B 115 -45.09 10.76 7.95
CA VAL B 115 -45.72 12.08 7.88
C VAL B 115 -45.89 12.49 6.42
N ILE B 116 -44.98 12.03 5.57
CA ILE B 116 -45.08 12.35 4.15
C ILE B 116 -46.30 11.61 3.60
N GLY B 117 -46.49 10.37 4.04
CA GLY B 117 -47.62 9.60 3.57
C GLY B 117 -48.92 10.28 3.96
N TYR B 118 -48.96 10.81 5.17
CA TYR B 118 -50.13 11.50 5.69
C TYR B 118 -50.42 12.76 4.88
N MET B 119 -49.40 13.56 4.62
CA MET B 119 -49.58 14.80 3.87
C MET B 119 -49.97 14.53 2.43
N TRP B 120 -49.36 13.52 1.83
CA TRP B 120 -49.68 13.16 0.46
C TRP B 120 -51.14 12.74 0.34
N SER B 121 -51.65 12.11 1.39
CA SER B 121 -53.03 11.66 1.39
C SER B 121 -53.97 12.82 1.08
N LYS B 122 -53.66 13.99 1.62
CA LYS B 122 -54.48 15.16 1.37
C LYS B 122 -54.07 15.97 0.13
N TRP B 123 -52.76 16.13 -0.08
CA TRP B 123 -52.27 16.90 -1.23
C TRP B 123 -52.59 16.26 -2.57
N ILE B 124 -52.51 14.94 -2.62
CA ILE B 124 -52.79 14.22 -3.86
C ILE B 124 -54.28 13.93 -4.02
N ARG B 125 -54.85 14.44 -5.11
CA ARG B 125 -56.26 14.25 -5.40
C ARG B 125 -56.49 13.76 -6.83
N SER B 126 -55.66 14.21 -7.77
CA SER B 126 -55.80 13.78 -9.15
C SER B 126 -54.45 13.68 -9.84
N TRP B 127 -54.47 13.26 -11.11
CA TRP B 127 -53.26 13.11 -11.89
C TRP B 127 -52.51 14.42 -12.00
N ARG B 128 -53.20 15.52 -11.77
CA ARG B 128 -52.60 16.85 -11.86
C ARG B 128 -51.59 17.08 -10.73
N ASP B 129 -51.72 16.28 -9.67
CA ASP B 129 -50.84 16.41 -8.51
C ASP B 129 -49.64 15.47 -8.61
N LEU B 130 -49.54 14.76 -9.73
CA LEU B 130 -48.45 13.83 -9.93
C LEU B 130 -47.58 14.23 -11.12
N PRO B 131 -46.29 13.85 -11.08
CA PRO B 131 -45.71 13.10 -9.96
C PRO B 131 -45.27 13.99 -8.81
N GLN B 132 -44.99 13.38 -7.67
CA GLN B 132 -44.51 14.11 -6.51
C GLN B 132 -43.01 13.71 -6.42
N LEU B 133 -42.11 14.68 -6.46
CA LEU B 133 -40.67 14.38 -6.39
C LEU B 133 -40.02 15.15 -5.24
N LEU B 134 -40.03 14.55 -4.06
CA LEU B 134 -39.50 15.19 -2.87
C LEU B 134 -38.20 14.62 -2.31
N ASN B 135 -37.47 15.48 -1.62
CA ASN B 135 -36.23 15.11 -0.97
C ASN B 135 -36.11 15.95 0.27
N GLN B 136 -35.41 15.42 1.28
CA GLN B 136 -35.19 16.19 2.50
C GLN B 136 -33.82 15.90 3.06
N TRP B 137 -33.08 16.95 3.38
CA TRP B 137 -31.76 16.80 3.98
C TRP B 137 -31.96 17.08 5.45
N GLY B 138 -31.26 16.35 6.31
CA GLY B 138 -31.41 16.59 7.72
C GLY B 138 -31.06 15.42 8.61
N ASN B 139 -31.42 15.55 9.88
CA ASN B 139 -31.14 14.50 10.84
C ASN B 139 -32.35 13.61 11.11
N VAL B 140 -32.04 12.38 11.51
CA VAL B 140 -33.04 11.40 11.91
C VAL B 140 -32.40 10.63 13.05
N VAL B 141 -33.20 9.91 13.83
CA VAL B 141 -32.66 9.17 14.95
C VAL B 141 -33.13 7.72 14.97
N ARG B 142 -32.15 6.83 14.99
CA ARG B 142 -32.38 5.39 15.07
C ARG B 142 -31.39 4.94 16.12
N TRP B 143 -31.89 4.72 17.33
CA TRP B 143 -31.06 4.33 18.45
C TRP B 143 -29.98 3.30 18.16
N GLU B 144 -28.78 3.63 18.58
CA GLU B 144 -27.62 2.78 18.41
C GLU B 144 -26.82 2.78 19.72
N MET B 145 -26.53 1.59 20.25
CA MET B 145 -25.77 1.49 21.50
C MET B 145 -24.29 1.72 21.24
N ARG B 146 -23.82 1.25 20.09
CA ARG B 146 -22.43 1.44 19.73
C ARG B 146 -22.29 2.90 19.32
N THR B 147 -21.06 3.39 19.21
CA THR B 147 -20.87 4.78 18.83
C THR B 147 -19.65 4.94 17.93
N ARG B 148 -19.85 4.75 16.63
CA ARG B 148 -18.77 4.91 15.68
C ARG B 148 -19.10 6.05 14.74
N PRO B 149 -18.36 7.18 14.87
CA PRO B 149 -18.58 8.35 14.02
C PRO B 149 -18.65 7.98 12.55
N PHE B 150 -19.65 8.50 11.85
CA PHE B 150 -19.85 8.27 10.43
C PHE B 150 -20.09 6.82 10.04
N LEU B 151 -20.51 6.00 11.01
CA LEU B 151 -20.77 4.59 10.76
C LEU B 151 -21.97 4.10 11.55
N ARG B 152 -21.96 4.33 12.86
CA ARG B 152 -23.06 3.91 13.71
C ARG B 152 -23.30 4.87 14.86
N THR B 153 -24.33 5.71 14.72
CA THR B 153 -24.66 6.66 15.76
C THR B 153 -26.18 6.85 15.79
N SER B 154 -26.75 6.97 16.98
CA SER B 154 -28.19 7.15 17.12
C SER B 154 -28.69 8.26 16.21
N GLU B 155 -28.00 9.39 16.21
CA GLU B 155 -28.40 10.51 15.37
C GLU B 155 -27.40 10.67 14.24
N PHE B 156 -27.90 10.99 13.05
CA PHE B 156 -27.04 11.19 11.90
C PHE B 156 -27.72 12.04 10.87
N LEU B 157 -26.92 12.57 9.96
CA LEU B 157 -27.42 13.39 8.88
C LEU B 157 -27.52 12.55 7.64
N TRP B 158 -28.48 12.87 6.79
CA TRP B 158 -28.65 12.15 5.56
C TRP B 158 -29.63 12.87 4.67
N GLN B 159 -29.93 12.19 3.58
CA GLN B 159 -30.85 12.68 2.60
C GLN B 159 -31.82 11.53 2.38
N GLU B 160 -33.11 11.82 2.37
CA GLU B 160 -34.09 10.80 2.09
C GLU B 160 -35.06 11.34 1.04
N GLY B 161 -35.22 10.59 -0.04
CA GLY B 161 -36.11 11.00 -1.12
C GLY B 161 -37.39 10.20 -1.09
N HIS B 162 -38.48 10.80 -1.56
CA HIS B 162 -39.78 10.15 -1.58
C HIS B 162 -40.58 10.60 -2.80
N THR B 163 -41.02 9.65 -3.61
CA THR B 163 -41.80 10.01 -4.78
C THR B 163 -43.10 9.25 -4.93
N ALA B 164 -44.05 9.90 -5.59
CA ALA B 164 -45.37 9.34 -5.87
C ALA B 164 -45.60 9.45 -7.37
N HIS B 165 -46.02 8.35 -7.99
CA HIS B 165 -46.24 8.32 -9.42
C HIS B 165 -47.62 7.79 -9.79
N ALA B 166 -48.06 8.13 -11.00
CA ALA B 166 -49.34 7.70 -11.53
C ALA B 166 -49.29 6.28 -12.07
N THR B 167 -48.08 5.81 -12.36
CA THR B 167 -47.91 4.47 -12.89
C THR B 167 -46.75 3.72 -12.25
N ARG B 168 -46.82 2.39 -12.35
CA ARG B 168 -45.79 1.53 -11.82
C ARG B 168 -44.50 1.77 -12.61
N GLU B 169 -44.63 1.78 -13.93
CA GLU B 169 -43.48 1.99 -14.81
C GLU B 169 -42.67 3.23 -14.45
N GLU B 170 -43.36 4.34 -14.19
CA GLU B 170 -42.65 5.57 -13.86
C GLU B 170 -41.96 5.48 -12.51
N ALA B 171 -42.58 4.75 -11.58
CA ALA B 171 -42.01 4.60 -10.25
C ALA B 171 -40.74 3.74 -10.30
N GLU B 172 -40.84 2.59 -10.97
CA GLU B 172 -39.70 1.69 -11.08
C GLU B 172 -38.54 2.34 -11.80
N GLU B 173 -38.83 3.26 -12.70
CA GLU B 173 -37.78 3.96 -13.41
C GLU B 173 -37.08 4.94 -12.47
N GLU B 174 -37.87 5.55 -11.59
CA GLU B 174 -37.33 6.51 -10.64
C GLU B 174 -36.36 5.78 -9.71
N VAL B 175 -36.74 4.58 -9.28
CA VAL B 175 -35.93 3.77 -8.37
C VAL B 175 -34.52 3.57 -8.91
N ARG B 176 -34.42 3.12 -10.15
CA ARG B 176 -33.12 2.88 -10.78
C ARG B 176 -32.41 4.18 -11.14
N ARG B 177 -33.17 5.24 -11.39
CA ARG B 177 -32.56 6.51 -11.71
C ARG B 177 -31.79 7.03 -10.50
N MET B 178 -32.40 6.89 -9.33
CA MET B 178 -31.78 7.36 -8.11
C MET B 178 -30.65 6.44 -7.65
N LEU B 179 -30.73 5.15 -7.97
CA LEU B 179 -29.66 4.27 -7.58
C LEU B 179 -28.44 4.61 -8.43
N SER B 180 -28.66 4.85 -9.72
CA SER B 180 -27.57 5.21 -10.63
C SER B 180 -26.92 6.50 -10.20
N ILE B 181 -27.70 7.40 -9.62
CA ILE B 181 -27.17 8.66 -9.13
C ILE B 181 -26.23 8.35 -7.96
N TYR B 182 -26.70 7.49 -7.05
CA TYR B 182 -25.87 7.11 -5.92
C TYR B 182 -24.59 6.43 -6.43
N ALA B 183 -24.73 5.58 -7.44
CA ALA B 183 -23.59 4.88 -8.00
C ALA B 183 -22.62 5.84 -8.63
N ARG B 184 -23.14 6.90 -9.22
CA ARG B 184 -22.30 7.89 -9.86
C ARG B 184 -21.53 8.68 -8.82
N LEU B 185 -22.18 9.01 -7.71
CA LEU B 185 -21.50 9.74 -6.65
C LEU B 185 -20.33 8.86 -6.19
N ALA B 186 -20.64 7.58 -5.94
CA ALA B 186 -19.64 6.63 -5.47
C ALA B 186 -18.46 6.52 -6.44
N ARG B 187 -18.77 6.19 -7.69
CA ARG B 187 -17.74 6.02 -8.69
C ARG B 187 -17.03 7.28 -9.15
N GLU B 188 -17.77 8.19 -9.76
CA GLU B 188 -17.20 9.42 -10.29
C GLU B 188 -16.73 10.47 -9.30
N TYR B 189 -17.25 10.44 -8.07
CA TYR B 189 -16.85 11.45 -7.09
C TYR B 189 -16.05 10.95 -5.90
N ALA B 190 -16.35 9.74 -5.44
CA ALA B 190 -15.64 9.19 -4.30
C ALA B 190 -14.61 8.15 -4.71
N ALA B 191 -14.60 7.78 -5.99
CA ALA B 191 -13.65 6.78 -6.46
C ALA B 191 -13.84 5.49 -5.67
N ILE B 192 -15.08 5.21 -5.30
CA ILE B 192 -15.43 4.01 -4.54
C ILE B 192 -16.20 3.05 -5.44
N PRO B 193 -15.58 1.91 -5.81
CA PRO B 193 -16.27 0.94 -6.68
C PRO B 193 -17.49 0.37 -5.95
N VAL B 194 -18.57 0.11 -6.68
CA VAL B 194 -19.76 -0.47 -6.06
C VAL B 194 -20.43 -1.44 -7.00
N ILE B 195 -21.25 -2.32 -6.43
CA ILE B 195 -21.99 -3.28 -7.22
C ILE B 195 -23.46 -2.93 -7.05
N GLU B 196 -24.15 -2.70 -8.16
CA GLU B 196 -25.58 -2.36 -8.11
C GLU B 196 -26.38 -3.66 -8.22
N GLY B 197 -27.43 -3.79 -7.41
CA GLY B 197 -28.25 -4.98 -7.46
C GLY B 197 -29.45 -4.94 -6.54
N LEU B 198 -30.18 -6.05 -6.49
CA LEU B 198 -31.36 -6.18 -5.63
C LEU B 198 -31.00 -6.88 -4.35
N LYS B 199 -31.69 -6.54 -3.28
CA LYS B 199 -31.48 -7.21 -2.01
C LYS B 199 -32.31 -8.48 -2.17
N THR B 200 -32.06 -9.47 -1.33
CA THR B 200 -32.84 -10.69 -1.38
C THR B 200 -34.10 -10.37 -0.59
N GLU B 201 -35.05 -11.30 -0.57
CA GLU B 201 -36.30 -11.08 0.15
C GLU B 201 -36.02 -10.85 1.62
N LYS B 202 -35.06 -11.58 2.15
CA LYS B 202 -34.69 -11.47 3.56
C LYS B 202 -34.02 -10.13 3.88
N GLU B 203 -33.23 -9.63 2.94
CA GLU B 203 -32.51 -8.38 3.14
C GLU B 203 -33.20 -7.10 2.68
N LYS B 204 -34.28 -7.22 1.93
CA LYS B 204 -34.98 -6.02 1.45
C LYS B 204 -35.67 -5.28 2.58
N PHE B 205 -36.20 -4.11 2.29
CA PHE B 205 -36.93 -3.36 3.30
C PHE B 205 -38.28 -4.05 3.41
N ALA B 206 -38.73 -4.28 4.64
CA ALA B 206 -39.99 -4.96 4.89
C ALA B 206 -41.16 -4.41 4.06
N GLY B 207 -41.44 -3.13 4.21
CA GLY B 207 -42.55 -2.52 3.49
C GLY B 207 -42.36 -2.26 2.01
N ALA B 208 -41.34 -2.86 1.40
CA ALA B 208 -41.08 -2.63 -0.02
C ALA B 208 -41.29 -3.85 -0.90
N VAL B 209 -41.67 -3.62 -2.16
CA VAL B 209 -41.86 -4.73 -3.09
C VAL B 209 -40.47 -5.29 -3.34
N TYR B 210 -39.49 -4.40 -3.43
CA TYR B 210 -38.10 -4.77 -3.62
C TYR B 210 -37.18 -3.61 -3.29
N THR B 211 -35.94 -3.92 -2.95
CA THR B 211 -34.94 -2.92 -2.58
C THR B 211 -33.68 -3.03 -3.41
N THR B 212 -33.26 -1.94 -4.04
CA THR B 212 -32.03 -1.95 -4.83
C THR B 212 -30.95 -1.33 -3.96
N THR B 213 -29.68 -1.55 -4.31
CA THR B 213 -28.59 -1.04 -3.50
C THR B 213 -27.25 -1.03 -4.21
N ILE B 214 -26.32 -0.27 -3.67
CA ILE B 214 -24.95 -0.21 -4.18
C ILE B 214 -24.09 -0.68 -3.01
N GLU B 215 -23.36 -1.76 -3.23
CA GLU B 215 -22.52 -2.35 -2.19
C GLU B 215 -21.05 -2.13 -2.47
N ALA B 216 -20.34 -1.61 -1.48
CA ALA B 216 -18.91 -1.35 -1.62
C ALA B 216 -18.14 -2.26 -0.67
N LEU B 217 -16.86 -2.46 -0.96
CA LEU B 217 -16.01 -3.30 -0.12
C LEU B 217 -14.97 -2.41 0.56
N MET B 218 -14.90 -2.48 1.89
CA MET B 218 -13.96 -1.67 2.64
C MET B 218 -12.58 -2.35 2.64
N LYS B 219 -11.54 -1.62 3.05
CA LYS B 219 -10.20 -2.17 3.07
C LYS B 219 -10.02 -3.32 4.04
N ASP B 220 -11.01 -3.55 4.89
CA ASP B 220 -10.92 -4.65 5.84
C ASP B 220 -11.63 -5.88 5.29
N GLY B 221 -12.05 -5.83 4.03
CA GLY B 221 -12.73 -6.97 3.43
C GLY B 221 -14.20 -7.13 3.76
N LYS B 222 -14.76 -6.19 4.51
CA LYS B 222 -16.18 -6.25 4.84
C LYS B 222 -16.98 -5.36 3.89
N ALA B 223 -18.20 -5.78 3.58
CA ALA B 223 -19.05 -5.03 2.68
C ALA B 223 -19.81 -3.92 3.39
N LEU B 224 -20.16 -2.88 2.63
CA LEU B 224 -20.91 -1.76 3.17
C LEU B 224 -21.92 -1.26 2.14
N GLN B 225 -23.18 -1.21 2.57
CA GLN B 225 -24.27 -0.73 1.75
C GLN B 225 -24.12 0.81 1.68
N ALA B 226 -23.74 1.32 0.53
CA ALA B 226 -23.52 2.76 0.38
C ALA B 226 -24.79 3.58 0.13
N GLY B 227 -25.83 2.93 -0.38
CA GLY B 227 -27.08 3.61 -0.66
C GLY B 227 -28.17 2.65 -1.13
N THR B 228 -29.42 3.05 -0.97
CA THR B 228 -30.53 2.20 -1.37
C THR B 228 -31.69 2.97 -1.99
N SER B 229 -32.42 2.30 -2.86
CA SER B 229 -33.59 2.87 -3.53
C SER B 229 -34.66 1.78 -3.58
N HIS B 230 -35.81 2.05 -2.95
CA HIS B 230 -36.90 1.07 -2.89
C HIS B 230 -38.12 1.34 -3.76
N TYR B 231 -38.72 0.27 -4.26
CA TYR B 231 -39.96 0.38 -5.03
C TYR B 231 -40.98 -0.12 -4.03
N LEU B 232 -41.81 0.78 -3.52
CA LEU B 232 -42.80 0.40 -2.53
C LEU B 232 -44.15 0.01 -3.14
N GLY B 233 -44.23 0.04 -4.47
CA GLY B 233 -45.47 -0.31 -5.14
C GLY B 233 -46.63 0.50 -4.56
N GLU B 234 -47.73 -0.17 -4.24
CA GLU B 234 -48.88 0.53 -3.69
C GLU B 234 -49.00 0.28 -2.21
N ASN B 235 -48.01 -0.40 -1.65
CA ASN B 235 -48.02 -0.72 -0.22
C ASN B 235 -48.16 0.53 0.63
N PHE B 236 -47.33 1.51 0.35
CA PHE B 236 -47.35 2.77 1.07
C PHE B 236 -48.65 3.53 0.85
N ALA B 237 -49.07 3.60 -0.41
CA ALA B 237 -50.31 4.29 -0.76
C ALA B 237 -51.51 3.69 -0.03
N ARG B 238 -51.61 2.36 -0.04
CA ARG B 238 -52.73 1.70 0.62
C ARG B 238 -52.71 1.92 2.12
N ALA B 239 -51.53 1.86 2.71
CA ALA B 239 -51.40 2.05 4.14
C ALA B 239 -51.85 3.44 4.59
N PHE B 240 -51.53 4.46 3.81
CA PHE B 240 -51.90 5.83 4.18
C PHE B 240 -53.04 6.43 3.37
N ASP B 241 -53.72 5.58 2.60
CA ASP B 241 -54.86 6.00 1.78
C ASP B 241 -54.50 7.15 0.84
N ILE B 242 -53.48 6.91 0.02
CA ILE B 242 -53.03 7.91 -0.92
C ILE B 242 -53.51 7.50 -2.31
N LYS B 243 -54.57 8.14 -2.77
CA LYS B 243 -55.09 7.81 -4.09
C LYS B 243 -55.41 9.05 -4.90
N PHE B 244 -55.68 8.86 -6.19
CA PHE B 244 -55.96 9.97 -7.06
C PHE B 244 -56.94 9.63 -8.16
N GLN B 245 -57.58 10.66 -8.71
CA GLN B 245 -58.52 10.47 -9.80
C GLN B 245 -57.71 10.61 -11.07
N ASP B 246 -57.64 9.53 -11.83
CA ASP B 246 -56.88 9.52 -13.07
C ASP B 246 -57.67 10.20 -14.19
N ARG B 247 -57.03 10.42 -15.32
CA ARG B 247 -57.69 11.05 -16.47
C ARG B 247 -58.98 10.33 -16.85
N ASP B 248 -59.02 9.01 -16.64
CA ASP B 248 -60.21 8.22 -16.98
C ASP B 248 -61.26 8.28 -15.87
N LEU B 249 -61.11 9.25 -14.97
CA LEU B 249 -62.03 9.44 -13.87
C LEU B 249 -62.03 8.33 -12.83
N GLN B 250 -61.17 7.32 -13.02
CA GLN B 250 -61.09 6.22 -12.06
C GLN B 250 -60.13 6.59 -10.93
N VAL B 251 -60.48 6.25 -9.70
CA VAL B 251 -59.62 6.54 -8.55
C VAL B 251 -58.64 5.39 -8.37
N LYS B 252 -57.36 5.73 -8.29
CA LYS B 252 -56.32 4.71 -8.15
C LYS B 252 -55.30 5.06 -7.10
N TYR B 253 -54.59 4.05 -6.62
CA TYR B 253 -53.54 4.26 -5.64
C TYR B 253 -52.28 4.65 -6.39
N VAL B 254 -51.49 5.54 -5.79
CA VAL B 254 -50.23 5.94 -6.41
C VAL B 254 -49.18 4.87 -6.14
N HIS B 255 -48.10 4.90 -6.92
CA HIS B 255 -46.99 3.98 -6.73
C HIS B 255 -45.89 4.90 -6.23
N THR B 256 -45.26 4.53 -5.11
CA THR B 256 -44.22 5.38 -4.55
C THR B 256 -42.85 4.73 -4.49
N THR B 257 -41.82 5.56 -4.36
CA THR B 257 -40.46 5.07 -4.23
C THR B 257 -39.85 5.78 -3.03
N SER B 258 -38.72 5.26 -2.56
CA SER B 258 -38.01 5.82 -1.42
C SER B 258 -36.52 5.57 -1.68
N TRP B 259 -35.67 6.49 -1.25
CA TRP B 259 -34.23 6.34 -1.42
C TRP B 259 -33.45 7.23 -0.46
N GLY B 260 -32.40 6.66 0.14
CA GLY B 260 -31.59 7.42 1.06
C GLY B 260 -30.11 7.13 1.02
N LEU B 261 -29.32 8.10 1.51
CA LEU B 261 -27.86 8.03 1.60
C LEU B 261 -27.48 8.95 2.76
N SER B 262 -26.75 8.41 3.73
CA SER B 262 -26.35 9.18 4.90
C SER B 262 -24.85 9.46 4.94
N TRP B 263 -24.40 10.19 5.97
CA TRP B 263 -22.98 10.48 6.04
C TRP B 263 -22.18 9.23 6.38
N ARG B 264 -22.86 8.11 6.34
CA ARG B 264 -22.22 6.83 6.57
C ARG B 264 -21.30 6.75 5.35
N PHE B 265 -21.71 7.44 4.30
CA PHE B 265 -20.95 7.48 3.05
C PHE B 265 -19.54 8.02 3.33
N ILE B 266 -19.42 8.83 4.38
CA ILE B 266 -18.14 9.39 4.76
C ILE B 266 -17.27 8.27 5.33
N GLY B 267 -17.87 7.38 6.11
CA GLY B 267 -17.13 6.25 6.64
C GLY B 267 -16.63 5.39 5.49
N ALA B 268 -17.47 5.24 4.47
CA ALA B 268 -17.10 4.44 3.32
C ALA B 268 -15.84 5.02 2.67
N ILE B 269 -15.76 6.34 2.63
CA ILE B 269 -14.61 7.02 2.05
C ILE B 269 -13.36 6.75 2.91
N ILE B 270 -13.52 6.87 4.21
CA ILE B 270 -12.41 6.63 5.13
C ILE B 270 -11.89 5.20 5.02
N MET B 271 -12.80 4.22 5.08
CA MET B 271 -12.42 2.81 5.02
C MET B 271 -12.09 2.28 3.63
N THR B 272 -12.35 3.05 2.60
CA THR B 272 -12.05 2.60 1.26
C THR B 272 -10.69 3.08 0.78
N HIS B 273 -10.36 4.32 1.13
CA HIS B 273 -9.10 4.91 0.67
C HIS B 273 -8.07 5.19 1.75
N GLY B 274 -8.50 5.25 3.02
CA GLY B 274 -7.56 5.51 4.08
C GLY B 274 -6.40 4.52 4.19
N ASP B 275 -5.31 4.96 4.82
CA ASP B 275 -4.14 4.11 4.99
C ASP B 275 -3.52 4.36 6.38
N ASP B 276 -2.39 3.71 6.66
CA ASP B 276 -1.72 3.85 7.96
C ASP B 276 -1.32 5.29 8.27
N ARG B 277 -1.21 6.12 7.24
CA ARG B 277 -0.85 7.52 7.40
C ARG B 277 -2.08 8.37 7.69
N GLY B 278 -3.25 7.77 7.52
CA GLY B 278 -4.49 8.49 7.76
C GLY B 278 -5.44 8.53 6.58
N LEU B 279 -6.12 9.66 6.42
CA LEU B 279 -7.08 9.82 5.33
C LEU B 279 -6.43 10.04 3.97
N VAL B 280 -7.21 9.76 2.95
CA VAL B 280 -6.84 9.97 1.55
C VAL B 280 -8.19 10.33 0.95
N LEU B 281 -8.43 11.62 0.78
CA LEU B 281 -9.71 12.10 0.26
C LEU B 281 -9.81 12.16 -1.25
N PRO B 282 -10.96 11.72 -1.79
CA PRO B 282 -11.11 11.76 -3.25
C PRO B 282 -11.07 13.24 -3.64
N PRO B 283 -10.33 13.58 -4.71
CA PRO B 283 -10.16 14.95 -5.22
C PRO B 283 -11.45 15.73 -5.43
N ARG B 284 -12.47 15.06 -5.97
CA ARG B 284 -13.74 15.70 -6.27
C ARG B 284 -14.68 15.92 -5.07
N LEU B 285 -14.27 15.47 -3.88
CA LEU B 285 -15.07 15.67 -2.68
C LEU B 285 -14.23 16.23 -1.57
N ALA B 286 -12.92 16.31 -1.80
CA ALA B 286 -12.01 16.82 -0.80
C ALA B 286 -12.20 18.32 -0.59
N PRO B 287 -12.37 18.74 0.68
CA PRO B 287 -12.55 20.17 0.98
C PRO B 287 -11.37 20.96 0.45
N ILE B 288 -10.17 20.39 0.56
CA ILE B 288 -8.94 21.01 0.09
C ILE B 288 -8.24 20.08 -0.90
N GLN B 289 -8.25 20.44 -2.18
CA GLN B 289 -7.61 19.61 -3.20
C GLN B 289 -6.10 19.82 -3.24
N VAL B 290 -5.67 21.04 -2.95
CA VAL B 290 -4.26 21.42 -2.97
C VAL B 290 -3.92 22.33 -1.80
N VAL B 291 -2.85 22.03 -1.10
CA VAL B 291 -2.43 22.86 0.02
C VAL B 291 -1.04 23.39 -0.28
N ILE B 292 -0.87 24.70 -0.13
CA ILE B 292 0.42 25.33 -0.39
C ILE B 292 1.13 25.61 0.91
N VAL B 293 2.32 25.02 1.08
CA VAL B 293 3.11 25.23 2.27
C VAL B 293 4.36 26.04 1.94
N PRO B 294 4.39 27.31 2.34
CA PRO B 294 5.57 28.12 2.03
C PRO B 294 6.69 27.89 3.04
N ILE B 295 7.88 27.56 2.54
CA ILE B 295 9.05 27.37 3.38
C ILE B 295 9.96 28.57 3.12
N TYR B 296 10.46 29.18 4.19
CA TYR B 296 11.31 30.35 4.01
C TYR B 296 12.04 30.77 5.28
N LYS B 297 12.78 31.87 5.16
CA LYS B 297 13.51 32.49 6.25
C LYS B 297 13.15 33.97 6.21
N ASP B 298 13.73 34.75 7.13
CA ASP B 298 13.44 36.16 7.20
C ASP B 298 13.83 36.90 5.92
N GLU B 299 15.02 36.62 5.40
CA GLU B 299 15.52 37.28 4.19
C GLU B 299 14.82 36.86 2.90
N SER B 300 14.00 35.82 2.97
CA SER B 300 13.30 35.33 1.78
C SER B 300 11.79 35.21 2.01
N ARG B 301 11.33 35.61 3.18
CA ARG B 301 9.92 35.55 3.54
C ARG B 301 9.02 36.30 2.55
N GLU B 302 9.40 37.53 2.22
CA GLU B 302 8.60 38.33 1.29
C GLU B 302 8.46 37.67 -0.07
N ARG B 303 9.59 37.26 -0.65
CA ARG B 303 9.58 36.62 -1.96
C ARG B 303 8.69 35.38 -2.02
N VAL B 304 8.88 34.49 -1.06
CA VAL B 304 8.12 33.25 -0.97
C VAL B 304 6.61 33.46 -0.84
N LEU B 305 6.19 34.16 0.22
CA LEU B 305 4.78 34.42 0.44
C LEU B 305 4.13 35.07 -0.77
N GLU B 306 4.85 35.97 -1.42
CA GLU B 306 4.34 36.63 -2.60
C GLU B 306 4.13 35.58 -3.69
N ALA B 307 5.09 34.65 -3.79
CA ALA B 307 5.01 33.59 -4.78
C ALA B 307 3.86 32.63 -4.42
N ALA B 308 3.69 32.38 -3.12
CA ALA B 308 2.63 31.49 -2.63
C ALA B 308 1.24 32.05 -2.96
N GLN B 309 1.03 33.31 -2.61
CA GLN B 309 -0.24 33.99 -2.86
C GLN B 309 -0.50 34.01 -4.36
N GLY B 310 0.56 34.19 -5.15
CA GLY B 310 0.40 34.20 -6.58
C GLY B 310 -0.12 32.85 -7.05
N LEU B 311 0.45 31.78 -6.51
CA LEU B 311 0.02 30.43 -6.89
C LEU B 311 -1.40 30.18 -6.36
N ARG B 312 -1.68 30.68 -5.15
CA ARG B 312 -3.01 30.51 -4.57
C ARG B 312 -4.05 31.03 -5.56
N GLN B 313 -3.94 32.31 -5.91
CA GLN B 313 -4.86 32.96 -6.85
C GLN B 313 -4.92 32.23 -8.18
N ALA B 314 -3.76 31.90 -8.73
CA ALA B 314 -3.71 31.20 -10.01
C ALA B 314 -4.51 29.89 -9.94
N LEU B 315 -4.44 29.19 -8.81
CA LEU B 315 -5.16 27.92 -8.67
C LEU B 315 -6.66 28.17 -8.49
N LEU B 316 -7.00 29.16 -7.69
CA LEU B 316 -8.40 29.51 -7.49
C LEU B 316 -8.99 29.84 -8.85
N ALA B 317 -8.24 30.61 -9.64
CA ALA B 317 -8.68 31.00 -10.98
C ALA B 317 -8.93 29.78 -11.86
N GLN B 318 -8.34 28.65 -11.47
CA GLN B 318 -8.50 27.40 -12.22
C GLN B 318 -9.73 26.65 -11.72
N GLY B 319 -10.35 27.20 -10.67
CA GLY B 319 -11.53 26.59 -10.10
C GLY B 319 -11.21 25.47 -9.13
N LEU B 320 -9.99 25.46 -8.60
CA LEU B 320 -9.56 24.43 -7.65
C LEU B 320 -9.72 24.90 -6.22
N ARG B 321 -9.97 23.96 -5.32
CA ARG B 321 -10.11 24.29 -3.92
C ARG B 321 -8.74 24.25 -3.30
N VAL B 322 -8.06 25.40 -3.33
CA VAL B 322 -6.72 25.51 -2.80
C VAL B 322 -6.68 26.24 -1.45
N HIS B 323 -5.84 25.74 -0.56
CA HIS B 323 -5.66 26.33 0.77
C HIS B 323 -4.19 26.70 0.96
N LEU B 324 -3.93 27.88 1.53
CA LEU B 324 -2.56 28.31 1.77
C LEU B 324 -2.30 28.26 3.28
N ASP B 325 -1.40 27.38 3.69
CA ASP B 325 -1.07 27.23 5.09
C ASP B 325 0.16 28.08 5.41
N ASP B 326 -0.08 29.35 5.72
CA ASP B 326 1.00 30.29 6.04
C ASP B 326 1.20 30.42 7.54
N ARG B 327 0.62 29.51 8.31
CA ARG B 327 0.75 29.56 9.75
C ARG B 327 2.23 29.53 10.12
N ASP B 328 2.72 30.63 10.67
CA ASP B 328 4.13 30.75 11.04
C ASP B 328 4.48 30.16 12.40
N GLN B 329 3.51 29.56 13.08
CA GLN B 329 3.78 28.96 14.39
C GLN B 329 4.02 27.45 14.30
N HIS B 330 4.09 26.93 13.08
CA HIS B 330 4.32 25.51 12.87
C HIS B 330 5.41 25.23 11.85
N THR B 331 6.23 24.21 12.11
CA THR B 331 7.30 23.86 11.19
C THR B 331 6.70 23.22 9.95
N PRO B 332 7.41 23.30 8.81
CA PRO B 332 6.89 22.71 7.57
C PRO B 332 6.57 21.23 7.77
N GLY B 333 7.37 20.58 8.62
CA GLY B 333 7.16 19.16 8.89
C GLY B 333 5.81 18.92 9.53
N TYR B 334 5.47 19.74 10.51
CA TYR B 334 4.19 19.64 11.20
C TYR B 334 3.07 19.72 10.18
N LYS B 335 3.15 20.74 9.33
CA LYS B 335 2.14 20.97 8.31
C LYS B 335 2.04 19.80 7.34
N PHE B 336 3.18 19.32 6.87
CA PHE B 336 3.21 18.20 5.95
C PHE B 336 2.44 17.02 6.54
N HIS B 337 2.66 16.79 7.84
CA HIS B 337 2.02 15.69 8.54
C HIS B 337 0.52 15.90 8.72
N GLU B 338 0.12 17.13 9.01
CA GLU B 338 -1.30 17.39 9.20
C GLU B 338 -2.10 17.20 7.92
N TRP B 339 -1.64 17.81 6.83
CA TRP B 339 -2.36 17.70 5.57
C TRP B 339 -2.32 16.29 4.97
N GLU B 340 -1.36 15.49 5.42
CA GLU B 340 -1.24 14.10 4.97
C GLU B 340 -2.27 13.30 5.77
N LEU B 341 -2.34 13.59 7.07
CA LEU B 341 -3.27 12.94 7.98
C LEU B 341 -4.69 13.23 7.51
N LYS B 342 -4.91 14.47 7.08
CA LYS B 342 -6.24 14.91 6.62
C LYS B 342 -6.51 14.50 5.18
N GLY B 343 -5.59 13.77 4.59
CA GLY B 343 -5.76 13.29 3.22
C GLY B 343 -5.84 14.27 2.07
N VAL B 344 -5.16 15.42 2.17
CA VAL B 344 -5.17 16.38 1.07
C VAL B 344 -4.43 15.74 -0.12
N PRO B 345 -5.09 15.67 -1.30
CA PRO B 345 -4.45 15.07 -2.46
C PRO B 345 -3.03 15.56 -2.79
N PHE B 346 -2.87 16.86 -2.99
CA PHE B 346 -1.56 17.39 -3.31
C PHE B 346 -1.09 18.45 -2.35
N ARG B 347 0.22 18.48 -2.18
CA ARG B 347 0.87 19.44 -1.31
C ARG B 347 1.99 20.10 -2.11
N VAL B 348 2.00 21.42 -2.16
CA VAL B 348 3.03 22.14 -2.88
C VAL B 348 4.01 22.72 -1.88
N GLU B 349 5.27 22.30 -2.00
CA GLU B 349 6.30 22.82 -1.13
C GLU B 349 6.92 23.96 -1.94
N LEU B 350 6.85 25.17 -1.39
CA LEU B 350 7.39 26.33 -2.09
C LEU B 350 8.46 26.97 -1.22
N GLY B 351 9.71 26.74 -1.62
CA GLY B 351 10.85 27.26 -0.89
C GLY B 351 11.75 28.19 -1.69
N PRO B 352 12.68 28.89 -1.00
CA PRO B 352 13.63 29.84 -1.56
C PRO B 352 14.38 29.35 -2.79
N LYS B 353 15.16 28.28 -2.61
CA LYS B 353 15.97 27.72 -3.68
C LYS B 353 15.23 27.38 -4.97
N ASP B 354 14.15 26.60 -4.85
CA ASP B 354 13.37 26.21 -6.02
C ASP B 354 12.70 27.43 -6.67
N LEU B 355 12.25 28.36 -5.84
CA LEU B 355 11.61 29.55 -6.37
C LEU B 355 12.59 30.32 -7.27
N GLU B 356 13.85 30.40 -6.86
CA GLU B 356 14.83 31.11 -7.67
C GLU B 356 14.87 30.48 -9.05
N GLY B 357 14.57 29.18 -9.09
CA GLY B 357 14.57 28.47 -10.36
C GLY B 357 13.21 28.53 -11.01
N GLY B 358 12.28 29.25 -10.37
CA GLY B 358 10.93 29.38 -10.91
C GLY B 358 10.16 28.07 -10.78
N GLN B 359 10.57 27.23 -9.84
CA GLN B 359 9.93 25.94 -9.64
C GLN B 359 9.57 25.69 -8.18
N ALA B 360 8.84 24.60 -7.95
CA ALA B 360 8.41 24.21 -6.61
C ALA B 360 8.23 22.69 -6.61
N VAL B 361 8.06 22.11 -5.41
CA VAL B 361 7.88 20.67 -5.29
C VAL B 361 6.43 20.26 -5.05
N LEU B 362 5.91 19.42 -5.95
CA LEU B 362 4.56 18.90 -5.84
C LEU B 362 4.61 17.49 -5.23
N ALA B 363 3.99 17.34 -4.06
CA ALA B 363 3.94 16.05 -3.38
C ALA B 363 2.55 15.44 -3.49
N SER B 364 2.50 14.16 -3.83
CA SER B 364 1.23 13.46 -3.95
C SER B 364 0.93 12.66 -2.68
N ARG B 365 -0.32 12.67 -2.26
CA ARG B 365 -0.72 11.92 -1.07
C ARG B 365 -0.58 10.43 -1.35
N LEU B 366 -0.64 10.08 -2.64
CA LEU B 366 -0.50 8.70 -3.07
C LEU B 366 0.98 8.30 -3.10
N GLY B 367 1.87 9.25 -2.79
CA GLY B 367 3.28 8.96 -2.75
C GLY B 367 4.15 9.52 -3.86
N GLY B 368 5.29 10.07 -3.49
CA GLY B 368 6.19 10.63 -4.48
C GLY B 368 6.12 12.14 -4.65
N LYS B 369 7.22 12.71 -5.13
CA LYS B 369 7.30 14.15 -5.34
C LYS B 369 7.95 14.43 -6.69
N GLU B 370 7.81 15.66 -7.16
CA GLU B 370 8.43 16.07 -8.41
C GLU B 370 8.53 17.58 -8.38
N THR B 371 9.65 18.10 -8.84
CA THR B 371 9.86 19.53 -8.88
C THR B 371 9.36 19.99 -10.23
N LEU B 372 8.48 20.99 -10.23
CA LEU B 372 7.93 21.49 -11.48
C LEU B 372 7.94 23.01 -11.55
N PRO B 373 7.85 23.54 -12.77
CA PRO B 373 7.85 25.01 -12.89
C PRO B 373 6.52 25.57 -12.37
N LEU B 374 6.61 26.50 -11.43
CA LEU B 374 5.45 27.15 -10.84
C LEU B 374 4.46 27.64 -11.89
N ALA B 375 4.98 28.12 -13.02
CA ALA B 375 4.15 28.64 -14.08
C ALA B 375 3.25 27.58 -14.72
N ALA B 376 3.75 26.35 -14.78
CA ALA B 376 3.01 25.26 -15.40
C ALA B 376 2.05 24.54 -14.48
N LEU B 377 2.20 24.76 -13.17
CA LEU B 377 1.37 24.12 -12.18
C LEU B 377 -0.14 24.35 -12.35
N PRO B 378 -0.58 25.62 -12.32
CA PRO B 378 -2.01 25.93 -12.47
C PRO B 378 -2.70 25.20 -13.61
N GLU B 379 -2.04 25.10 -14.75
CA GLU B 379 -2.64 24.44 -15.90
C GLU B 379 -2.56 22.93 -15.79
N ALA B 380 -1.56 22.42 -15.07
CA ALA B 380 -1.38 20.98 -14.92
C ALA B 380 -2.16 20.31 -13.77
N LEU B 381 -2.29 20.98 -12.64
CA LEU B 381 -3.00 20.42 -11.49
C LEU B 381 -4.37 19.81 -11.78
N PRO B 382 -5.24 20.52 -12.50
CA PRO B 382 -6.57 19.97 -12.81
C PRO B 382 -6.49 18.56 -13.40
N GLY B 383 -5.61 18.39 -14.38
CA GLY B 383 -5.45 17.10 -15.02
C GLY B 383 -4.80 16.09 -14.10
N LYS B 384 -3.99 16.57 -13.17
CA LYS B 384 -3.33 15.68 -12.23
C LYS B 384 -4.35 15.19 -11.20
N LEU B 385 -5.26 16.09 -10.78
CA LEU B 385 -6.28 15.71 -9.81
C LEU B 385 -7.13 14.59 -10.42
N ASP B 386 -7.41 14.69 -11.71
CA ASP B 386 -8.20 13.69 -12.41
C ASP B 386 -7.49 12.33 -12.37
N ALA B 387 -6.17 12.35 -12.64
CA ALA B 387 -5.40 11.12 -12.63
C ALA B 387 -5.32 10.56 -11.21
N PHE B 388 -5.25 11.45 -10.23
CA PHE B 388 -5.21 11.05 -8.83
C PHE B 388 -6.52 10.28 -8.56
N HIS B 389 -7.64 10.87 -8.97
CA HIS B 389 -8.94 10.24 -8.80
C HIS B 389 -8.94 8.87 -9.46
N GLU B 390 -8.48 8.82 -10.71
CA GLU B 390 -8.42 7.58 -11.46
C GLU B 390 -7.55 6.55 -10.74
N GLU B 391 -6.45 6.99 -10.16
CA GLU B 391 -5.58 6.05 -9.46
C GLU B 391 -6.28 5.47 -8.24
N LEU B 392 -6.94 6.33 -7.47
CA LEU B 392 -7.67 5.87 -6.28
C LEU B 392 -8.65 4.78 -6.68
N TYR B 393 -9.39 5.04 -7.75
CA TYR B 393 -10.39 4.11 -8.21
C TYR B 393 -9.73 2.82 -8.64
N ARG B 394 -8.69 2.94 -9.46
CA ARG B 394 -7.95 1.80 -9.97
C ARG B 394 -7.51 0.88 -8.83
N ARG B 395 -6.87 1.46 -7.81
CA ARG B 395 -6.41 0.67 -6.67
C ARG B 395 -7.56 -0.04 -5.96
N ALA B 396 -8.66 0.68 -5.78
CA ALA B 396 -9.82 0.11 -5.11
C ALA B 396 -10.42 -1.01 -5.97
N LEU B 397 -10.34 -0.87 -7.29
CA LEU B 397 -10.85 -1.91 -8.16
C LEU B 397 -9.95 -3.13 -7.99
N ALA B 398 -8.64 -2.89 -8.06
CA ALA B 398 -7.67 -3.96 -7.92
C ALA B 398 -7.90 -4.68 -6.61
N PHE B 399 -8.19 -3.92 -5.56
CA PHE B 399 -8.44 -4.51 -4.24
C PHE B 399 -9.68 -5.40 -4.30
N ARG B 400 -10.75 -4.90 -4.92
CA ARG B 400 -11.99 -5.66 -5.00
C ARG B 400 -11.79 -6.96 -5.77
N GLU B 401 -11.07 -6.90 -6.88
CA GLU B 401 -10.82 -8.08 -7.70
C GLU B 401 -10.07 -9.11 -6.84
N ASP B 402 -9.05 -8.64 -6.11
CA ASP B 402 -8.24 -9.50 -5.23
C ASP B 402 -9.03 -10.03 -4.04
N HIS B 403 -10.12 -9.35 -3.68
CA HIS B 403 -10.91 -9.78 -2.54
C HIS B 403 -12.30 -10.22 -2.92
N THR B 404 -12.42 -10.74 -4.15
CA THR B 404 -13.67 -11.25 -4.67
C THR B 404 -13.37 -12.64 -5.22
N ARG B 405 -14.24 -13.59 -4.92
CA ARG B 405 -13.99 -14.95 -5.38
C ARG B 405 -15.25 -15.77 -5.62
N LYS B 406 -15.29 -16.44 -6.78
CA LYS B 406 -16.41 -17.30 -7.12
C LYS B 406 -16.21 -18.61 -6.37
N VAL B 407 -17.21 -19.04 -5.60
CA VAL B 407 -17.09 -20.26 -4.84
C VAL B 407 -18.19 -21.27 -5.18
N ASP B 408 -17.80 -22.53 -5.33
CA ASP B 408 -18.75 -23.61 -5.65
C ASP B 408 -18.97 -24.57 -4.48
N THR B 409 -18.12 -24.49 -3.48
CA THR B 409 -18.24 -25.35 -2.30
C THR B 409 -18.45 -24.47 -1.07
N TYR B 410 -19.13 -24.99 -0.06
CA TYR B 410 -19.38 -24.23 1.15
C TYR B 410 -18.06 -24.03 1.90
N GLU B 411 -17.02 -24.73 1.45
CA GLU B 411 -15.70 -24.63 2.07
C GLU B 411 -15.00 -23.40 1.50
N ALA B 412 -15.01 -23.29 0.17
CA ALA B 412 -14.40 -22.16 -0.50
C ALA B 412 -15.15 -20.89 -0.12
N PHE B 413 -16.43 -21.05 0.21
CA PHE B 413 -17.27 -19.94 0.61
C PHE B 413 -16.77 -19.37 1.93
N LYS B 414 -16.52 -20.27 2.89
CA LYS B 414 -16.05 -19.85 4.20
C LYS B 414 -14.69 -19.18 4.13
N GLU B 415 -13.90 -19.52 3.12
CA GLU B 415 -12.59 -18.90 2.95
C GLU B 415 -12.77 -17.50 2.37
N ALA B 416 -13.53 -17.40 1.28
CA ALA B 416 -13.78 -16.15 0.59
C ALA B 416 -14.40 -15.05 1.45
N VAL B 417 -15.48 -15.38 2.16
CA VAL B 417 -16.17 -14.40 2.99
C VAL B 417 -15.32 -13.95 4.18
N GLN B 418 -14.11 -14.47 4.25
CA GLN B 418 -13.19 -14.12 5.31
C GLN B 418 -12.26 -13.04 4.79
N GLU B 419 -12.20 -12.95 3.47
CA GLU B 419 -11.34 -11.99 2.78
C GLU B 419 -12.14 -10.88 2.12
N GLY B 420 -13.38 -11.17 1.75
CA GLY B 420 -14.21 -10.18 1.09
C GLY B 420 -15.44 -10.77 0.46
N PHE B 421 -15.60 -10.53 -0.83
CA PHE B 421 -16.76 -11.00 -1.58
C PHE B 421 -16.72 -12.48 -1.99
N ALA B 422 -17.87 -13.14 -1.83
CA ALA B 422 -18.04 -14.53 -2.22
C ALA B 422 -19.17 -14.59 -3.23
N LEU B 423 -18.85 -14.95 -4.46
CA LEU B 423 -19.84 -15.10 -5.52
C LEU B 423 -20.32 -16.54 -5.60
N ALA B 424 -21.39 -16.85 -4.86
CA ALA B 424 -21.94 -18.20 -4.82
C ALA B 424 -23.41 -18.32 -5.25
N PHE B 425 -23.79 -19.52 -5.67
CA PHE B 425 -25.15 -19.81 -6.07
C PHE B 425 -25.93 -19.98 -4.78
N HIS B 426 -27.22 -19.66 -4.81
CA HIS B 426 -28.05 -19.87 -3.64
C HIS B 426 -29.45 -20.29 -4.05
N CYS B 427 -30.05 -21.17 -3.26
CA CYS B 427 -31.37 -21.70 -3.54
C CYS B 427 -32.49 -20.66 -3.56
N GLY B 428 -32.34 -19.61 -2.76
CA GLY B 428 -33.35 -18.57 -2.71
C GLY B 428 -34.27 -18.68 -1.49
N ASP B 429 -34.06 -19.70 -0.67
CA ASP B 429 -34.87 -19.92 0.53
C ASP B 429 -34.38 -19.08 1.70
N LYS B 430 -35.27 -18.27 2.27
CA LYS B 430 -34.90 -17.42 3.40
C LYS B 430 -34.26 -18.24 4.52
N ALA B 431 -34.82 -19.42 4.77
CA ALA B 431 -34.32 -20.30 5.81
C ALA B 431 -32.87 -20.69 5.58
N CYS B 432 -32.55 -21.08 4.35
CA CYS B 432 -31.19 -21.47 4.03
C CYS B 432 -30.28 -20.25 4.13
N GLU B 433 -30.79 -19.09 3.76
CA GLU B 433 -30.02 -17.85 3.81
C GLU B 433 -29.69 -17.45 5.24
N ARG B 434 -30.66 -17.54 6.14
CA ARG B 434 -30.40 -17.16 7.52
C ARG B 434 -29.43 -18.16 8.15
N LEU B 435 -29.43 -19.39 7.65
CA LEU B 435 -28.52 -20.40 8.16
C LEU B 435 -27.08 -20.02 7.85
N ILE B 436 -26.82 -19.69 6.58
CA ILE B 436 -25.48 -19.29 6.17
C ILE B 436 -24.99 -18.15 7.05
N GLN B 437 -25.90 -17.25 7.40
CA GLN B 437 -25.53 -16.11 8.25
C GLN B 437 -25.17 -16.56 9.66
N GLU B 438 -26.01 -17.42 10.23
CA GLU B 438 -25.76 -17.93 11.57
C GLU B 438 -24.46 -18.73 11.63
N GLU B 439 -24.13 -19.42 10.54
CA GLU B 439 -22.92 -20.22 10.48
C GLU B 439 -21.65 -19.48 10.10
N THR B 440 -21.77 -18.45 9.27
CA THR B 440 -20.59 -17.70 8.83
C THR B 440 -20.62 -16.21 9.17
N THR B 441 -21.78 -15.72 9.59
CA THR B 441 -21.99 -14.31 9.89
C THR B 441 -22.08 -13.50 8.60
N ALA B 442 -21.81 -14.15 7.48
CA ALA B 442 -21.87 -13.48 6.18
C ALA B 442 -23.33 -13.39 5.72
N THR B 443 -23.66 -12.28 5.08
CA THR B 443 -25.00 -12.05 4.57
C THR B 443 -24.95 -11.89 3.07
N THR B 444 -26.13 -11.96 2.44
CA THR B 444 -26.21 -11.74 1.00
C THR B 444 -26.13 -10.22 0.92
N ARG B 445 -25.41 -9.69 -0.07
CA ARG B 445 -25.32 -8.25 -0.20
C ARG B 445 -26.29 -7.81 -1.27
N CYS B 446 -26.27 -8.49 -2.41
CA CYS B 446 -27.18 -8.16 -3.49
C CYS B 446 -27.08 -9.15 -4.64
N VAL B 447 -28.14 -9.22 -5.44
CA VAL B 447 -28.16 -10.06 -6.62
C VAL B 447 -27.84 -9.01 -7.66
N PRO B 448 -26.59 -8.97 -8.13
CA PRO B 448 -26.15 -7.97 -9.13
C PRO B 448 -26.92 -7.95 -10.44
N PHE B 449 -27.31 -6.74 -10.85
CA PHE B 449 -28.04 -6.54 -12.09
C PHE B 449 -27.24 -7.11 -13.24
N GLU B 450 -26.00 -6.65 -13.39
CA GLU B 450 -25.13 -7.11 -14.47
C GLU B 450 -24.19 -8.21 -14.00
N ALA B 451 -24.70 -9.43 -13.91
CA ALA B 451 -23.91 -10.56 -13.47
C ALA B 451 -24.05 -11.68 -14.48
N GLU B 452 -22.93 -12.24 -14.90
CA GLU B 452 -22.93 -13.33 -15.86
C GLU B 452 -23.99 -14.38 -15.50
N PRO B 453 -24.91 -14.64 -16.45
CA PRO B 453 -25.98 -15.62 -16.23
C PRO B 453 -25.42 -17.01 -15.98
N GLU B 454 -25.77 -17.60 -14.83
CA GLU B 454 -25.28 -18.91 -14.45
C GLU B 454 -26.31 -19.70 -13.67
N GLU B 455 -26.28 -21.01 -13.85
CA GLU B 455 -27.17 -21.90 -13.16
C GLU B 455 -26.30 -22.89 -12.41
N GLY B 456 -26.74 -23.30 -11.23
CA GLY B 456 -25.96 -24.25 -10.46
C GLY B 456 -26.73 -24.75 -9.26
N PHE B 457 -26.03 -24.91 -8.14
CA PHE B 457 -26.65 -25.41 -6.94
C PHE B 457 -26.20 -24.62 -5.72
N CYS B 458 -27.14 -24.42 -4.79
CA CYS B 458 -26.85 -23.66 -3.59
C CYS B 458 -25.54 -24.08 -2.97
N VAL B 459 -24.68 -23.11 -2.69
CA VAL B 459 -23.38 -23.35 -2.10
C VAL B 459 -23.49 -24.07 -0.76
N ARG B 460 -24.65 -23.99 -0.11
CA ARG B 460 -24.82 -24.64 1.18
C ARG B 460 -25.73 -25.87 1.20
N CYS B 461 -26.97 -25.70 0.78
CA CYS B 461 -27.91 -26.82 0.80
C CYS B 461 -27.86 -27.69 -0.46
N GLY B 462 -27.28 -27.17 -1.53
CA GLY B 462 -27.19 -27.94 -2.76
C GLY B 462 -28.38 -27.88 -3.70
N ARG B 463 -29.54 -27.45 -3.21
CA ARG B 463 -30.72 -27.36 -4.07
C ARG B 463 -30.45 -26.46 -5.27
N PRO B 464 -31.21 -26.64 -6.36
CA PRO B 464 -31.02 -25.82 -7.57
C PRO B 464 -30.94 -24.31 -7.28
N SER B 465 -30.01 -23.65 -7.96
CA SER B 465 -29.80 -22.23 -7.78
C SER B 465 -30.90 -21.36 -8.36
N ALA B 466 -31.19 -20.25 -7.69
CA ALA B 466 -32.20 -19.31 -8.15
C ALA B 466 -31.50 -18.09 -8.74
N TYR B 467 -32.27 -17.05 -9.00
CA TYR B 467 -31.74 -15.78 -9.52
C TYR B 467 -31.06 -15.83 -10.88
N GLY B 468 -30.81 -17.03 -11.38
CA GLY B 468 -30.17 -17.16 -12.68
C GLY B 468 -28.75 -16.63 -12.69
N LYS B 469 -28.18 -16.43 -11.51
CA LYS B 469 -26.81 -15.94 -11.40
C LYS B 469 -26.31 -16.11 -9.96
N ARG B 470 -25.00 -15.93 -9.76
CA ARG B 470 -24.40 -16.04 -8.43
C ARG B 470 -24.76 -14.79 -7.62
N VAL B 471 -24.98 -14.98 -6.32
CA VAL B 471 -25.32 -13.89 -5.41
C VAL B 471 -24.05 -13.40 -4.69
N VAL B 472 -23.95 -12.10 -4.43
CA VAL B 472 -22.79 -11.57 -3.73
C VAL B 472 -23.00 -11.74 -2.23
N PHE B 473 -22.06 -12.41 -1.56
CA PHE B 473 -22.10 -12.63 -0.12
C PHE B 473 -20.86 -11.98 0.48
N ALA B 474 -20.93 -11.64 1.76
CA ALA B 474 -19.80 -11.05 2.44
C ALA B 474 -20.17 -10.75 3.87
N LYS B 475 -19.16 -10.50 4.70
CA LYS B 475 -19.42 -10.11 6.07
C LYS B 475 -19.63 -8.62 5.87
N ALA B 476 -20.61 -8.04 6.55
CA ALA B 476 -20.86 -6.63 6.33
C ALA B 476 -21.10 -5.77 7.54
N TYR B 477 -20.93 -4.47 7.34
CA TYR B 477 -21.15 -3.47 8.36
C TYR B 477 -22.66 -3.28 8.50
N LYS C 5 62.25 -26.71 -15.61
CA LYS C 5 62.41 -28.18 -15.39
C LYS C 5 61.12 -28.93 -15.75
N GLY C 6 61.25 -29.92 -16.63
CA GLY C 6 60.09 -30.69 -17.05
C GLY C 6 59.40 -31.50 -15.95
N LEU C 7 58.24 -32.03 -16.29
CA LEU C 7 57.46 -32.84 -15.35
C LEU C 7 58.10 -34.20 -15.10
N THR C 8 58.06 -34.66 -13.85
CA THR C 8 58.61 -35.97 -13.54
C THR C 8 57.70 -36.98 -14.24
N PRO C 9 58.29 -37.92 -14.99
CA PRO C 9 57.48 -38.92 -15.69
C PRO C 9 56.67 -39.77 -14.71
N GLN C 10 55.46 -40.16 -15.11
CA GLN C 10 54.59 -40.99 -14.28
C GLN C 10 55.25 -42.32 -13.95
N SER C 11 56.06 -42.82 -14.89
CA SER C 11 56.75 -44.08 -14.72
C SER C 11 57.82 -43.98 -13.65
N GLN C 12 58.39 -42.79 -13.49
CA GLN C 12 59.44 -42.56 -12.51
C GLN C 12 58.86 -42.39 -11.10
N ASP C 13 57.96 -41.41 -10.94
CA ASP C 13 57.34 -41.18 -9.64
C ASP C 13 55.96 -40.55 -9.85
N PHE C 14 54.93 -41.39 -9.88
CA PHE C 14 53.55 -40.95 -10.09
C PHE C 14 53.13 -39.90 -9.06
N SER C 15 53.44 -40.15 -7.78
CA SER C 15 53.07 -39.23 -6.72
C SER C 15 53.66 -37.84 -6.96
N GLU C 16 54.93 -37.81 -7.34
CA GLU C 16 55.59 -36.54 -7.59
C GLU C 16 55.00 -35.91 -8.86
N TRP C 17 54.72 -36.75 -9.85
CA TRP C 17 54.13 -36.27 -11.10
C TRP C 17 52.82 -35.54 -10.78
N TYR C 18 52.02 -36.17 -9.93
CA TYR C 18 50.73 -35.62 -9.53
C TYR C 18 50.88 -34.25 -8.88
N LEU C 19 51.76 -34.17 -7.89
CA LEU C 19 51.99 -32.91 -7.20
C LEU C 19 52.49 -31.82 -8.15
N GLU C 20 53.38 -32.19 -9.07
CA GLU C 20 53.95 -31.22 -10.00
C GLU C 20 52.97 -30.70 -11.05
N VAL C 21 52.11 -31.57 -11.57
CA VAL C 21 51.19 -31.11 -12.59
C VAL C 21 50.14 -30.18 -11.98
N ILE C 22 49.76 -30.43 -10.75
CA ILE C 22 48.78 -29.58 -10.08
C ILE C 22 49.38 -28.18 -9.92
N GLN C 23 50.67 -28.12 -9.65
CA GLN C 23 51.38 -26.86 -9.48
C GLN C 23 51.58 -26.19 -10.83
N LYS C 24 52.22 -26.90 -11.76
CA LYS C 24 52.51 -26.36 -13.09
C LYS C 24 51.30 -25.98 -13.94
N ALA C 25 50.21 -26.72 -13.80
CA ALA C 25 49.00 -26.41 -14.55
C ALA C 25 48.23 -25.28 -13.84
N GLU C 26 48.71 -24.91 -12.66
CA GLU C 26 48.11 -23.82 -11.87
C GLU C 26 46.69 -24.15 -11.42
N LEU C 27 46.52 -25.37 -10.94
CA LEU C 27 45.25 -25.86 -10.47
C LEU C 27 45.07 -25.44 -9.02
N ALA C 28 46.17 -25.51 -8.28
CA ALA C 28 46.14 -25.19 -6.87
C ALA C 28 47.54 -24.88 -6.41
N ASP C 29 47.62 -24.38 -5.19
CA ASP C 29 48.89 -24.06 -4.57
C ASP C 29 48.68 -24.32 -3.07
N TYR C 30 49.75 -24.41 -2.31
CA TYR C 30 49.61 -24.67 -0.87
C TYR C 30 49.35 -23.40 -0.10
N GLY C 31 48.37 -23.45 0.79
CA GLY C 31 48.04 -22.29 1.59
C GLY C 31 49.01 -22.12 2.74
N PRO C 32 49.01 -20.95 3.39
CA PRO C 32 49.92 -20.71 4.52
C PRO C 32 49.81 -21.73 5.65
N VAL C 33 48.61 -22.27 5.87
CA VAL C 33 48.41 -23.24 6.92
C VAL C 33 48.57 -24.67 6.40
N ARG C 34 49.53 -25.40 6.97
CA ARG C 34 49.80 -26.78 6.55
C ARG C 34 48.52 -27.60 6.48
N GLY C 35 48.40 -28.40 5.43
CA GLY C 35 47.24 -29.23 5.25
C GLY C 35 46.13 -28.55 4.45
N THR C 36 46.34 -27.29 4.08
CA THR C 36 45.35 -26.54 3.32
C THR C 36 45.90 -26.10 1.97
N ILE C 37 45.04 -26.11 0.95
CA ILE C 37 45.43 -25.69 -0.38
C ILE C 37 44.59 -24.52 -0.81
N VAL C 38 45.06 -23.82 -1.82
CA VAL C 38 44.34 -22.70 -2.40
C VAL C 38 43.99 -23.20 -3.79
N VAL C 39 42.71 -23.20 -4.16
CA VAL C 39 42.35 -23.66 -5.49
C VAL C 39 42.32 -22.42 -6.40
N ARG C 40 43.22 -22.42 -7.38
CA ARG C 40 43.33 -21.31 -8.30
C ARG C 40 42.24 -21.29 -9.37
N PRO C 41 42.05 -20.14 -10.04
CA PRO C 41 41.04 -19.98 -11.08
C PRO C 41 40.84 -21.16 -12.03
N TYR C 42 41.91 -21.62 -12.68
CA TYR C 42 41.78 -22.72 -13.64
C TYR C 42 41.25 -23.98 -12.96
N GLY C 43 41.77 -24.27 -11.78
CA GLY C 43 41.32 -25.44 -11.05
C GLY C 43 39.89 -25.26 -10.55
N TYR C 44 39.58 -24.05 -10.08
CA TYR C 44 38.25 -23.78 -9.58
C TYR C 44 37.22 -23.88 -10.69
N ALA C 45 37.63 -23.51 -11.90
CA ALA C 45 36.73 -23.56 -13.04
C ALA C 45 36.32 -25.02 -13.32
N ILE C 46 37.22 -25.96 -13.07
CA ILE C 46 36.89 -27.36 -13.27
C ILE C 46 35.82 -27.77 -12.27
N TRP C 47 35.98 -27.34 -11.03
CA TRP C 47 35.00 -27.67 -9.99
C TRP C 47 33.64 -27.07 -10.33
N GLU C 48 33.65 -25.84 -10.84
CA GLU C 48 32.40 -25.18 -11.22
C GLU C 48 31.68 -25.96 -12.32
N ASN C 49 32.43 -26.45 -13.30
CA ASN C 49 31.80 -27.23 -14.37
C ASN C 49 31.18 -28.49 -13.79
N ILE C 50 31.87 -29.10 -12.83
CA ILE C 50 31.35 -30.30 -12.18
C ILE C 50 30.08 -29.96 -11.42
N GLN C 51 30.08 -28.82 -10.76
CA GLN C 51 28.92 -28.39 -9.99
C GLN C 51 27.71 -28.08 -10.87
N GLN C 52 27.95 -27.45 -12.01
CA GLN C 52 26.85 -27.13 -12.92
C GLN C 52 26.16 -28.38 -13.42
N VAL C 53 26.95 -29.35 -13.86
CA VAL C 53 26.41 -30.60 -14.36
C VAL C 53 25.61 -31.34 -13.30
N LEU C 54 26.19 -31.51 -12.12
CA LEU C 54 25.48 -32.21 -11.06
C LEU C 54 24.20 -31.48 -10.66
N ASP C 55 24.30 -30.16 -10.54
CA ASP C 55 23.14 -29.34 -10.16
C ASP C 55 21.99 -29.57 -11.14
N ARG C 56 22.30 -29.61 -12.42
CA ARG C 56 21.28 -29.87 -13.44
C ARG C 56 20.62 -31.22 -13.16
N MET C 57 21.45 -32.25 -12.99
CA MET C 57 20.94 -33.58 -12.73
C MET C 57 20.18 -33.70 -11.41
N PHE C 58 20.65 -32.99 -10.38
CA PHE C 58 19.97 -33.01 -9.08
C PHE C 58 18.61 -32.31 -9.23
N LYS C 59 18.62 -31.19 -9.94
CA LYS C 59 17.41 -30.42 -10.12
C LYS C 59 16.33 -31.17 -10.91
N GLU C 60 16.74 -31.84 -11.99
CA GLU C 60 15.81 -32.59 -12.82
C GLU C 60 15.18 -33.72 -12.01
N THR C 61 15.79 -34.06 -10.88
CA THR C 61 15.24 -35.13 -10.07
C THR C 61 14.58 -34.65 -8.78
N GLY C 62 14.14 -33.38 -8.79
CA GLY C 62 13.43 -32.82 -7.66
C GLY C 62 14.20 -32.31 -6.46
N HIS C 63 15.52 -32.38 -6.49
CA HIS C 63 16.31 -31.90 -5.37
C HIS C 63 16.44 -30.39 -5.38
N GLN C 64 16.62 -29.82 -4.20
CA GLN C 64 16.75 -28.39 -4.06
C GLN C 64 17.89 -28.05 -3.10
N ASN C 65 18.65 -27.01 -3.43
CA ASN C 65 19.75 -26.62 -2.58
C ASN C 65 19.30 -25.80 -1.38
N ALA C 66 20.08 -25.89 -0.31
CA ALA C 66 19.79 -25.18 0.91
C ALA C 66 21.14 -24.93 1.57
N TYR C 67 21.13 -24.26 2.72
CA TYR C 67 22.38 -23.99 3.40
C TYR C 67 22.26 -24.13 4.91
N PHE C 68 22.94 -25.12 5.46
CA PHE C 68 22.95 -25.35 6.89
C PHE C 68 24.24 -24.77 7.44
N PRO C 69 24.23 -24.30 8.69
CA PRO C 69 25.37 -23.69 9.38
C PRO C 69 26.68 -24.44 9.39
N LEU C 70 27.76 -23.68 9.48
CA LEU C 70 29.12 -24.21 9.53
C LEU C 70 29.41 -24.87 10.89
N PHE C 71 28.92 -24.25 11.95
CA PHE C 71 29.15 -24.76 13.30
C PHE C 71 28.10 -25.75 13.79
N ILE C 72 28.59 -26.86 14.34
CA ILE C 72 27.72 -27.90 14.86
C ILE C 72 27.95 -28.10 16.36
N PRO C 73 26.87 -28.23 17.13
CA PRO C 73 26.94 -28.42 18.58
C PRO C 73 27.71 -29.70 18.92
N MET C 74 28.80 -29.55 19.67
CA MET C 74 29.63 -30.69 20.05
C MET C 74 28.77 -31.84 20.56
N SER C 75 27.67 -31.50 21.24
CA SER C 75 26.76 -32.51 21.78
C SER C 75 26.09 -33.35 20.68
N PHE C 76 26.04 -32.81 19.47
CA PHE C 76 25.45 -33.51 18.34
C PHE C 76 26.39 -34.61 17.86
N LEU C 77 27.64 -34.54 18.30
CA LEU C 77 28.63 -35.52 17.89
C LEU C 77 29.00 -36.48 19.02
N PHE C 87 37.53 -34.69 22.17
CA PHE C 87 37.45 -34.16 20.81
C PHE C 87 38.07 -35.11 19.80
N SER C 88 37.25 -35.67 18.91
CA SER C 88 37.73 -36.58 17.89
C SER C 88 38.83 -35.88 17.08
N PRO C 89 39.84 -36.64 16.64
CA PRO C 89 40.96 -36.11 15.85
C PRO C 89 40.58 -35.41 14.54
N GLU C 90 39.53 -35.90 13.89
CA GLU C 90 39.10 -35.33 12.61
C GLU C 90 38.33 -34.03 12.75
N LEU C 91 38.16 -33.55 13.97
CA LEU C 91 37.40 -32.33 14.18
C LEU C 91 38.22 -31.10 14.46
N ALA C 92 37.78 -29.98 13.91
CA ALA C 92 38.42 -28.70 14.13
C ALA C 92 37.42 -28.09 15.11
N VAL C 93 37.87 -27.78 16.32
CA VAL C 93 36.96 -27.27 17.33
C VAL C 93 37.18 -25.82 17.73
N VAL C 94 36.10 -25.07 17.81
CA VAL C 94 36.15 -23.68 18.21
C VAL C 94 35.76 -23.64 19.68
N THR C 95 36.65 -23.13 20.52
CA THR C 95 36.40 -23.06 21.97
C THR C 95 36.33 -21.62 22.45
N HIS C 96 36.85 -20.72 21.62
CA HIS C 96 36.87 -19.30 21.92
C HIS C 96 36.19 -18.54 20.79
N ALA C 97 35.12 -17.82 21.12
CA ALA C 97 34.41 -17.05 20.11
C ALA C 97 33.72 -15.86 20.77
N GLY C 98 33.74 -14.72 20.07
CA GLY C 98 33.11 -13.52 20.60
C GLY C 98 33.97 -12.82 21.63
N GLY C 99 35.23 -13.27 21.74
CA GLY C 99 36.14 -12.66 22.70
C GLY C 99 36.16 -13.35 24.04
N GLU C 100 35.50 -14.50 24.14
CA GLU C 100 35.45 -15.23 25.40
C GLU C 100 35.32 -16.74 25.18
N GLU C 101 35.62 -17.51 26.21
CA GLU C 101 35.54 -18.97 26.18
C GLU C 101 34.09 -19.40 26.04
N LEU C 102 33.85 -20.41 25.21
CA LEU C 102 32.50 -20.91 24.98
C LEU C 102 32.11 -21.98 25.99
N GLU C 103 30.88 -21.91 26.49
CA GLU C 103 30.40 -22.89 27.45
C GLU C 103 30.45 -24.24 26.79
N GLU C 104 29.92 -24.31 25.56
CA GLU C 104 29.94 -25.56 24.81
C GLU C 104 30.72 -25.28 23.53
N PRO C 105 31.89 -25.92 23.37
CA PRO C 105 32.69 -25.72 22.17
C PRO C 105 31.98 -26.18 20.90
N LEU C 106 32.23 -25.48 19.80
CA LEU C 106 31.62 -25.80 18.52
C LEU C 106 32.59 -26.50 17.59
N ALA C 107 32.08 -27.45 16.81
CA ALA C 107 32.92 -28.17 15.86
C ALA C 107 32.63 -27.65 14.45
N VAL C 108 33.68 -27.47 13.66
CA VAL C 108 33.50 -27.04 12.27
C VAL C 108 32.90 -28.27 11.62
N ARG C 109 31.70 -28.12 11.05
CA ARG C 109 31.00 -29.22 10.43
C ARG C 109 31.83 -30.20 9.57
N PRO C 110 31.75 -31.49 9.91
CA PRO C 110 32.48 -32.50 9.14
C PRO C 110 31.48 -32.96 8.07
N THR C 111 30.22 -32.61 8.33
CA THR C 111 29.07 -32.91 7.48
C THR C 111 27.87 -32.23 8.16
N SER C 112 26.86 -31.84 7.39
CA SER C 112 25.70 -31.18 7.98
C SER C 112 24.60 -32.16 8.43
N GLU C 113 24.89 -33.45 8.35
CA GLU C 113 23.93 -34.49 8.71
C GLU C 113 23.18 -34.32 10.04
N THR C 114 23.90 -34.04 11.13
CA THR C 114 23.22 -33.89 12.42
C THR C 114 22.28 -32.69 12.49
N VAL C 115 22.72 -31.53 11.98
CA VAL C 115 21.87 -30.35 12.01
C VAL C 115 20.65 -30.59 11.13
N ILE C 116 20.86 -31.24 9.99
CA ILE C 116 19.74 -31.51 9.10
C ILE C 116 18.71 -32.42 9.78
N GLY C 117 19.19 -33.37 10.56
CA GLY C 117 18.29 -34.28 11.26
C GLY C 117 17.46 -33.52 12.28
N TYR C 118 18.12 -32.61 12.97
CA TYR C 118 17.48 -31.78 13.98
C TYR C 118 16.38 -30.95 13.30
N MET C 119 16.72 -30.31 12.18
CA MET C 119 15.74 -29.51 11.47
C MET C 119 14.60 -30.36 10.92
N TRP C 120 14.92 -31.55 10.41
CA TRP C 120 13.87 -32.41 9.87
C TRP C 120 12.90 -32.83 10.98
N SER C 121 13.42 -32.92 12.20
CA SER C 121 12.61 -33.31 13.34
C SER C 121 11.44 -32.35 13.49
N LYS C 122 11.68 -31.06 13.30
CA LYS C 122 10.61 -30.09 13.42
C LYS C 122 9.84 -29.86 12.12
N TRP C 123 10.53 -29.91 10.98
CA TRP C 123 9.87 -29.68 9.69
C TRP C 123 8.92 -30.80 9.24
N ILE C 124 9.31 -32.04 9.48
CA ILE C 124 8.48 -33.16 9.04
C ILE C 124 7.40 -33.54 10.05
N ARG C 125 6.15 -33.53 9.60
CA ARG C 125 5.03 -33.87 10.46
C ARG C 125 4.10 -34.91 9.84
N SER C 126 3.95 -34.90 8.51
CA SER C 126 3.09 -35.88 7.84
C SER C 126 3.57 -36.22 6.43
N TRP C 127 2.90 -37.17 5.80
CA TRP C 127 3.26 -37.59 4.45
C TRP C 127 3.29 -36.41 3.48
N ARG C 128 2.60 -35.32 3.81
CA ARG C 128 2.57 -34.14 2.96
C ARG C 128 3.94 -33.46 2.91
N ASP C 129 4.79 -33.73 3.90
CA ASP C 129 6.11 -33.11 3.98
C ASP C 129 7.18 -33.98 3.34
N LEU C 130 6.76 -35.10 2.76
CA LEU C 130 7.71 -36.02 2.14
C LEU C 130 7.41 -36.20 0.67
N PRO C 131 8.45 -36.48 -0.13
CA PRO C 131 9.82 -36.63 0.36
C PRO C 131 10.55 -35.30 0.54
N GLN C 132 11.62 -35.34 1.31
CA GLN C 132 12.45 -34.18 1.54
C GLN C 132 13.66 -34.48 0.65
N LEU C 133 13.92 -33.64 -0.33
CA LEU C 133 15.03 -33.84 -1.27
C LEU C 133 15.96 -32.64 -1.25
N LEU C 134 16.97 -32.71 -0.39
CA LEU C 134 17.91 -31.60 -0.23
C LEU C 134 19.33 -31.87 -0.66
N ASN C 135 20.01 -30.78 -1.01
CA ASN C 135 21.41 -30.84 -1.39
C ASN C 135 22.11 -29.59 -0.90
N GLN C 136 23.40 -29.70 -0.65
CA GLN C 136 24.17 -28.55 -0.21
C GLN C 136 25.56 -28.54 -0.81
N TRP C 137 25.94 -27.41 -1.40
CA TRP C 137 27.28 -27.24 -1.95
C TRP C 137 28.06 -26.44 -0.93
N GLY C 138 29.30 -26.84 -0.67
CA GLY C 138 30.08 -26.09 0.28
C GLY C 138 31.26 -26.84 0.83
N ASN C 139 31.86 -26.26 1.88
CA ASN C 139 33.03 -26.84 2.51
C ASN C 139 32.69 -27.59 3.78
N VAL C 140 33.58 -28.51 4.14
CA VAL C 140 33.47 -29.30 5.35
C VAL C 140 34.90 -29.54 5.80
N VAL C 141 35.06 -29.98 7.04
CA VAL C 141 36.40 -30.21 7.56
C VAL C 141 36.52 -31.55 8.24
N ARG C 142 37.55 -32.28 7.83
CA ARG C 142 37.88 -33.58 8.38
C ARG C 142 39.39 -33.56 8.37
N TRP C 143 39.95 -33.19 9.52
CA TRP C 143 41.39 -33.06 9.70
C TRP C 143 42.20 -34.22 9.13
N GLU C 144 43.29 -33.88 8.48
CA GLU C 144 44.19 -34.86 7.89
C GLU C 144 45.62 -34.45 8.18
N MET C 145 46.48 -35.43 8.40
CA MET C 145 47.89 -35.16 8.66
C MET C 145 48.62 -35.13 7.32
N ARG C 146 48.13 -35.94 6.39
CA ARG C 146 48.70 -36.03 5.04
C ARG C 146 48.06 -34.97 4.16
N THR C 147 48.88 -34.16 3.49
CA THR C 147 48.39 -33.08 2.63
C THR C 147 48.59 -33.31 1.13
N ARG C 148 47.61 -33.91 0.48
CA ARG C 148 47.67 -34.15 -0.97
C ARG C 148 46.48 -33.45 -1.65
N PRO C 149 46.76 -32.42 -2.47
CA PRO C 149 45.74 -31.65 -3.18
C PRO C 149 44.67 -32.49 -3.87
N PHE C 150 43.41 -32.13 -3.60
CA PHE C 150 42.23 -32.80 -4.16
C PHE C 150 41.99 -34.22 -3.67
N LEU C 151 42.94 -34.78 -2.93
CA LEU C 151 42.78 -36.14 -2.42
C LEU C 151 42.66 -36.19 -0.91
N ARG C 152 43.56 -35.51 -0.22
CA ARG C 152 43.55 -35.50 1.23
C ARG C 152 43.92 -34.13 1.78
N THR C 153 42.91 -33.38 2.22
CA THR C 153 43.09 -32.06 2.79
C THR C 153 42.07 -32.00 3.93
N SER C 154 42.40 -31.28 5.00
CA SER C 154 41.49 -31.19 6.15
C SER C 154 40.19 -30.51 5.73
N GLU C 155 40.33 -29.50 4.88
CA GLU C 155 39.18 -28.79 4.36
C GLU C 155 39.04 -29.04 2.87
N PHE C 156 37.81 -29.28 2.43
CA PHE C 156 37.57 -29.49 1.01
C PHE C 156 36.15 -29.10 0.63
N LEU C 157 35.94 -28.85 -0.65
CA LEU C 157 34.62 -28.50 -1.12
C LEU C 157 33.95 -29.76 -1.61
N TRP C 158 32.63 -29.77 -1.58
CA TRP C 158 31.91 -30.91 -2.06
C TRP C 158 30.44 -30.62 -2.11
N GLN C 159 29.69 -31.65 -2.40
CA GLN C 159 28.27 -31.56 -2.47
C GLN C 159 27.81 -32.72 -1.60
N GLU C 160 26.79 -32.48 -0.78
CA GLU C 160 26.24 -33.55 0.06
C GLU C 160 24.72 -33.47 0.02
N GLY C 161 24.10 -34.58 -0.38
CA GLY C 161 22.65 -34.65 -0.49
C GLY C 161 22.05 -35.40 0.68
N HIS C 162 20.80 -35.09 1.01
CA HIS C 162 20.12 -35.70 2.15
C HIS C 162 18.64 -35.81 1.84
N THR C 163 18.10 -37.01 1.89
CA THR C 163 16.68 -37.20 1.59
C THR C 163 15.93 -37.98 2.67
N ALA C 164 14.62 -37.78 2.71
CA ALA C 164 13.75 -38.46 3.67
C ALA C 164 12.54 -38.95 2.89
N HIS C 165 12.12 -40.19 3.14
CA HIS C 165 11.01 -40.78 2.40
C HIS C 165 10.00 -41.49 3.29
N ALA C 166 8.77 -41.61 2.79
CA ALA C 166 7.70 -42.26 3.54
C ALA C 166 7.84 -43.78 3.54
N THR C 167 8.58 -44.32 2.59
CA THR C 167 8.77 -45.76 2.52
C THR C 167 10.21 -46.12 2.27
N ARG C 168 10.54 -47.36 2.57
CA ARG C 168 11.89 -47.89 2.38
C ARG C 168 12.20 -47.99 0.89
N GLU C 169 11.22 -48.45 0.11
CA GLU C 169 11.38 -48.60 -1.32
C GLU C 169 11.75 -47.28 -2.01
N GLU C 170 11.11 -46.19 -1.62
CA GLU C 170 11.40 -44.92 -2.23
C GLU C 170 12.83 -44.47 -1.89
N ALA C 171 13.24 -44.73 -0.65
CA ALA C 171 14.56 -44.34 -0.20
C ALA C 171 15.65 -45.13 -0.93
N GLU C 172 15.47 -46.45 -1.06
CA GLU C 172 16.45 -47.28 -1.73
C GLU C 172 16.57 -46.89 -3.21
N GLU C 173 15.44 -46.54 -3.83
CA GLU C 173 15.46 -46.14 -5.23
C GLU C 173 16.27 -44.86 -5.38
N GLU C 174 16.15 -43.96 -4.41
CA GLU C 174 16.86 -42.69 -4.40
C GLU C 174 18.36 -42.95 -4.31
N VAL C 175 18.75 -43.87 -3.44
CA VAL C 175 20.17 -44.21 -3.27
C VAL C 175 20.79 -44.56 -4.62
N ARG C 176 20.12 -45.42 -5.37
CA ARG C 176 20.60 -45.84 -6.67
C ARG C 176 20.49 -44.75 -7.74
N ARG C 177 19.46 -43.92 -7.64
CA ARG C 177 19.27 -42.83 -8.59
C ARG C 177 20.45 -41.88 -8.52
N MET C 178 20.92 -41.60 -7.31
CA MET C 178 22.02 -40.68 -7.11
C MET C 178 23.38 -41.31 -7.43
N LEU C 179 23.56 -42.61 -7.15
CA LEU C 179 24.82 -43.24 -7.47
C LEU C 179 24.93 -43.25 -9.00
N SER C 180 23.81 -43.46 -9.66
CA SER C 180 23.75 -43.48 -11.11
C SER C 180 24.07 -42.11 -11.69
N ILE C 181 23.65 -41.05 -10.99
CA ILE C 181 23.93 -39.70 -11.43
C ILE C 181 25.44 -39.50 -11.36
N TYR C 182 26.05 -40.01 -10.29
CA TYR C 182 27.51 -39.91 -10.14
C TYR C 182 28.21 -40.71 -11.24
N ALA C 183 27.74 -41.93 -11.50
CA ALA C 183 28.31 -42.79 -12.52
C ALA C 183 28.21 -42.09 -13.88
N ARG C 184 27.10 -41.39 -14.10
CA ARG C 184 26.90 -40.68 -15.35
C ARG C 184 27.87 -39.51 -15.48
N LEU C 185 28.06 -38.76 -14.40
CA LEU C 185 28.99 -37.65 -14.43
C LEU C 185 30.36 -38.20 -14.79
N ALA C 186 30.71 -39.32 -14.17
CA ALA C 186 32.00 -39.95 -14.39
C ALA C 186 32.21 -40.41 -15.83
N ARG C 187 31.28 -41.22 -16.33
CA ARG C 187 31.38 -41.76 -17.69
C ARG C 187 31.14 -40.77 -18.83
N GLU C 188 29.95 -40.19 -18.87
CA GLU C 188 29.58 -39.26 -19.93
C GLU C 188 30.22 -37.88 -19.88
N TYR C 189 30.64 -37.43 -18.71
CA TYR C 189 31.25 -36.11 -18.61
C TYR C 189 32.75 -36.08 -18.37
N ALA C 190 33.25 -37.04 -17.60
CA ALA C 190 34.68 -37.09 -17.29
C ALA C 190 35.41 -38.21 -18.05
N ALA C 191 34.66 -39.06 -18.75
CA ALA C 191 35.25 -40.17 -19.50
C ALA C 191 36.07 -41.05 -18.58
N ILE C 192 35.58 -41.21 -17.36
CA ILE C 192 36.23 -42.04 -16.34
C ILE C 192 35.37 -43.28 -16.11
N PRO C 193 35.87 -44.47 -16.50
CA PRO C 193 35.04 -45.65 -16.27
C PRO C 193 34.96 -45.91 -14.77
N VAL C 194 33.82 -46.43 -14.31
CA VAL C 194 33.67 -46.75 -12.90
C VAL C 194 32.90 -48.04 -12.74
N ILE C 195 33.04 -48.64 -11.57
CA ILE C 195 32.31 -49.86 -11.23
C ILE C 195 31.32 -49.48 -10.13
N GLU C 196 30.04 -49.74 -10.35
CA GLU C 196 29.02 -49.43 -9.34
C GLU C 196 28.84 -50.66 -8.43
N GLY C 197 28.80 -50.45 -7.12
CA GLY C 197 28.62 -51.57 -6.21
C GLY C 197 28.43 -51.25 -4.74
N LEU C 198 28.37 -52.30 -3.92
CA LEU C 198 28.19 -52.18 -2.47
C LEU C 198 29.53 -52.28 -1.74
N LYS C 199 29.72 -51.46 -0.72
CA LYS C 199 30.94 -51.54 0.08
C LYS C 199 30.71 -52.75 0.99
N THR C 200 31.79 -53.32 1.52
CA THR C 200 31.63 -54.44 2.42
C THR C 200 31.24 -53.86 3.77
N GLU C 201 30.72 -54.69 4.66
CA GLU C 201 30.31 -54.22 5.98
C GLU C 201 31.47 -53.45 6.61
N LYS C 202 32.67 -53.97 6.46
CA LYS C 202 33.85 -53.31 7.01
C LYS C 202 34.08 -51.92 6.44
N GLU C 203 33.89 -51.78 5.13
CA GLU C 203 34.16 -50.52 4.44
C GLU C 203 33.02 -49.51 4.35
N LYS C 204 31.80 -49.92 4.65
CA LYS C 204 30.67 -49.00 4.56
C LYS C 204 30.72 -47.91 5.61
N PHE C 205 29.74 -47.00 5.57
CA PHE C 205 29.67 -45.96 6.57
C PHE C 205 28.99 -46.56 7.80
N ALA C 206 29.62 -46.38 8.96
CA ALA C 206 29.11 -46.90 10.23
C ALA C 206 27.60 -46.76 10.45
N GLY C 207 27.08 -45.55 10.28
CA GLY C 207 25.66 -45.33 10.49
C GLY C 207 24.70 -45.78 9.40
N ALA C 208 25.22 -46.34 8.31
CA ALA C 208 24.35 -46.76 7.22
C ALA C 208 23.99 -48.23 7.17
N VAL C 209 22.80 -48.53 6.63
CA VAL C 209 22.38 -49.91 6.48
C VAL C 209 23.32 -50.50 5.41
N TYR C 210 23.57 -49.70 4.38
CA TYR C 210 24.50 -50.07 3.34
C TYR C 210 24.99 -48.87 2.57
N THR C 211 26.17 -49.02 1.96
CA THR C 211 26.79 -47.96 1.18
C THR C 211 27.09 -48.43 -0.24
N THR C 212 26.60 -47.68 -1.22
CA THR C 212 26.87 -47.99 -2.62
C THR C 212 27.98 -47.03 -3.00
N THR C 213 28.78 -47.39 -4.00
CA THR C 213 29.92 -46.57 -4.40
C THR C 213 30.26 -46.74 -5.88
N ILE C 214 31.06 -45.81 -6.41
CA ILE C 214 31.53 -45.93 -7.77
C ILE C 214 33.04 -45.87 -7.60
N GLU C 215 33.69 -46.92 -8.09
CA GLU C 215 35.13 -47.05 -7.98
C GLU C 215 35.83 -46.91 -9.34
N ALA C 216 36.90 -46.14 -9.37
CA ALA C 216 37.66 -45.91 -10.58
C ALA C 216 39.08 -46.38 -10.38
N LEU C 217 39.76 -46.66 -11.49
CA LEU C 217 41.14 -47.10 -11.43
C LEU C 217 41.98 -45.97 -12.01
N MET C 218 43.03 -45.58 -11.29
CA MET C 218 43.90 -44.50 -11.75
C MET C 218 45.04 -45.09 -12.58
N LYS C 219 45.74 -44.22 -13.33
CA LYS C 219 46.84 -44.67 -14.17
C LYS C 219 47.96 -45.38 -13.41
N ASP C 220 48.03 -45.19 -12.10
CA ASP C 220 49.07 -45.86 -11.32
C ASP C 220 48.59 -47.22 -10.82
N GLY C 221 47.44 -47.68 -11.32
CA GLY C 221 46.94 -48.98 -10.90
C GLY C 221 46.25 -48.99 -9.55
N LYS C 222 46.02 -47.82 -8.97
CA LYS C 222 45.34 -47.74 -7.68
C LYS C 222 43.88 -47.32 -7.83
N ALA C 223 43.02 -47.90 -6.98
CA ALA C 223 41.60 -47.60 -7.01
C ALA C 223 41.30 -46.29 -6.28
N LEU C 224 40.18 -45.67 -6.66
CA LEU C 224 39.76 -44.42 -6.06
C LEU C 224 38.25 -44.39 -6.03
N GLN C 225 37.71 -44.09 -4.86
CA GLN C 225 36.27 -43.99 -4.68
C GLN C 225 35.86 -42.60 -5.18
N ALA C 226 35.10 -42.56 -6.27
CA ALA C 226 34.66 -41.32 -6.88
C ALA C 226 33.37 -40.71 -6.30
N GLY C 227 32.57 -41.54 -5.64
CA GLY C 227 31.34 -41.03 -5.05
C GLY C 227 30.65 -42.14 -4.29
N THR C 228 29.77 -41.78 -3.36
CA THR C 228 29.04 -42.77 -2.56
C THR C 228 27.63 -42.29 -2.27
N SER C 229 26.72 -43.25 -2.09
CA SER C 229 25.31 -43.01 -1.81
C SER C 229 24.88 -44.03 -0.76
N HIS C 230 24.52 -43.56 0.43
CA HIS C 230 24.15 -44.45 1.53
C HIS C 230 22.67 -44.61 1.80
N TYR C 231 22.26 -45.82 2.16
CA TYR C 231 20.87 -46.05 2.54
C TYR C 231 21.01 -46.06 4.05
N LEU C 232 20.30 -45.19 4.74
CA LEU C 232 20.41 -45.12 6.18
C LEU C 232 19.21 -45.73 6.90
N GLY C 233 18.27 -46.28 6.14
CA GLY C 233 17.08 -46.86 6.76
C GLY C 233 16.43 -45.90 7.75
N GLU C 234 16.06 -46.41 8.92
CA GLU C 234 15.44 -45.58 9.94
C GLU C 234 16.45 -45.16 11.01
N ASN C 235 17.70 -45.57 10.84
CA ASN C 235 18.76 -45.28 11.82
C ASN C 235 18.81 -43.81 12.19
N PHE C 236 18.90 -42.98 11.17
CA PHE C 236 19.01 -41.55 11.34
C PHE C 236 17.70 -40.97 11.90
N ALA C 237 16.58 -41.43 11.37
CA ALA C 237 15.27 -40.96 11.84
C ALA C 237 15.13 -41.28 13.33
N ARG C 238 15.38 -42.53 13.70
CA ARG C 238 15.27 -42.94 15.10
C ARG C 238 16.19 -42.16 16.03
N ALA C 239 17.39 -41.83 15.55
CA ALA C 239 18.34 -41.10 16.37
C ALA C 239 17.95 -39.65 16.63
N PHE C 240 17.21 -39.06 15.70
CA PHE C 240 16.82 -37.66 15.85
C PHE C 240 15.31 -37.49 15.96
N ASP C 241 14.62 -38.61 16.10
CA ASP C 241 13.18 -38.59 16.26
C ASP C 241 12.53 -37.82 15.11
N ILE C 242 12.69 -38.37 13.91
CA ILE C 242 12.11 -37.77 12.72
C ILE C 242 10.99 -38.71 12.29
N LYS C 243 9.76 -38.34 12.60
CA LYS C 243 8.65 -39.19 12.21
C LYS C 243 7.56 -38.39 11.56
N PHE C 244 6.55 -39.07 11.04
CA PHE C 244 5.46 -38.41 10.36
C PHE C 244 4.20 -39.24 10.40
N GLN C 245 3.05 -38.61 10.23
CA GLN C 245 1.80 -39.33 10.22
C GLN C 245 1.53 -39.70 8.76
N ASP C 246 1.45 -41.00 8.49
CA ASP C 246 1.21 -41.47 7.14
C ASP C 246 -0.26 -41.31 6.78
N ARG C 247 -0.61 -41.67 5.54
CA ARG C 247 -1.99 -41.53 5.07
C ARG C 247 -2.98 -42.34 5.92
N ASP C 248 -2.49 -43.42 6.51
CA ASP C 248 -3.32 -44.29 7.33
C ASP C 248 -3.39 -43.77 8.78
N LEU C 249 -3.06 -42.50 8.95
CA LEU C 249 -3.10 -41.85 10.26
C LEU C 249 -2.09 -42.38 11.27
N GLN C 250 -1.36 -43.42 10.91
CA GLN C 250 -0.38 -43.97 11.82
C GLN C 250 0.95 -43.19 11.72
N VAL C 251 1.67 -43.08 12.83
CA VAL C 251 2.93 -42.35 12.90
C VAL C 251 4.12 -43.29 12.69
N LYS C 252 4.97 -42.98 11.71
CA LYS C 252 6.12 -43.82 11.39
C LYS C 252 7.42 -43.02 11.23
N TYR C 253 8.54 -43.73 11.32
CA TYR C 253 9.85 -43.10 11.14
C TYR C 253 10.11 -42.99 9.64
N VAL C 254 10.85 -41.95 9.24
CA VAL C 254 11.15 -41.77 7.82
C VAL C 254 12.38 -42.58 7.46
N HIS C 255 12.52 -42.88 6.17
CA HIS C 255 13.68 -43.60 5.69
C HIS C 255 14.51 -42.55 4.96
N THR C 256 15.78 -42.43 5.34
CA THR C 256 16.64 -41.42 4.73
C THR C 256 17.79 -41.96 3.89
N THR C 257 18.39 -41.06 3.10
CA THR C 257 19.52 -41.42 2.27
C THR C 257 20.50 -40.27 2.39
N SER C 258 21.72 -40.51 1.96
CA SER C 258 22.76 -39.50 2.02
C SER C 258 23.71 -39.79 0.84
N TRP C 259 24.30 -38.76 0.26
CA TRP C 259 25.21 -38.98 -0.87
C TRP C 259 26.07 -37.77 -1.09
N GLY C 260 27.34 -38.01 -1.43
CA GLY C 260 28.25 -36.92 -1.66
C GLY C 260 29.36 -37.22 -2.64
N LEU C 261 29.92 -36.16 -3.22
CA LEU C 261 31.00 -36.23 -4.18
C LEU C 261 31.79 -34.95 -3.93
N SER C 262 33.11 -35.06 -3.76
CA SER C 262 33.95 -33.91 -3.46
C SER C 262 34.89 -33.56 -4.60
N TRP C 263 35.72 -32.53 -4.40
CA TRP C 263 36.66 -32.12 -5.45
C TRP C 263 37.72 -33.20 -5.62
N ARG C 264 37.57 -34.30 -4.90
CA ARG C 264 38.47 -35.40 -5.07
C ARG C 264 38.25 -35.85 -6.52
N PHE C 265 37.05 -35.59 -7.02
CA PHE C 265 36.72 -35.95 -8.39
C PHE C 265 37.72 -35.31 -9.34
N ILE C 266 38.21 -34.13 -8.97
CA ILE C 266 39.20 -33.45 -9.81
C ILE C 266 40.49 -34.27 -9.79
N GLY C 267 40.74 -34.94 -8.65
CA GLY C 267 41.91 -35.78 -8.57
C GLY C 267 41.77 -36.94 -9.53
N ALA C 268 40.59 -37.52 -9.59
CA ALA C 268 40.31 -38.64 -10.47
C ALA C 268 40.57 -38.25 -11.92
N ILE C 269 40.16 -37.04 -12.28
CA ILE C 269 40.36 -36.56 -13.64
C ILE C 269 41.85 -36.48 -13.95
N ILE C 270 42.62 -35.93 -13.03
CA ILE C 270 44.06 -35.81 -13.22
C ILE C 270 44.76 -37.16 -13.38
N MET C 271 44.52 -38.06 -12.45
CA MET C 271 45.16 -39.36 -12.46
C MET C 271 44.59 -40.37 -13.44
N THR C 272 43.45 -40.08 -14.03
CA THR C 272 42.88 -40.99 -15.00
C THR C 272 43.34 -40.64 -16.41
N HIS C 273 43.36 -39.34 -16.73
CA HIS C 273 43.73 -38.89 -18.07
C HIS C 273 45.07 -38.16 -18.23
N GLY C 274 45.59 -37.59 -17.15
CA GLY C 274 46.86 -36.89 -17.25
C GLY C 274 47.98 -37.75 -17.81
N ASP C 275 48.99 -37.10 -18.40
CA ASP C 275 50.12 -37.82 -18.98
C ASP C 275 51.42 -37.08 -18.67
N ASP C 276 52.52 -37.53 -19.26
CA ASP C 276 53.82 -36.93 -19.01
C ASP C 276 53.99 -35.49 -19.49
N ARG C 277 53.03 -35.00 -20.28
CA ARG C 277 53.11 -33.62 -20.75
C ARG C 277 52.18 -32.71 -19.93
N GLY C 278 51.46 -33.30 -18.98
CA GLY C 278 50.57 -32.52 -18.15
C GLY C 278 49.14 -33.03 -18.11
N LEU C 279 48.20 -32.11 -17.88
CA LEU C 279 46.80 -32.49 -17.83
C LEU C 279 46.22 -32.77 -19.21
N VAL C 280 45.15 -33.56 -19.22
CA VAL C 280 44.40 -33.87 -20.43
C VAL C 280 42.98 -33.82 -19.87
N LEU C 281 42.26 -32.75 -20.17
CA LEU C 281 40.92 -32.61 -19.63
C LEU C 281 39.81 -33.12 -20.51
N PRO C 282 38.82 -33.79 -19.91
CA PRO C 282 37.72 -34.28 -20.73
C PRO C 282 36.94 -33.08 -21.25
N PRO C 283 36.60 -33.09 -22.55
CA PRO C 283 35.88 -32.02 -23.24
C PRO C 283 34.61 -31.49 -22.58
N ARG C 284 33.89 -32.37 -21.88
CA ARG C 284 32.64 -31.93 -21.28
C ARG C 284 32.76 -31.28 -19.90
N LEU C 285 33.97 -31.22 -19.36
CA LEU C 285 34.18 -30.57 -18.06
C LEU C 285 35.31 -29.55 -18.17
N ALA C 286 35.99 -29.53 -19.31
CA ALA C 286 37.10 -28.60 -19.53
C ALA C 286 36.68 -27.14 -19.54
N PRO C 287 37.30 -26.30 -18.69
CA PRO C 287 36.91 -24.88 -18.68
C PRO C 287 37.07 -24.31 -20.08
N ILE C 288 38.14 -24.74 -20.76
CA ILE C 288 38.41 -24.30 -22.12
C ILE C 288 38.48 -25.50 -23.05
N GLN C 289 37.52 -25.61 -23.94
CA GLN C 289 37.49 -26.73 -24.89
C GLN C 289 38.40 -26.46 -26.07
N VAL C 290 38.46 -25.20 -26.49
CA VAL C 290 39.30 -24.84 -27.62
C VAL C 290 40.01 -23.53 -27.32
N VAL C 291 41.31 -23.51 -27.57
CA VAL C 291 42.09 -22.30 -27.37
C VAL C 291 42.67 -21.84 -28.71
N ILE C 292 42.42 -20.57 -29.05
CA ILE C 292 42.91 -19.99 -30.28
C ILE C 292 44.17 -19.18 -30.00
N VAL C 293 45.26 -19.55 -30.65
CA VAL C 293 46.53 -18.85 -30.46
C VAL C 293 46.91 -18.12 -31.73
N PRO C 294 46.73 -16.78 -31.75
CA PRO C 294 47.06 -15.98 -32.93
C PRO C 294 48.57 -15.82 -33.08
N ILE C 295 49.07 -16.05 -34.29
CA ILE C 295 50.48 -15.90 -34.60
C ILE C 295 50.61 -14.77 -35.61
N TYR C 296 51.51 -13.82 -35.36
CA TYR C 296 51.65 -12.69 -36.27
C TYR C 296 52.91 -11.85 -36.07
N LYS C 297 53.05 -10.87 -36.93
CA LYS C 297 54.15 -9.93 -36.90
C LYS C 297 53.53 -8.56 -36.97
N ASP C 298 54.31 -7.53 -36.64
CA ASP C 298 53.81 -6.16 -36.65
C ASP C 298 52.83 -5.84 -37.78
N GLU C 299 53.09 -6.33 -38.98
CA GLU C 299 52.20 -6.05 -40.11
C GLU C 299 51.03 -7.00 -40.25
N SER C 300 51.15 -8.20 -39.69
CA SER C 300 50.07 -9.19 -39.78
C SER C 300 49.09 -9.02 -38.62
N ARG C 301 49.58 -8.44 -37.52
CA ARG C 301 48.80 -8.22 -36.31
C ARG C 301 47.29 -7.98 -36.53
N GLU C 302 46.95 -6.86 -37.15
CA GLU C 302 45.55 -6.52 -37.40
C GLU C 302 44.74 -7.63 -38.08
N ARG C 303 45.26 -8.16 -39.19
CA ARG C 303 44.60 -9.22 -39.94
C ARG C 303 44.35 -10.49 -39.14
N VAL C 304 45.40 -10.99 -38.51
CA VAL C 304 45.33 -12.20 -37.72
C VAL C 304 44.37 -12.08 -36.54
N LEU C 305 44.49 -11.00 -35.79
CA LEU C 305 43.63 -10.83 -34.63
C LEU C 305 42.18 -10.71 -35.08
N GLU C 306 41.96 -10.13 -36.25
CA GLU C 306 40.62 -9.96 -36.77
C GLU C 306 39.99 -11.34 -37.05
N ALA C 307 40.74 -12.21 -37.73
CA ALA C 307 40.27 -13.55 -38.05
C ALA C 307 40.15 -14.40 -36.79
N ALA C 308 41.03 -14.17 -35.83
CA ALA C 308 41.00 -14.93 -34.59
C ALA C 308 39.70 -14.61 -33.86
N GLN C 309 39.35 -13.33 -33.81
CA GLN C 309 38.14 -12.88 -33.15
C GLN C 309 36.91 -13.41 -33.86
N GLY C 310 36.99 -13.46 -35.18
CA GLY C 310 35.87 -13.96 -35.96
C GLY C 310 35.66 -15.43 -35.66
N LEU C 311 36.75 -16.18 -35.52
CA LEU C 311 36.69 -17.60 -35.21
C LEU C 311 36.15 -17.81 -33.79
N ARG C 312 36.56 -16.94 -32.87
CA ARG C 312 36.11 -17.02 -31.49
C ARG C 312 34.58 -16.91 -31.47
N GLN C 313 34.05 -15.91 -32.18
CA GLN C 313 32.62 -15.70 -32.23
C GLN C 313 31.87 -16.86 -32.87
N ALA C 314 32.42 -17.42 -33.94
CA ALA C 314 31.79 -18.54 -34.62
C ALA C 314 31.73 -19.76 -33.70
N LEU C 315 32.77 -20.00 -32.94
CA LEU C 315 32.81 -21.13 -32.01
C LEU C 315 31.86 -20.91 -30.84
N LEU C 316 31.83 -19.69 -30.32
CA LEU C 316 30.93 -19.37 -29.22
C LEU C 316 29.50 -19.65 -29.69
N ALA C 317 29.25 -19.31 -30.96
CA ALA C 317 27.93 -19.51 -31.56
C ALA C 317 27.59 -20.99 -31.62
N GLN C 318 28.61 -21.83 -31.67
CA GLN C 318 28.39 -23.28 -31.70
C GLN C 318 28.16 -23.78 -30.29
N GLY C 319 28.23 -22.88 -29.31
CA GLY C 319 28.03 -23.27 -27.92
C GLY C 319 29.27 -23.90 -27.30
N LEU C 320 30.43 -23.64 -27.89
CA LEU C 320 31.69 -24.17 -27.38
C LEU C 320 32.38 -23.21 -26.42
N ARG C 321 33.13 -23.75 -25.47
CA ARG C 321 33.86 -22.91 -24.52
C ARG C 321 35.21 -22.66 -25.15
N VAL C 322 35.30 -21.55 -25.88
CA VAL C 322 36.52 -21.17 -26.57
C VAL C 322 37.22 -19.99 -25.92
N HIS C 323 38.55 -20.03 -25.90
CA HIS C 323 39.34 -18.97 -25.33
C HIS C 323 40.36 -18.47 -26.34
N LEU C 324 40.41 -17.16 -26.52
CA LEU C 324 41.36 -16.54 -27.44
C LEU C 324 42.52 -16.00 -26.61
N ASP C 325 43.72 -16.53 -26.82
CA ASP C 325 44.87 -16.06 -26.08
C ASP C 325 45.56 -14.89 -26.82
N ASP C 326 45.04 -13.69 -26.60
CA ASP C 326 45.51 -12.42 -27.20
C ASP C 326 46.85 -12.00 -26.66
N ARG C 327 47.13 -12.38 -25.41
CA ARG C 327 48.36 -11.97 -24.73
C ARG C 327 49.56 -11.73 -25.61
N ASP C 328 49.88 -10.46 -25.81
CA ASP C 328 51.01 -10.06 -26.65
C ASP C 328 52.33 -10.25 -25.90
N GLN C 329 52.27 -10.38 -24.58
CA GLN C 329 53.46 -10.56 -23.75
C GLN C 329 54.09 -11.95 -23.84
N HIS C 330 53.43 -12.89 -24.52
CA HIS C 330 53.95 -14.24 -24.65
C HIS C 330 54.06 -14.71 -26.09
N THR C 331 55.09 -15.51 -26.37
CA THR C 331 55.29 -16.05 -27.70
C THR C 331 54.29 -17.19 -27.91
N PRO C 332 54.08 -17.61 -29.17
CA PRO C 332 53.15 -18.71 -29.44
C PRO C 332 53.64 -19.99 -28.79
N GLY C 333 54.96 -20.15 -28.76
CA GLY C 333 55.55 -21.35 -28.16
C GLY C 333 55.26 -21.43 -26.67
N TYR C 334 55.25 -20.29 -26.01
CA TYR C 334 54.96 -20.24 -24.58
C TYR C 334 53.50 -20.68 -24.40
N LYS C 335 52.62 -20.13 -25.21
CA LYS C 335 51.19 -20.43 -25.16
C LYS C 335 50.86 -21.89 -25.44
N PHE C 336 51.44 -22.46 -26.49
CA PHE C 336 51.16 -23.84 -26.82
C PHE C 336 51.51 -24.71 -25.63
N HIS C 337 52.68 -24.47 -25.05
CA HIS C 337 53.11 -25.25 -23.91
C HIS C 337 52.18 -25.12 -22.71
N GLU C 338 51.77 -23.90 -22.39
CA GLU C 338 50.86 -23.69 -21.27
C GLU C 338 49.53 -24.43 -21.44
N TRP C 339 48.89 -24.27 -22.59
CA TRP C 339 47.60 -24.92 -22.79
C TRP C 339 47.72 -26.44 -22.90
N GLU C 340 48.94 -26.91 -23.15
CA GLU C 340 49.19 -28.35 -23.22
C GLU C 340 49.21 -28.83 -21.77
N LEU C 341 49.96 -28.10 -20.94
CA LEU C 341 50.06 -28.42 -19.53
C LEU C 341 48.66 -28.40 -18.89
N LYS C 342 47.87 -27.41 -19.28
CA LYS C 342 46.53 -27.27 -18.73
C LYS C 342 45.52 -28.21 -19.38
N GLY C 343 46.00 -29.05 -20.27
CA GLY C 343 45.13 -30.04 -20.90
C GLY C 343 43.97 -29.59 -21.76
N VAL C 344 44.11 -28.47 -22.45
CA VAL C 344 43.04 -27.99 -23.34
C VAL C 344 42.96 -29.01 -24.49
N PRO C 345 41.77 -29.59 -24.74
CA PRO C 345 41.62 -30.58 -25.82
C PRO C 345 42.17 -30.17 -27.18
N PHE C 346 41.72 -29.03 -27.69
CA PHE C 346 42.18 -28.56 -28.99
C PHE C 346 42.75 -27.17 -28.99
N ARG C 347 43.71 -26.93 -29.87
CA ARG C 347 44.28 -25.60 -29.97
C ARG C 347 44.33 -25.26 -31.45
N VAL C 348 44.00 -24.03 -31.77
CA VAL C 348 44.03 -23.55 -33.14
C VAL C 348 45.19 -22.58 -33.29
N GLU C 349 46.10 -22.87 -34.22
CA GLU C 349 47.24 -22.00 -34.48
C GLU C 349 46.80 -21.19 -35.68
N LEU C 350 46.57 -19.90 -35.48
CA LEU C 350 46.11 -19.04 -36.57
C LEU C 350 47.21 -18.06 -36.96
N GLY C 351 47.99 -18.44 -37.97
CA GLY C 351 49.09 -17.63 -38.45
C GLY C 351 48.82 -16.91 -39.76
N PRO C 352 49.71 -15.98 -40.16
CA PRO C 352 49.59 -15.20 -41.40
C PRO C 352 49.49 -16.02 -42.68
N LYS C 353 50.49 -16.85 -42.91
CA LYS C 353 50.54 -17.68 -44.11
C LYS C 353 49.23 -18.44 -44.32
N ASP C 354 48.87 -19.29 -43.38
CA ASP C 354 47.64 -20.07 -43.46
C ASP C 354 46.39 -19.21 -43.60
N LEU C 355 46.37 -18.06 -42.94
CA LEU C 355 45.21 -17.19 -43.03
C LEU C 355 45.01 -16.70 -44.47
N GLU C 356 46.11 -16.54 -45.21
CA GLU C 356 46.01 -16.09 -46.60
C GLU C 356 45.17 -17.08 -47.39
N GLY C 357 45.37 -18.36 -47.12
CA GLY C 357 44.61 -19.40 -47.81
C GLY C 357 43.33 -19.72 -47.07
N GLY C 358 42.97 -18.90 -46.08
CA GLY C 358 41.75 -19.13 -45.32
C GLY C 358 41.81 -20.37 -44.42
N GLN C 359 43.01 -20.70 -43.95
CA GLN C 359 43.15 -21.88 -43.11
C GLN C 359 43.84 -21.64 -41.78
N ALA C 360 43.89 -22.69 -40.97
CA ALA C 360 44.55 -22.64 -39.66
C ALA C 360 44.87 -24.06 -39.23
N VAL C 361 45.81 -24.19 -38.30
CA VAL C 361 46.21 -25.50 -37.82
C VAL C 361 45.40 -25.89 -36.57
N LEU C 362 44.81 -27.08 -36.62
CA LEU C 362 44.04 -27.58 -35.50
C LEU C 362 44.88 -28.68 -34.85
N ALA C 363 45.21 -28.51 -33.57
CA ALA C 363 46.02 -29.48 -32.87
C ALA C 363 45.28 -30.16 -31.71
N SER C 364 45.39 -31.48 -31.64
CA SER C 364 44.77 -32.25 -30.58
C SER C 364 45.76 -32.45 -29.45
N ARG C 365 45.27 -32.36 -28.22
CA ARG C 365 46.11 -32.53 -27.04
C ARG C 365 46.58 -33.98 -26.96
N LEU C 366 45.87 -34.86 -27.64
CA LEU C 366 46.21 -36.28 -27.68
C LEU C 366 47.36 -36.55 -28.66
N GLY C 367 47.74 -35.53 -29.41
CA GLY C 367 48.79 -35.70 -30.40
C GLY C 367 48.14 -35.76 -31.77
N GLY C 368 48.73 -35.07 -32.74
CA GLY C 368 48.17 -35.05 -34.07
C GLY C 368 47.57 -33.70 -34.39
N LYS C 369 47.98 -33.10 -35.49
CA LYS C 369 47.47 -31.81 -35.91
C LYS C 369 47.31 -31.82 -37.44
N GLU C 370 46.56 -30.85 -37.96
CA GLU C 370 46.36 -30.75 -39.40
C GLU C 370 45.87 -29.36 -39.77
N THR C 371 46.07 -28.99 -41.04
CA THR C 371 45.63 -27.70 -41.53
C THR C 371 44.18 -27.83 -42.01
N LEU C 372 43.33 -26.92 -41.57
CA LEU C 372 41.93 -26.95 -41.95
C LEU C 372 41.41 -25.57 -42.28
N PRO C 373 40.34 -25.51 -43.08
CA PRO C 373 39.76 -24.21 -43.46
C PRO C 373 39.05 -23.59 -42.26
N LEU C 374 39.31 -22.31 -42.00
CA LEU C 374 38.71 -21.61 -40.89
C LEU C 374 37.18 -21.66 -40.96
N ALA C 375 36.66 -21.64 -42.17
CA ALA C 375 35.22 -21.66 -42.37
C ALA C 375 34.55 -22.99 -42.00
N ALA C 376 35.33 -24.06 -41.93
CA ALA C 376 34.80 -25.39 -41.61
C ALA C 376 34.93 -25.78 -40.13
N LEU C 377 35.83 -25.10 -39.43
CA LEU C 377 36.11 -25.36 -38.02
C LEU C 377 34.90 -25.34 -37.08
N PRO C 378 34.06 -24.30 -37.15
CA PRO C 378 32.90 -24.21 -36.28
C PRO C 378 31.98 -25.43 -36.32
N GLU C 379 31.75 -25.97 -37.51
CA GLU C 379 30.87 -27.11 -37.68
C GLU C 379 31.57 -28.42 -37.36
N ALA C 380 32.88 -28.47 -37.54
CA ALA C 380 33.63 -29.67 -37.28
C ALA C 380 34.04 -29.90 -35.82
N LEU C 381 34.32 -28.82 -35.09
CA LEU C 381 34.77 -28.96 -33.71
C LEU C 381 33.90 -29.74 -32.73
N PRO C 382 32.57 -29.50 -32.74
CA PRO C 382 31.73 -30.25 -31.79
C PRO C 382 31.96 -31.76 -31.92
N GLY C 383 31.97 -32.26 -33.15
CA GLY C 383 32.18 -33.67 -33.41
C GLY C 383 33.57 -34.12 -33.00
N LYS C 384 34.54 -33.24 -33.20
CA LYS C 384 35.89 -33.59 -32.80
C LYS C 384 35.98 -33.65 -31.28
N LEU C 385 35.26 -32.76 -30.58
CA LEU C 385 35.28 -32.78 -29.11
C LEU C 385 34.68 -34.11 -28.64
N ASP C 386 33.56 -34.49 -29.25
CA ASP C 386 32.87 -35.74 -28.94
C ASP C 386 33.80 -36.93 -29.19
N ALA C 387 34.52 -36.92 -30.31
CA ALA C 387 35.44 -38.01 -30.64
C ALA C 387 36.58 -38.06 -29.63
N PHE C 388 37.01 -36.89 -29.18
CA PHE C 388 38.09 -36.76 -28.21
C PHE C 388 37.61 -37.41 -26.89
N HIS C 389 36.38 -37.10 -26.49
CA HIS C 389 35.81 -37.69 -25.29
C HIS C 389 35.77 -39.21 -25.39
N GLU C 390 35.21 -39.71 -26.48
CA GLU C 390 35.09 -41.14 -26.70
C GLU C 390 36.41 -41.86 -26.60
N GLU C 391 37.45 -41.25 -27.16
CA GLU C 391 38.78 -41.84 -27.12
C GLU C 391 39.37 -41.84 -25.71
N LEU C 392 39.06 -40.83 -24.90
CA LEU C 392 39.57 -40.80 -23.52
C LEU C 392 38.93 -41.96 -22.75
N TYR C 393 37.63 -42.11 -22.93
CA TYR C 393 36.89 -43.17 -22.27
C TYR C 393 37.39 -44.53 -22.72
N ARG C 394 37.52 -44.70 -24.04
CA ARG C 394 38.00 -45.97 -24.59
C ARG C 394 39.37 -46.36 -24.03
N ARG C 395 40.31 -45.43 -24.02
CA ARG C 395 41.63 -45.76 -23.49
C ARG C 395 41.54 -46.18 -22.04
N ALA C 396 40.73 -45.48 -21.26
CA ALA C 396 40.58 -45.80 -19.86
C ALA C 396 39.92 -47.17 -19.69
N LEU C 397 38.95 -47.49 -20.54
CA LEU C 397 38.33 -48.81 -20.46
C LEU C 397 39.35 -49.89 -20.76
N ALA C 398 40.15 -49.70 -21.81
CA ALA C 398 41.16 -50.68 -22.21
C ALA C 398 42.18 -50.85 -21.10
N PHE C 399 42.62 -49.72 -20.55
CA PHE C 399 43.57 -49.72 -19.46
C PHE C 399 43.02 -50.55 -18.30
N ARG C 400 41.78 -50.27 -17.92
CA ARG C 400 41.17 -50.98 -16.81
C ARG C 400 41.15 -52.48 -17.05
N GLU C 401 40.74 -52.88 -18.25
CA GLU C 401 40.66 -54.29 -18.60
C GLU C 401 42.04 -54.94 -18.46
N ASP C 402 43.06 -54.28 -18.99
CA ASP C 402 44.43 -54.78 -18.93
C ASP C 402 44.94 -54.78 -17.50
N HIS C 403 44.27 -54.06 -16.61
CA HIS C 403 44.71 -54.00 -15.22
C HIS C 403 43.67 -54.57 -14.25
N THR C 404 42.91 -55.53 -14.74
CA THR C 404 41.90 -56.21 -13.95
C THR C 404 42.15 -57.70 -14.14
N ARG C 405 42.17 -58.44 -13.05
CA ARG C 405 42.46 -59.85 -13.14
C ARG C 405 41.74 -60.70 -12.12
N LYS C 406 41.19 -61.82 -12.58
CA LYS C 406 40.54 -62.75 -11.68
C LYS C 406 41.66 -63.55 -11.05
N VAL C 407 41.56 -63.79 -9.75
CA VAL C 407 42.59 -64.55 -9.06
C VAL C 407 41.93 -65.59 -8.17
N ASP C 408 42.54 -66.77 -8.10
CA ASP C 408 42.00 -67.85 -7.29
C ASP C 408 42.95 -68.29 -6.19
N THR C 409 44.10 -67.62 -6.11
CA THR C 409 45.08 -67.93 -5.09
C THR C 409 45.61 -66.65 -4.50
N TYR C 410 46.03 -66.70 -3.24
CA TYR C 410 46.55 -65.52 -2.57
C TYR C 410 47.83 -65.04 -3.21
N GLU C 411 48.54 -65.96 -3.87
CA GLU C 411 49.78 -65.61 -4.54
C GLU C 411 49.45 -64.75 -5.76
N ALA C 412 48.45 -65.18 -6.52
CA ALA C 412 48.00 -64.45 -7.71
C ALA C 412 47.43 -63.11 -7.25
N PHE C 413 46.65 -63.13 -6.17
CA PHE C 413 46.05 -61.94 -5.60
C PHE C 413 47.12 -60.89 -5.30
N LYS C 414 48.20 -61.31 -4.63
CA LYS C 414 49.27 -60.39 -4.30
C LYS C 414 49.91 -59.79 -5.54
N GLU C 415 49.92 -60.53 -6.64
CA GLU C 415 50.49 -60.03 -7.88
C GLU C 415 49.56 -59.02 -8.53
N ALA C 416 48.29 -59.39 -8.63
CA ALA C 416 47.29 -58.53 -9.25
C ALA C 416 47.14 -57.16 -8.59
N VAL C 417 47.05 -57.10 -7.26
CA VAL C 417 46.90 -55.82 -6.57
C VAL C 417 48.14 -54.95 -6.69
N GLN C 418 49.13 -55.44 -7.40
CA GLN C 418 50.35 -54.67 -7.59
C GLN C 418 50.19 -53.91 -8.90
N GLU C 419 49.24 -54.38 -9.71
CA GLU C 419 48.99 -53.82 -11.03
C GLU C 419 47.67 -53.07 -11.18
N GLY C 420 46.64 -53.52 -10.45
CA GLY C 420 45.34 -52.89 -10.55
C GLY C 420 44.29 -53.63 -9.76
N PHE C 421 43.15 -53.88 -10.38
CA PHE C 421 42.06 -54.58 -9.72
C PHE C 421 42.30 -56.08 -9.62
N ALA C 422 41.71 -56.68 -8.60
CA ALA C 422 41.81 -58.11 -8.38
C ALA C 422 40.42 -58.62 -7.99
N LEU C 423 39.85 -59.44 -8.86
CA LEU C 423 38.53 -60.01 -8.61
C LEU C 423 38.70 -61.33 -7.85
N ALA C 424 38.54 -61.28 -6.54
CA ALA C 424 38.71 -62.47 -5.71
C ALA C 424 37.51 -62.84 -4.85
N PHE C 425 37.39 -64.13 -4.56
CA PHE C 425 36.33 -64.63 -3.71
C PHE C 425 36.71 -64.26 -2.28
N HIS C 426 35.71 -63.91 -1.47
CA HIS C 426 36.00 -63.60 -0.08
C HIS C 426 34.92 -64.19 0.83
N CYS C 427 35.34 -64.60 2.02
CA CYS C 427 34.44 -65.24 2.97
C CYS C 427 33.38 -64.31 3.55
N GLY C 428 33.69 -63.02 3.62
CA GLY C 428 32.75 -62.06 4.15
C GLY C 428 33.02 -61.71 5.60
N ASP C 429 34.10 -62.26 6.16
CA ASP C 429 34.48 -62.02 7.54
C ASP C 429 35.37 -60.79 7.64
N LYS C 430 34.95 -59.81 8.45
CA LYS C 430 35.72 -58.59 8.63
C LYS C 430 37.15 -58.87 9.05
N ALA C 431 37.32 -59.83 9.96
CA ALA C 431 38.65 -60.18 10.45
C ALA C 431 39.58 -60.58 9.31
N CYS C 432 39.08 -61.43 8.41
CA CYS C 432 39.84 -61.89 7.25
C CYS C 432 40.13 -60.70 6.33
N GLU C 433 39.10 -59.90 6.07
CA GLU C 433 39.24 -58.74 5.20
C GLU C 433 40.29 -57.79 5.74
N ARG C 434 40.37 -57.70 7.07
CA ARG C 434 41.33 -56.83 7.73
C ARG C 434 42.72 -57.45 7.59
N LEU C 435 42.78 -58.78 7.67
CA LEU C 435 44.05 -59.47 7.55
C LEU C 435 44.64 -59.21 6.17
N ILE C 436 43.80 -59.32 5.15
CA ILE C 436 44.23 -59.08 3.78
C ILE C 436 44.80 -57.68 3.65
N GLN C 437 44.15 -56.69 4.26
CA GLN C 437 44.64 -55.33 4.18
C GLN C 437 45.98 -55.20 4.89
N GLU C 438 46.10 -55.84 6.04
CA GLU C 438 47.34 -55.79 6.81
C GLU C 438 48.52 -56.43 6.08
N GLU C 439 48.25 -57.54 5.39
CA GLU C 439 49.30 -58.25 4.67
C GLU C 439 49.61 -57.71 3.28
N THR C 440 48.66 -57.03 2.64
CA THR C 440 48.88 -56.54 1.28
C THR C 440 48.62 -55.06 1.06
N THR C 441 47.94 -54.44 2.02
CA THR C 441 47.55 -53.03 1.99
C THR C 441 46.34 -52.84 1.07
N ALA C 442 45.96 -53.91 0.39
CA ALA C 442 44.82 -53.88 -0.52
C ALA C 442 43.50 -53.99 0.25
N THR C 443 42.49 -53.24 -0.22
CA THR C 443 41.17 -53.23 0.38
C THR C 443 40.09 -53.68 -0.60
N THR C 444 38.92 -54.01 -0.06
CA THR C 444 37.81 -54.36 -0.93
C THR C 444 37.34 -53.00 -1.43
N ARG C 445 36.99 -52.90 -2.71
CA ARG C 445 36.54 -51.63 -3.24
C ARG C 445 35.02 -51.64 -3.30
N CYS C 446 34.45 -52.77 -3.70
CA CYS C 446 33.00 -52.91 -3.78
C CYS C 446 32.62 -54.30 -4.26
N VAL C 447 31.36 -54.65 -4.01
CA VAL C 447 30.81 -55.92 -4.45
C VAL C 447 29.90 -55.43 -5.58
N PRO C 448 30.41 -55.44 -6.82
CA PRO C 448 29.69 -54.99 -8.02
C PRO C 448 28.26 -55.46 -8.23
N PHE C 449 27.39 -54.52 -8.54
CA PHE C 449 25.99 -54.80 -8.80
C PHE C 449 25.87 -55.79 -9.97
N GLU C 450 26.56 -55.49 -11.07
CA GLU C 450 26.50 -56.36 -12.24
C GLU C 450 27.82 -57.07 -12.46
N ALA C 451 27.87 -58.32 -12.01
CA ALA C 451 29.06 -59.13 -12.14
C ALA C 451 28.64 -60.57 -12.33
N GLU C 452 29.51 -61.36 -12.93
CA GLU C 452 29.23 -62.76 -13.16
C GLU C 452 28.97 -63.45 -11.81
N PRO C 453 27.79 -64.09 -11.68
CA PRO C 453 27.49 -64.79 -10.43
C PRO C 453 28.41 -66.00 -10.29
N GLU C 454 29.29 -65.94 -9.30
CA GLU C 454 30.24 -67.02 -9.06
C GLU C 454 30.23 -67.48 -7.61
N GLU C 455 30.63 -68.72 -7.41
CA GLU C 455 30.68 -69.30 -6.08
C GLU C 455 32.04 -69.96 -5.94
N GLY C 456 32.73 -69.72 -4.82
CA GLY C 456 34.03 -70.31 -4.64
C GLY C 456 34.50 -70.36 -3.21
N PHE C 457 35.81 -70.18 -3.02
CA PHE C 457 36.40 -70.21 -1.69
C PHE C 457 37.28 -68.97 -1.50
N CYS C 458 37.20 -68.39 -0.31
CA CYS C 458 37.94 -67.19 0.03
C CYS C 458 39.38 -67.25 -0.45
N VAL C 459 39.81 -66.21 -1.15
CA VAL C 459 41.16 -66.13 -1.68
C VAL C 459 42.25 -66.29 -0.60
N ARG C 460 41.94 -65.91 0.63
CA ARG C 460 42.91 -66.01 1.70
C ARG C 460 42.72 -67.14 2.72
N CYS C 461 41.54 -67.22 3.33
CA CYS C 461 41.32 -68.23 4.36
C CYS C 461 40.75 -69.57 3.86
N GLY C 462 40.27 -69.60 2.62
CA GLY C 462 39.75 -70.83 2.05
C GLY C 462 38.31 -71.21 2.37
N ARG C 463 37.65 -70.46 3.23
CA ARG C 463 36.26 -70.77 3.57
C ARG C 463 35.31 -70.40 2.42
N PRO C 464 34.08 -70.93 2.46
CA PRO C 464 33.08 -70.66 1.42
C PRO C 464 32.89 -69.15 1.15
N SER C 465 32.90 -68.77 -0.12
CA SER C 465 32.76 -67.36 -0.48
C SER C 465 31.37 -66.77 -0.27
N ALA C 466 31.32 -65.49 0.06
CA ALA C 466 30.06 -64.79 0.26
C ALA C 466 29.73 -63.96 -0.98
N TYR C 467 28.60 -63.26 -0.93
CA TYR C 467 28.15 -62.35 -1.99
C TYR C 467 27.64 -62.95 -3.30
N GLY C 468 27.89 -64.23 -3.53
CA GLY C 468 27.42 -64.84 -4.76
C GLY C 468 28.21 -64.37 -5.97
N LYS C 469 29.35 -63.72 -5.73
CA LYS C 469 30.18 -63.23 -6.82
C LYS C 469 31.53 -62.83 -6.28
N ARG C 470 32.49 -62.58 -7.16
CA ARG C 470 33.83 -62.17 -6.74
C ARG C 470 33.76 -60.74 -6.27
N VAL C 471 34.68 -60.37 -5.39
CA VAL C 471 34.74 -59.01 -4.86
C VAL C 471 35.91 -58.30 -5.53
N VAL C 472 35.76 -56.99 -5.74
CA VAL C 472 36.81 -56.20 -6.33
C VAL C 472 37.74 -55.70 -5.24
N PHE C 473 39.03 -56.05 -5.33
CA PHE C 473 40.05 -55.61 -4.37
C PHE C 473 41.07 -54.76 -5.11
N ALA C 474 41.85 -53.99 -4.35
CA ALA C 474 42.88 -53.15 -4.93
C ALA C 474 43.54 -52.29 -3.87
N LYS C 475 44.66 -51.67 -4.24
CA LYS C 475 45.33 -50.76 -3.35
C LYS C 475 44.58 -49.49 -3.71
N ALA C 476 44.22 -48.69 -2.72
CA ALA C 476 43.44 -47.50 -3.01
C ALA C 476 43.92 -46.23 -2.36
N TYR C 477 43.40 -45.12 -2.88
CA TYR C 477 43.68 -43.79 -2.38
C TYR C 477 42.65 -43.56 -1.28
N LYS D 5 -3.72 -16.53 12.10
CA LYS D 5 -3.39 -15.10 12.35
C LYS D 5 -2.40 -14.58 11.30
N GLY D 6 -2.55 -13.30 10.94
CA GLY D 6 -1.68 -12.72 9.95
C GLY D 6 -0.33 -12.31 10.50
N LEU D 7 0.48 -11.69 9.63
CA LEU D 7 1.79 -11.22 10.01
C LEU D 7 1.67 -9.95 10.83
N THR D 8 2.52 -9.80 11.83
CA THR D 8 2.52 -8.60 12.63
C THR D 8 2.75 -7.50 11.62
N PRO D 9 1.87 -6.49 11.57
CA PRO D 9 1.99 -5.36 10.63
C PRO D 9 3.34 -4.65 10.65
N GLN D 10 3.77 -4.17 9.50
CA GLN D 10 5.04 -3.45 9.41
C GLN D 10 5.01 -2.21 10.29
N SER D 11 3.87 -1.51 10.31
CA SER D 11 3.74 -0.30 11.11
C SER D 11 3.49 -0.59 12.58
N GLN D 12 3.20 -1.84 12.90
CA GLN D 12 2.98 -2.25 14.28
C GLN D 12 4.33 -2.47 14.94
N ASP D 13 5.16 -3.31 14.31
CA ASP D 13 6.49 -3.65 14.82
C ASP D 13 7.28 -4.25 13.66
N PHE D 14 8.03 -3.39 12.98
CA PHE D 14 8.80 -3.78 11.82
C PHE D 14 9.71 -4.99 12.02
N SER D 15 10.41 -5.02 13.15
CA SER D 15 11.32 -6.13 13.45
C SER D 15 10.61 -7.47 13.55
N GLU D 16 9.45 -7.50 14.18
CA GLU D 16 8.71 -8.73 14.30
C GLU D 16 8.17 -9.15 12.94
N TRP D 17 7.71 -8.17 12.17
CA TRP D 17 7.19 -8.44 10.83
C TRP D 17 8.30 -9.13 10.05
N TYR D 18 9.50 -8.56 10.12
CA TYR D 18 10.67 -9.06 9.43
C TYR D 18 10.97 -10.50 9.80
N LEU D 19 11.06 -10.78 11.09
CA LEU D 19 11.35 -12.14 11.55
C LEU D 19 10.26 -13.12 11.14
N GLU D 20 8.99 -12.70 11.24
CA GLU D 20 7.88 -13.57 10.90
C GLU D 20 7.75 -13.90 9.42
N VAL D 21 8.00 -12.92 8.55
CA VAL D 21 7.89 -13.19 7.14
C VAL D 21 9.02 -14.13 6.69
N ILE D 22 10.20 -13.96 7.27
CA ILE D 22 11.31 -14.85 6.94
C ILE D 22 10.91 -16.27 7.33
N GLN D 23 10.26 -16.40 8.48
CA GLN D 23 9.82 -17.69 9.01
C GLN D 23 8.67 -18.28 8.18
N LYS D 24 7.63 -17.48 8.00
CA LYS D 24 6.44 -17.92 7.27
C LYS D 24 6.62 -18.16 5.78
N ALA D 25 7.53 -17.44 5.15
CA ALA D 25 7.77 -17.59 3.72
C ALA D 25 8.79 -18.69 3.48
N GLU D 26 9.21 -19.32 4.57
CA GLU D 26 10.18 -20.41 4.51
C GLU D 26 11.50 -20.00 3.84
N LEU D 27 11.98 -18.82 4.20
CA LEU D 27 13.23 -18.32 3.66
C LEU D 27 14.35 -18.91 4.52
N ALA D 28 14.11 -18.93 5.83
CA ALA D 28 15.11 -19.43 6.74
C ALA D 28 14.43 -19.88 8.01
N ASP D 29 15.22 -20.55 8.85
CA ASP D 29 14.77 -21.02 10.14
C ASP D 29 15.97 -20.98 11.08
N TYR D 30 15.74 -21.10 12.39
CA TYR D 30 16.84 -21.02 13.33
C TYR D 30 17.56 -22.34 13.50
N GLY D 31 18.88 -22.27 13.60
CA GLY D 31 19.68 -23.46 13.79
C GLY D 31 19.85 -23.80 15.26
N PRO D 32 20.29 -25.02 15.58
CA PRO D 32 20.48 -25.45 16.98
C PRO D 32 21.50 -24.59 17.72
N VAL D 33 22.42 -23.99 17.00
CA VAL D 33 23.43 -23.13 17.61
C VAL D 33 22.96 -21.69 17.60
N ARG D 34 22.80 -21.13 18.80
CA ARG D 34 22.36 -19.74 18.95
C ARG D 34 23.24 -18.83 18.10
N GLY D 35 22.61 -18.01 17.27
CA GLY D 35 23.37 -17.10 16.41
C GLY D 35 23.45 -17.53 14.96
N THR D 36 23.03 -18.76 14.68
CA THR D 36 23.08 -19.30 13.33
C THR D 36 21.70 -19.62 12.76
N ILE D 37 21.55 -19.43 11.45
CA ILE D 37 20.31 -19.72 10.78
C ILE D 37 20.51 -20.83 9.75
N VAL D 38 19.39 -21.38 9.32
CA VAL D 38 19.38 -22.41 8.30
C VAL D 38 18.64 -21.75 7.14
N VAL D 39 19.31 -21.60 5.99
CA VAL D 39 18.65 -20.98 4.86
C VAL D 39 17.95 -22.06 4.07
N ARG D 40 16.63 -21.98 4.04
CA ARG D 40 15.81 -22.94 3.34
C ARG D 40 15.87 -22.75 1.83
N PRO D 41 15.45 -23.78 1.06
CA PRO D 41 15.44 -23.79 -0.40
C PRO D 41 14.93 -22.52 -1.08
N TYR D 42 13.73 -22.08 -0.70
CA TYR D 42 13.18 -20.89 -1.33
C TYR D 42 14.07 -19.70 -1.07
N GLY D 43 14.61 -19.62 0.14
CA GLY D 43 15.49 -18.52 0.45
C GLY D 43 16.82 -18.68 -0.26
N TYR D 44 17.34 -19.90 -0.28
CA TYR D 44 18.63 -20.14 -0.92
C TYR D 44 18.55 -19.82 -2.42
N ALA D 45 17.40 -20.12 -3.00
CA ALA D 45 17.16 -19.87 -4.41
C ALA D 45 17.34 -18.39 -4.75
N ILE D 46 16.94 -17.50 -3.84
CA ILE D 46 17.10 -16.08 -4.10
C ILE D 46 18.58 -15.76 -4.10
N TRP D 47 19.33 -16.34 -3.17
CA TRP D 47 20.76 -16.10 -3.12
C TRP D 47 21.39 -16.60 -4.43
N GLU D 48 20.95 -17.76 -4.91
CA GLU D 48 21.50 -18.30 -6.15
C GLU D 48 21.31 -17.36 -7.33
N ASN D 49 20.13 -16.75 -7.45
CA ASN D 49 19.90 -15.80 -8.55
C ASN D 49 20.80 -14.57 -8.41
N ILE D 50 20.98 -14.10 -7.18
CA ILE D 50 21.84 -12.96 -6.93
C ILE D 50 23.24 -13.36 -7.40
N GLN D 51 23.67 -14.55 -6.98
CA GLN D 51 24.99 -15.05 -7.35
C GLN D 51 25.18 -15.17 -8.87
N GLN D 52 24.18 -15.68 -9.57
CA GLN D 52 24.29 -15.83 -11.02
C GLN D 52 24.43 -14.48 -11.74
N VAL D 53 23.67 -13.49 -11.28
CA VAL D 53 23.72 -12.18 -11.88
C VAL D 53 25.06 -11.50 -11.67
N LEU D 54 25.59 -11.58 -10.44
CA LEU D 54 26.87 -10.96 -10.16
C LEU D 54 28.02 -11.66 -10.89
N ASP D 55 28.02 -12.98 -10.88
CA ASP D 55 29.07 -13.76 -11.54
C ASP D 55 29.17 -13.35 -13.01
N ARG D 56 28.02 -13.24 -13.66
CA ARG D 56 27.97 -12.87 -15.06
C ARG D 56 28.66 -11.51 -15.21
N MET D 57 28.26 -10.57 -14.36
CA MET D 57 28.85 -9.24 -14.41
C MET D 57 30.33 -9.24 -14.04
N PHE D 58 30.73 -10.11 -13.11
CA PHE D 58 32.12 -10.17 -12.70
C PHE D 58 32.94 -10.76 -13.86
N LYS D 59 32.41 -11.80 -14.48
CA LYS D 59 33.09 -12.48 -15.56
C LYS D 59 33.30 -11.61 -16.80
N GLU D 60 32.28 -10.82 -17.16
CA GLU D 60 32.38 -9.95 -18.33
C GLU D 60 33.41 -8.85 -18.08
N THR D 61 33.77 -8.64 -16.82
CA THR D 61 34.74 -7.61 -16.50
C THR D 61 36.10 -8.20 -16.15
N GLY D 62 36.33 -9.43 -16.59
CA GLY D 62 37.60 -10.10 -16.38
C GLY D 62 37.91 -10.79 -15.06
N HIS D 63 37.00 -10.79 -14.10
CA HIS D 63 37.29 -11.45 -12.83
C HIS D 63 37.17 -12.96 -12.90
N GLN D 64 37.84 -13.65 -11.98
CA GLN D 64 37.79 -15.10 -11.97
C GLN D 64 37.64 -15.61 -10.56
N ASN D 65 36.83 -16.64 -10.39
CA ASN D 65 36.61 -17.19 -9.06
C ASN D 65 37.73 -18.12 -8.65
N ALA D 66 37.98 -18.19 -7.34
CA ALA D 66 39.01 -19.07 -6.80
C ALA D 66 38.55 -19.42 -5.40
N TYR D 67 39.22 -20.36 -4.76
CA TYR D 67 38.84 -20.73 -3.42
C TYR D 67 40.00 -20.72 -2.45
N PHE D 68 39.97 -19.78 -1.50
CA PHE D 68 40.99 -19.71 -0.49
C PHE D 68 40.48 -20.42 0.76
N PRO D 69 41.38 -21.04 1.53
CA PRO D 69 41.12 -21.80 2.76
C PRO D 69 40.20 -21.16 3.80
N LEU D 70 39.45 -22.01 4.49
CA LEU D 70 38.54 -21.61 5.56
C LEU D 70 39.32 -21.09 6.76
N PHE D 71 40.46 -21.74 7.05
CA PHE D 71 41.28 -21.37 8.19
C PHE D 71 42.42 -20.41 7.87
N ILE D 72 42.57 -19.41 8.75
CA ILE D 72 43.60 -18.39 8.61
C ILE D 72 44.49 -18.34 9.85
N PRO D 73 45.81 -18.21 9.64
CA PRO D 73 46.78 -18.15 10.73
C PRO D 73 46.46 -16.96 11.65
N MET D 74 46.31 -17.25 12.94
CA MET D 74 46.02 -16.20 13.91
C MET D 74 47.00 -15.05 13.73
N SER D 75 48.24 -15.41 13.42
CA SER D 75 49.33 -14.47 13.19
C SER D 75 48.96 -13.40 12.18
N PHE D 76 48.26 -13.81 11.13
CA PHE D 76 47.83 -12.91 10.06
C PHE D 76 46.83 -11.87 10.53
N LEU D 77 46.23 -12.08 11.69
CA LEU D 77 45.22 -11.16 12.20
C LEU D 77 45.57 -10.42 13.50
N PHE D 87 41.25 -13.46 22.29
CA PHE D 87 41.37 -13.16 20.87
C PHE D 87 40.39 -12.06 20.48
N SER D 88 40.39 -11.69 19.19
CA SER D 88 39.47 -10.65 18.73
C SER D 88 38.03 -11.14 18.88
N PRO D 89 37.11 -10.23 19.24
CA PRO D 89 35.69 -10.53 19.43
C PRO D 89 35.01 -11.16 18.21
N GLU D 90 35.23 -10.55 17.04
CA GLU D 90 34.62 -11.02 15.80
C GLU D 90 35.09 -12.39 15.33
N LEU D 91 36.22 -12.85 15.85
CA LEU D 91 36.78 -14.12 15.43
C LEU D 91 36.35 -15.35 16.19
N ALA D 92 36.19 -16.44 15.46
CA ALA D 92 35.84 -17.74 16.03
C ALA D 92 37.18 -18.47 15.89
N VAL D 93 37.79 -18.82 17.01
CA VAL D 93 39.09 -19.46 16.98
C VAL D 93 39.08 -20.95 17.23
N VAL D 94 39.80 -21.69 16.38
CA VAL D 94 39.89 -23.13 16.56
C VAL D 94 41.19 -23.33 17.31
N THR D 95 41.09 -23.92 18.50
CA THR D 95 42.23 -24.13 19.36
C THR D 95 42.68 -25.58 19.42
N HIS D 96 41.82 -26.48 18.95
CA HIS D 96 42.14 -27.90 18.93
C HIS D 96 41.77 -28.50 17.59
N ALA D 97 42.61 -29.42 17.12
CA ALA D 97 42.42 -30.10 15.85
C ALA D 97 43.48 -31.20 15.75
N GLY D 98 43.15 -32.28 15.06
CA GLY D 98 44.08 -33.38 14.91
C GLY D 98 44.44 -34.04 16.23
N GLY D 99 43.57 -33.87 17.22
CA GLY D 99 43.83 -34.48 18.51
C GLY D 99 44.87 -33.78 19.36
N GLU D 100 44.93 -32.45 19.30
CA GLU D 100 45.90 -31.71 20.10
C GLU D 100 45.54 -30.23 20.15
N GLU D 101 46.01 -29.54 21.17
CA GLU D 101 45.76 -28.11 21.28
C GLU D 101 46.84 -27.47 20.42
N LEU D 102 46.42 -26.75 19.38
CA LEU D 102 47.35 -26.11 18.45
C LEU D 102 48.25 -25.06 19.08
N GLU D 103 49.54 -25.10 18.74
CA GLU D 103 50.49 -24.12 19.25
C GLU D 103 50.11 -22.79 18.60
N GLU D 104 49.67 -22.86 17.35
CA GLU D 104 49.25 -21.67 16.62
C GLU D 104 47.78 -21.81 16.28
N PRO D 105 46.89 -21.27 17.15
CA PRO D 105 45.46 -21.37 16.90
C PRO D 105 45.05 -20.83 15.53
N LEU D 106 43.95 -21.33 15.01
CA LEU D 106 43.47 -20.90 13.70
C LEU D 106 42.12 -20.22 13.75
N ALA D 107 42.01 -19.11 13.04
CA ALA D 107 40.77 -18.36 12.97
C ALA D 107 39.93 -18.82 11.77
N VAL D 108 38.61 -18.91 11.96
CA VAL D 108 37.74 -19.25 10.84
C VAL D 108 37.78 -17.92 10.12
N ARG D 109 38.08 -17.93 8.83
CA ARG D 109 38.19 -16.69 8.06
C ARG D 109 37.06 -15.66 8.21
N PRO D 110 37.40 -14.43 8.59
CA PRO D 110 36.35 -13.42 8.70
C PRO D 110 36.29 -12.76 7.32
N THR D 111 37.29 -13.11 6.52
CA THR D 111 37.49 -12.62 5.16
C THR D 111 38.76 -13.33 4.67
N SER D 112 38.97 -13.40 3.36
CA SER D 112 40.16 -14.07 2.83
C SER D 112 41.31 -13.12 2.54
N GLU D 113 41.12 -11.84 2.77
CA GLU D 113 42.14 -10.84 2.50
C GLU D 113 43.57 -11.17 2.95
N THR D 114 43.74 -11.72 4.14
CA THR D 114 45.09 -12.02 4.58
C THR D 114 45.74 -13.13 3.76
N VAL D 115 45.07 -14.27 3.64
CA VAL D 115 45.62 -15.37 2.87
C VAL D 115 45.87 -14.96 1.44
N ILE D 116 45.00 -14.12 0.90
CA ILE D 116 45.14 -13.65 -0.47
C ILE D 116 46.37 -12.76 -0.58
N GLY D 117 46.64 -11.99 0.46
CA GLY D 117 47.81 -11.13 0.44
C GLY D 117 49.02 -12.03 0.45
N TYR D 118 48.95 -13.04 1.31
CA TYR D 118 50.03 -14.01 1.43
C TYR D 118 50.31 -14.68 0.08
N MET D 119 49.25 -15.18 -0.55
CA MET D 119 49.41 -15.85 -1.84
C MET D 119 49.94 -14.91 -2.91
N TRP D 120 49.48 -13.66 -2.89
CA TRP D 120 49.93 -12.68 -3.88
C TRP D 120 51.40 -12.35 -3.68
N SER D 121 51.87 -12.50 -2.45
CA SER D 121 53.25 -12.22 -2.12
C SER D 121 54.17 -13.05 -3.00
N LYS D 122 53.82 -14.32 -3.20
CA LYS D 122 54.64 -15.19 -4.04
C LYS D 122 54.22 -15.18 -5.51
N TRP D 123 52.92 -15.06 -5.78
CA TRP D 123 52.44 -15.05 -7.17
C TRP D 123 52.80 -13.83 -7.97
N ILE D 124 52.79 -12.67 -7.35
CA ILE D 124 53.12 -11.46 -8.09
C ILE D 124 54.61 -11.19 -8.03
N ARG D 125 55.24 -11.14 -9.20
CA ARG D 125 56.67 -10.87 -9.28
C ARG D 125 57.00 -9.77 -10.28
N SER D 126 56.15 -9.60 -11.29
CA SER D 126 56.38 -8.57 -12.30
C SER D 126 55.09 -8.06 -12.89
N TRP D 127 55.22 -7.10 -13.81
CA TRP D 127 54.09 -6.49 -14.49
C TRP D 127 53.31 -7.54 -15.27
N ARG D 128 53.96 -8.66 -15.55
CA ARG D 128 53.33 -9.75 -16.29
C ARG D 128 52.18 -10.38 -15.51
N ASP D 129 52.29 -10.33 -14.18
CA ASP D 129 51.28 -10.94 -13.31
C ASP D 129 50.12 -10.04 -12.94
N LEU D 130 50.06 -8.85 -13.55
CA LEU D 130 49.00 -7.89 -13.28
C LEU D 130 48.20 -7.54 -14.52
N PRO D 131 46.90 -7.22 -14.34
CA PRO D 131 46.22 -7.15 -13.05
C PRO D 131 45.77 -8.51 -12.54
N GLN D 132 45.52 -8.56 -11.23
CA GLN D 132 45.04 -9.79 -10.60
C GLN D 132 43.57 -9.48 -10.29
N LEU D 133 42.64 -10.21 -10.91
CA LEU D 133 41.21 -9.99 -10.73
C LEU D 133 40.48 -11.21 -10.15
N LEU D 134 40.45 -11.31 -8.82
CA LEU D 134 39.83 -12.46 -8.18
C LEU D 134 38.53 -12.20 -7.43
N ASN D 135 37.76 -13.26 -7.28
CA ASN D 135 36.50 -13.23 -6.55
C ASN D 135 36.32 -14.57 -5.85
N GLN D 136 35.57 -14.56 -4.76
CA GLN D 136 35.29 -15.81 -4.05
C GLN D 136 33.90 -15.79 -3.47
N TRP D 137 33.13 -16.85 -3.70
CA TRP D 137 31.80 -16.99 -3.15
C TRP D 137 31.97 -17.97 -2.00
N GLY D 138 31.29 -17.71 -0.88
CA GLY D 138 31.44 -18.64 0.21
C GLY D 138 31.07 -18.02 1.54
N ASN D 139 31.37 -18.75 2.60
CA ASN D 139 31.05 -18.30 3.93
C ASN D 139 32.24 -17.73 4.69
N VAL D 140 31.93 -16.83 5.61
CA VAL D 140 32.92 -16.21 6.48
C VAL D 140 32.26 -16.12 7.84
N VAL D 141 33.04 -15.81 8.86
CA VAL D 141 32.49 -15.70 10.20
C VAL D 141 32.96 -14.46 10.91
N ARG D 142 31.99 -13.74 11.47
CA ARG D 142 32.20 -12.52 12.24
C ARG D 142 31.16 -12.65 13.33
N TRP D 143 31.60 -13.14 14.48
CA TRP D 143 30.73 -13.37 15.61
C TRP D 143 29.77 -12.24 15.88
N GLU D 144 28.54 -12.60 16.17
CA GLU D 144 27.49 -11.63 16.46
C GLU D 144 26.77 -12.05 17.72
N MET D 145 26.51 -11.10 18.60
CA MET D 145 25.80 -11.40 19.84
C MET D 145 24.29 -11.29 19.63
N ARG D 146 23.89 -10.60 18.56
CA ARG D 146 22.48 -10.40 18.23
C ARG D 146 22.11 -11.16 16.94
N THR D 147 21.16 -12.08 17.04
CA THR D 147 20.72 -12.84 15.86
C THR D 147 19.72 -11.99 15.06
N ARG D 148 19.76 -12.12 13.75
CA ARG D 148 18.87 -11.36 12.87
C ARG D 148 19.09 -11.87 11.46
N PRO D 149 18.27 -12.85 11.03
CA PRO D 149 18.36 -13.47 9.69
C PRO D 149 18.72 -12.52 8.55
N PHE D 150 19.78 -12.86 7.84
CA PHE D 150 20.31 -12.12 6.71
C PHE D 150 20.97 -10.79 7.08
N LEU D 151 20.59 -10.22 8.22
CA LEU D 151 21.17 -8.96 8.68
C LEU D 151 22.35 -9.13 9.61
N ARG D 152 22.15 -9.86 10.70
CA ARG D 152 23.21 -10.09 11.67
C ARG D 152 23.29 -11.53 12.13
N THR D 153 24.32 -12.22 11.67
CA THR D 153 24.55 -13.62 12.03
C THR D 153 26.06 -13.82 12.08
N SER D 154 26.54 -14.68 12.97
CA SER D 154 27.97 -14.95 13.08
C SER D 154 28.49 -15.44 11.73
N GLU D 155 27.78 -16.39 11.13
CA GLU D 155 28.17 -16.91 9.84
C GLU D 155 27.20 -16.45 8.76
N PHE D 156 27.73 -16.19 7.57
CA PHE D 156 26.91 -15.77 6.46
C PHE D 156 27.59 -16.04 5.14
N LEU D 157 26.82 -15.97 4.06
CA LEU D 157 27.38 -16.19 2.74
C LEU D 157 27.52 -14.86 2.06
N TRP D 158 28.52 -14.75 1.19
CA TRP D 158 28.72 -13.54 0.44
C TRP D 158 29.71 -13.79 -0.68
N GLN D 159 30.06 -12.71 -1.33
CA GLN D 159 31.01 -12.72 -2.42
C GLN D 159 32.01 -11.66 -2.03
N GLU D 160 33.30 -11.96 -2.15
CA GLU D 160 34.31 -10.96 -1.86
C GLU D 160 35.32 -10.97 -2.99
N GLY D 161 35.52 -9.80 -3.59
CA GLY D 161 36.47 -9.68 -4.68
C GLY D 161 37.73 -8.98 -4.20
N HIS D 162 38.86 -9.34 -4.81
CA HIS D 162 40.14 -8.76 -4.44
C HIS D 162 40.95 -8.54 -5.71
N THR D 163 41.44 -7.32 -5.90
CA THR D 163 42.23 -7.05 -7.09
C THR D 163 43.54 -6.35 -6.79
N ALA D 164 44.51 -6.60 -7.65
CA ALA D 164 45.86 -6.05 -7.56
C ALA D 164 46.17 -5.41 -8.90
N HIS D 165 46.73 -4.21 -8.86
CA HIS D 165 47.04 -3.48 -10.09
C HIS D 165 48.43 -2.86 -10.09
N ALA D 166 48.87 -2.48 -11.29
CA ALA D 166 50.18 -1.87 -11.45
C ALA D 166 50.13 -0.39 -11.08
N THR D 167 49.00 0.25 -11.30
CA THR D 167 48.89 1.67 -11.00
C THR D 167 47.69 2.03 -10.14
N ARG D 168 47.75 3.22 -9.55
CA ARG D 168 46.69 3.73 -8.71
C ARG D 168 45.43 3.93 -9.55
N GLU D 169 45.58 4.56 -10.71
CA GLU D 169 44.46 4.83 -11.60
C GLU D 169 43.64 3.61 -11.96
N GLU D 170 44.30 2.51 -12.31
CA GLU D 170 43.59 1.29 -12.69
C GLU D 170 42.81 0.76 -11.50
N ALA D 171 43.42 0.86 -10.32
CA ALA D 171 42.77 0.38 -9.10
C ALA D 171 41.53 1.20 -8.77
N GLU D 172 41.65 2.52 -8.79
CA GLU D 172 40.51 3.36 -8.46
C GLU D 172 39.38 3.18 -9.46
N GLU D 173 39.72 2.87 -10.71
CA GLU D 173 38.70 2.66 -11.72
C GLU D 173 37.97 1.36 -11.40
N GLU D 174 38.69 0.37 -10.90
CA GLU D 174 38.10 -0.91 -10.54
C GLU D 174 37.11 -0.73 -9.38
N VAL D 175 37.51 0.05 -8.39
CA VAL D 175 36.64 0.30 -7.24
C VAL D 175 35.25 0.79 -7.69
N ARG D 176 35.25 1.79 -8.57
CA ARG D 176 34.01 2.35 -9.09
C ARG D 176 33.28 1.40 -10.03
N ARG D 177 34.04 0.63 -10.81
CA ARG D 177 33.42 -0.31 -11.72
C ARG D 177 32.60 -1.33 -10.93
N MET D 178 33.15 -1.80 -9.82
CA MET D 178 32.46 -2.78 -9.01
C MET D 178 31.29 -2.20 -8.20
N LEU D 179 31.43 -0.98 -7.69
CA LEU D 179 30.32 -0.39 -6.97
C LEU D 179 29.19 -0.21 -7.96
N SER D 180 29.52 0.17 -9.20
CA SER D 180 28.51 0.34 -10.24
C SER D 180 27.80 -0.98 -10.55
N ILE D 181 28.54 -2.08 -10.46
CA ILE D 181 27.93 -3.38 -10.70
C ILE D 181 26.93 -3.67 -9.59
N TYR D 182 27.30 -3.35 -8.35
CA TYR D 182 26.39 -3.55 -7.23
C TYR D 182 25.16 -2.68 -7.41
N ALA D 183 25.37 -1.43 -7.81
CA ALA D 183 24.25 -0.51 -8.02
C ALA D 183 23.37 -1.04 -9.13
N ARG D 184 23.97 -1.65 -10.14
CA ARG D 184 23.17 -2.17 -11.22
C ARG D 184 22.34 -3.35 -10.71
N LEU D 185 22.96 -4.19 -9.88
CA LEU D 185 22.25 -5.32 -9.32
C LEU D 185 21.03 -4.81 -8.54
N ALA D 186 21.27 -3.79 -7.73
CA ALA D 186 20.21 -3.21 -6.91
C ALA D 186 19.08 -2.63 -7.73
N ARG D 187 19.43 -1.71 -8.63
CA ARG D 187 18.43 -1.03 -9.45
C ARG D 187 17.78 -1.89 -10.53
N GLU D 188 18.58 -2.43 -11.45
CA GLU D 188 18.03 -3.21 -12.54
C GLU D 188 17.50 -4.59 -12.19
N TYR D 189 18.02 -5.20 -11.13
CA TYR D 189 17.54 -6.53 -10.79
C TYR D 189 16.69 -6.64 -9.53
N ALA D 190 17.04 -5.89 -8.49
CA ALA D 190 16.27 -5.94 -7.25
C ALA D 190 15.21 -4.83 -7.17
N ALA D 191 15.28 -3.87 -8.08
CA ALA D 191 14.35 -2.74 -8.10
C ALA D 191 14.50 -1.96 -6.79
N ILE D 192 15.73 -1.93 -6.26
CA ILE D 192 16.03 -1.22 -5.03
C ILE D 192 16.81 0.06 -5.33
N PRO D 193 16.23 1.23 -5.04
CA PRO D 193 16.97 2.48 -5.31
C PRO D 193 18.14 2.61 -4.34
N VAL D 194 19.28 3.08 -4.82
CA VAL D 194 20.42 3.25 -3.93
C VAL D 194 21.14 4.55 -4.25
N ILE D 195 21.97 4.98 -3.31
CA ILE D 195 22.76 6.20 -3.45
C ILE D 195 24.23 5.78 -3.40
N GLU D 196 24.99 6.13 -4.43
CA GLU D 196 26.42 5.80 -4.49
C GLU D 196 27.23 6.94 -3.88
N GLY D 197 28.18 6.62 -3.01
CA GLY D 197 29.00 7.67 -2.42
C GLY D 197 30.15 7.14 -1.61
N LEU D 198 30.84 8.06 -0.91
CA LEU D 198 31.97 7.72 -0.06
C LEU D 198 31.56 7.70 1.38
N LYS D 199 32.16 6.81 2.16
CA LYS D 199 31.88 6.75 3.57
C LYS D 199 32.78 7.82 4.16
N THR D 200 32.36 8.43 5.26
CA THR D 200 33.19 9.44 5.89
C THR D 200 34.38 8.68 6.50
N GLU D 201 35.42 9.43 6.87
CA GLU D 201 36.61 8.85 7.47
C GLU D 201 36.24 7.92 8.62
N LYS D 202 35.26 8.34 9.41
CA LYS D 202 34.80 7.57 10.55
C LYS D 202 34.14 6.25 10.19
N GLU D 203 33.34 6.26 9.12
CA GLU D 203 32.60 5.08 8.68
C GLU D 203 33.28 4.15 7.67
N LYS D 204 34.44 4.54 7.15
CA LYS D 204 35.11 3.70 6.17
C LYS D 204 35.80 2.52 6.84
N PHE D 205 36.35 1.63 6.03
CA PHE D 205 37.08 0.50 6.56
C PHE D 205 38.47 1.03 6.96
N ALA D 206 38.81 0.87 8.22
CA ALA D 206 40.09 1.35 8.76
C ALA D 206 41.30 1.14 7.86
N GLY D 207 41.48 -0.08 7.36
CA GLY D 207 42.63 -0.36 6.50
C GLY D 207 42.50 0.13 5.06
N ALA D 208 41.48 0.94 4.77
CA ALA D 208 41.29 1.43 3.42
C ALA D 208 41.61 2.91 3.28
N VAL D 209 42.01 3.32 2.09
CA VAL D 209 42.29 4.73 1.82
C VAL D 209 40.91 5.38 1.84
N TYR D 210 39.96 4.73 1.18
CA TYR D 210 38.59 5.21 1.17
C TYR D 210 37.64 4.07 0.85
N THR D 211 36.39 4.22 1.25
CA THR D 211 35.36 3.23 1.03
C THR D 211 34.16 3.83 0.31
N THR D 212 33.74 3.20 -0.78
CA THR D 212 32.57 3.67 -1.51
C THR D 212 31.46 2.73 -1.12
N THR D 213 30.21 3.17 -1.26
CA THR D 213 29.09 2.36 -0.83
C THR D 213 27.82 2.65 -1.58
N ILE D 214 26.85 1.74 -1.47
CA ILE D 214 25.54 1.95 -2.08
C ILE D 214 24.57 1.85 -0.91
N GLU D 215 23.89 2.95 -0.65
CA GLU D 215 22.96 3.00 0.47
C GLU D 215 21.49 2.92 0.03
N ALA D 216 20.76 2.01 0.65
CA ALA D 216 19.34 1.85 0.34
C ALA D 216 18.52 2.28 1.54
N LEU D 217 17.26 2.63 1.29
CA LEU D 217 16.38 3.02 2.38
C LEU D 217 15.30 1.95 2.51
N MET D 218 15.17 1.39 3.71
CA MET D 218 14.18 0.34 3.96
C MET D 218 12.81 0.96 4.23
N LYS D 219 11.77 0.14 4.21
CA LYS D 219 10.42 0.64 4.42
C LYS D 219 10.17 1.15 5.84
N ASP D 220 11.10 0.90 6.76
CA ASP D 220 10.91 1.39 8.12
C ASP D 220 11.66 2.70 8.33
N GLY D 221 12.13 3.32 7.25
CA GLY D 221 12.85 4.57 7.37
C GLY D 221 14.33 4.45 7.70
N LYS D 222 14.81 3.23 7.94
CA LYS D 222 16.22 3.03 8.25
C LYS D 222 17.04 2.71 7.00
N ALA D 223 18.27 3.18 7.00
CA ALA D 223 19.16 2.95 5.86
C ALA D 223 19.89 1.60 5.96
N LEU D 224 20.31 1.09 4.81
CA LEU D 224 21.02 -0.16 4.76
C LEU D 224 22.11 -0.09 3.71
N GLN D 225 23.32 -0.46 4.12
CA GLN D 225 24.46 -0.49 3.22
C GLN D 225 24.32 -1.79 2.43
N ALA D 226 24.02 -1.70 1.14
CA ALA D 226 23.82 -2.89 0.31
C ALA D 226 25.09 -3.48 -0.29
N GLY D 227 26.17 -2.71 -0.30
CA GLY D 227 27.43 -3.19 -0.85
C GLY D 227 28.54 -2.17 -0.68
N THR D 228 29.78 -2.61 -0.74
CA THR D 228 30.89 -1.68 -0.60
C THR D 228 32.06 -2.08 -1.47
N SER D 229 32.85 -1.09 -1.85
CA SER D 229 34.01 -1.31 -2.69
C SER D 229 35.10 -0.37 -2.16
N HIS D 230 36.23 -0.94 -1.76
CA HIS D 230 37.32 -0.16 -1.19
C HIS D 230 38.56 0.00 -2.04
N TYR D 231 39.22 1.14 -1.84
CA TYR D 231 40.49 1.41 -2.49
C TYR D 231 41.45 1.24 -1.32
N LEU D 232 42.35 0.27 -1.41
CA LEU D 232 43.28 0.05 -0.30
C LEU D 232 44.64 0.69 -0.53
N GLY D 233 44.78 1.35 -1.68
CA GLY D 233 46.05 1.98 -2.01
C GLY D 233 47.15 0.93 -1.89
N GLU D 234 48.26 1.29 -1.26
CA GLU D 234 49.36 0.36 -1.08
C GLU D 234 49.39 -0.25 0.32
N ASN D 235 48.43 0.16 1.15
CA ASN D 235 48.35 -0.33 2.52
C ASN D 235 48.50 -1.84 2.62
N PHE D 236 47.65 -2.53 1.88
CA PHE D 236 47.65 -3.98 1.88
C PHE D 236 48.96 -4.53 1.31
N ALA D 237 49.41 -3.97 0.18
CA ALA D 237 50.64 -4.39 -0.46
C ALA D 237 51.84 -4.28 0.48
N ARG D 238 51.91 -3.17 1.21
CA ARG D 238 53.00 -2.95 2.15
C ARG D 238 52.94 -3.91 3.34
N ALA D 239 51.74 -4.13 3.88
CA ALA D 239 51.57 -5.01 5.01
C ALA D 239 51.95 -6.46 4.71
N PHE D 240 51.75 -6.88 3.46
CA PHE D 240 52.06 -8.24 3.07
C PHE D 240 53.21 -8.37 2.09
N ASP D 241 53.90 -7.27 1.87
CA ASP D 241 55.05 -7.24 0.97
C ASP D 241 54.69 -7.78 -0.42
N ILE D 242 53.76 -7.09 -1.07
CA ILE D 242 53.31 -7.48 -2.41
C ILE D 242 53.83 -6.46 -3.41
N LYS D 243 54.94 -6.78 -4.04
CA LYS D 243 55.50 -5.87 -5.01
C LYS D 243 55.85 -6.60 -6.29
N PHE D 244 56.21 -5.84 -7.31
CA PHE D 244 56.52 -6.43 -8.59
C PHE D 244 57.57 -5.62 -9.31
N GLN D 245 58.28 -6.29 -10.22
CA GLN D 245 59.29 -5.63 -11.03
C GLN D 245 58.50 -5.07 -12.21
N ASP D 246 58.50 -3.75 -12.35
CA ASP D 246 57.77 -3.12 -13.44
C ASP D 246 58.60 -3.24 -14.73
N ARG D 247 58.11 -2.66 -15.82
CA ARG D 247 58.80 -2.72 -17.09
C ARG D 247 60.14 -1.98 -17.05
N ASP D 248 60.20 -0.95 -16.21
CA ASP D 248 61.41 -0.15 -16.06
C ASP D 248 62.39 -0.81 -15.10
N LEU D 249 62.23 -2.11 -14.91
CA LEU D 249 63.06 -2.91 -14.02
C LEU D 249 62.98 -2.48 -12.55
N GLN D 250 62.16 -1.46 -12.27
CA GLN D 250 62.00 -0.98 -10.90
C GLN D 250 60.97 -1.83 -10.12
N VAL D 251 61.26 -2.11 -8.86
CA VAL D 251 60.37 -2.89 -8.02
C VAL D 251 59.42 -1.96 -7.25
N LYS D 252 58.12 -2.19 -7.39
CA LYS D 252 57.13 -1.34 -6.75
C LYS D 252 56.00 -2.13 -6.09
N TYR D 253 55.25 -1.46 -5.22
CA TYR D 253 54.12 -2.08 -4.55
C TYR D 253 52.89 -2.02 -5.45
N VAL D 254 52.03 -3.03 -5.35
CA VAL D 254 50.81 -3.05 -6.14
C VAL D 254 49.77 -2.18 -5.43
N HIS D 255 48.73 -1.79 -6.16
CA HIS D 255 47.64 -1.01 -5.60
C HIS D 255 46.49 -1.99 -5.63
N THR D 256 45.80 -2.16 -4.51
CA THR D 256 44.71 -3.13 -4.49
C THR D 256 43.33 -2.58 -4.09
N THR D 257 42.31 -3.36 -4.44
CA THR D 257 40.95 -2.99 -4.12
C THR D 257 40.32 -4.20 -3.45
N SER D 258 39.11 -4.00 -2.93
CA SER D 258 38.37 -5.04 -2.26
C SER D 258 36.92 -4.65 -2.40
N TRP D 259 36.03 -5.62 -2.50
CA TRP D 259 34.62 -5.32 -2.61
C TRP D 259 33.81 -6.56 -2.28
N GLY D 260 32.73 -6.36 -1.54
CA GLY D 260 31.89 -7.49 -1.16
C GLY D 260 30.43 -7.14 -1.06
N LEU D 261 29.60 -8.18 -1.16
CA LEU D 261 28.15 -8.04 -1.08
C LEU D 261 27.66 -9.38 -0.52
N SER D 262 26.92 -9.35 0.58
CA SER D 262 26.44 -10.56 1.24
C SER D 262 24.95 -10.82 1.12
N TRP D 263 24.50 -11.92 1.72
CA TRP D 263 23.08 -12.23 1.64
C TRP D 263 22.27 -11.21 2.41
N ARG D 264 22.94 -10.19 2.91
CA ARG D 264 22.25 -9.10 3.59
C ARG D 264 21.40 -8.46 2.49
N PHE D 265 21.83 -8.65 1.25
CA PHE D 265 21.09 -8.10 0.13
C PHE D 265 19.69 -8.72 0.08
N ILE D 266 19.54 -9.93 0.61
CA ILE D 266 18.23 -10.55 0.64
C ILE D 266 17.35 -9.78 1.63
N GLY D 267 17.96 -9.36 2.74
CA GLY D 267 17.22 -8.57 3.72
C GLY D 267 16.77 -7.26 3.08
N ALA D 268 17.62 -6.67 2.25
CA ALA D 268 17.30 -5.43 1.57
C ALA D 268 16.06 -5.63 0.72
N ILE D 269 16.02 -6.75 0.01
CA ILE D 269 14.88 -7.07 -0.84
C ILE D 269 13.62 -7.19 -0.01
N ILE D 270 13.72 -7.91 1.09
CA ILE D 270 12.59 -8.11 2.00
C ILE D 270 12.05 -6.80 2.56
N MET D 271 12.94 -6.00 3.15
CA MET D 271 12.53 -4.76 3.78
C MET D 271 12.21 -3.62 2.84
N THR D 272 12.58 -3.75 1.58
CA THR D 272 12.28 -2.70 0.61
C THR D 272 10.92 -2.92 -0.07
N HIS D 273 10.63 -4.15 -0.45
CA HIS D 273 9.39 -4.45 -1.17
C HIS D 273 8.29 -5.20 -0.44
N GLY D 274 8.64 -5.85 0.67
CA GLY D 274 7.66 -6.61 1.42
C GLY D 274 6.55 -5.73 1.97
N ASP D 275 5.40 -6.33 2.23
CA ASP D 275 4.26 -5.61 2.78
C ASP D 275 3.58 -6.47 3.84
N ASP D 276 2.44 -6.02 4.34
CA ASP D 276 1.72 -6.75 5.37
C ASP D 276 1.27 -8.15 4.98
N ARG D 277 1.23 -8.44 3.68
CA ARG D 277 0.84 -9.76 3.21
C ARG D 277 2.05 -10.69 3.05
N GLY D 278 3.24 -10.12 3.23
CA GLY D 278 4.46 -10.91 3.11
C GLY D 278 5.45 -10.36 2.09
N LEU D 279 6.21 -11.25 1.49
CA LEU D 279 7.21 -10.86 0.51
C LEU D 279 6.58 -10.43 -0.82
N VAL D 280 7.37 -9.64 -1.55
CA VAL D 280 7.03 -9.19 -2.89
C VAL D 280 8.43 -9.22 -3.50
N LEU D 281 8.70 -10.22 -4.32
CA LEU D 281 10.03 -10.36 -4.90
C LEU D 281 10.18 -9.70 -6.25
N PRO D 282 11.37 -9.11 -6.52
CA PRO D 282 11.58 -8.47 -7.83
C PRO D 282 11.57 -9.59 -8.87
N PRO D 283 10.87 -9.40 -9.99
CA PRO D 283 10.77 -10.37 -11.07
C PRO D 283 12.10 -10.95 -11.57
N ARG D 284 13.12 -10.11 -11.62
CA ARG D 284 14.43 -10.51 -12.11
C ARG D 284 15.32 -11.31 -11.17
N LEU D 285 14.89 -11.51 -9.93
CA LEU D 285 15.66 -12.29 -8.95
C LEU D 285 14.73 -13.33 -8.31
N ALA D 286 13.45 -13.24 -8.63
CA ALA D 286 12.48 -14.17 -8.06
C ALA D 286 12.70 -15.60 -8.55
N PRO D 287 12.79 -16.56 -7.60
CA PRO D 287 12.99 -17.96 -7.96
C PRO D 287 11.83 -18.41 -8.84
N ILE D 288 10.63 -17.93 -8.50
CA ILE D 288 9.43 -18.25 -9.25
C ILE D 288 8.78 -16.94 -9.72
N GLN D 289 8.74 -16.73 -11.02
CA GLN D 289 8.14 -15.51 -11.57
C GLN D 289 6.63 -15.68 -11.73
N VAL D 290 6.23 -16.86 -12.20
CA VAL D 290 4.83 -17.20 -12.42
C VAL D 290 4.48 -18.54 -11.80
N VAL D 291 3.43 -18.56 -11.00
CA VAL D 291 2.98 -19.80 -10.39
C VAL D 291 1.60 -20.12 -10.98
N ILE D 292 1.43 -21.36 -11.42
CA ILE D 292 0.17 -21.80 -12.01
C ILE D 292 -0.60 -22.65 -11.01
N VAL D 293 -1.81 -22.22 -10.66
CA VAL D 293 -2.64 -22.97 -9.71
C VAL D 293 -3.88 -23.52 -10.41
N PRO D 294 -3.90 -24.84 -10.67
CA PRO D 294 -5.04 -25.48 -11.33
C PRO D 294 -6.20 -25.77 -10.38
N ILE D 295 -7.40 -25.36 -10.78
CA ILE D 295 -8.60 -25.59 -9.99
C ILE D 295 -9.45 -26.59 -10.76
N TYR D 296 -10.05 -27.56 -10.07
CA TYR D 296 -10.85 -28.58 -10.74
C TYR D 296 -11.58 -29.55 -9.82
N LYS D 297 -12.37 -30.43 -10.44
CA LYS D 297 -13.11 -31.46 -9.73
C LYS D 297 -12.62 -32.81 -10.29
N ASP D 298 -13.11 -33.89 -9.70
CA ASP D 298 -12.72 -35.24 -10.12
C ASP D 298 -12.84 -35.43 -11.64
N GLU D 299 -13.89 -34.87 -12.22
CA GLU D 299 -14.12 -34.99 -13.67
C GLU D 299 -13.31 -33.96 -14.45
N SER D 300 -13.00 -32.84 -13.80
CA SER D 300 -12.26 -31.75 -14.43
C SER D 300 -10.75 -31.97 -14.39
N ARG D 301 -10.29 -32.70 -13.38
CA ARG D 301 -8.85 -32.94 -13.20
C ARG D 301 -8.04 -33.16 -14.48
N GLU D 302 -8.50 -34.06 -15.34
CA GLU D 302 -7.78 -34.37 -16.58
C GLU D 302 -7.54 -33.17 -17.50
N ARG D 303 -8.62 -32.54 -17.96
CA ARG D 303 -8.53 -31.40 -18.87
C ARG D 303 -7.73 -30.23 -18.28
N VAL D 304 -8.03 -29.87 -17.03
CA VAL D 304 -7.36 -28.77 -16.35
C VAL D 304 -5.84 -28.94 -16.28
N LEU D 305 -5.40 -30.06 -15.71
CA LEU D 305 -3.97 -30.34 -15.58
C LEU D 305 -3.29 -30.39 -16.94
N GLU D 306 -4.00 -30.89 -17.94
CA GLU D 306 -3.45 -30.99 -19.28
C GLU D 306 -3.19 -29.60 -19.84
N ALA D 307 -4.09 -28.67 -19.54
CA ALA D 307 -3.94 -27.29 -20.00
C ALA D 307 -2.87 -26.59 -19.18
N ALA D 308 -2.81 -26.93 -17.89
CA ALA D 308 -1.83 -26.34 -16.99
C ALA D 308 -0.42 -26.71 -17.45
N GLN D 309 -0.23 -27.99 -17.74
CA GLN D 309 1.07 -28.48 -18.19
C GLN D 309 1.44 -27.83 -19.51
N GLY D 310 0.42 -27.58 -20.34
CA GLY D 310 0.67 -26.94 -21.61
C GLY D 310 1.20 -25.53 -21.40
N LEU D 311 0.55 -24.81 -20.49
CA LEU D 311 0.95 -23.44 -20.19
C LEU D 311 2.36 -23.43 -19.59
N ARG D 312 2.62 -24.38 -18.69
CA ARG D 312 3.93 -24.45 -18.05
C ARG D 312 5.02 -24.53 -19.11
N GLN D 313 4.81 -25.38 -20.11
CA GLN D 313 5.78 -25.55 -21.19
C GLN D 313 5.90 -24.28 -22.02
N ALA D 314 4.77 -23.68 -22.35
CA ALA D 314 4.77 -22.46 -23.14
C ALA D 314 5.58 -21.36 -22.45
N LEU D 315 5.36 -21.21 -21.15
CA LEU D 315 6.06 -20.19 -20.37
C LEU D 315 7.55 -20.53 -20.27
N LEU D 316 7.88 -21.79 -20.07
CA LEU D 316 9.27 -22.20 -19.99
C LEU D 316 9.92 -21.91 -21.33
N ALA D 317 9.18 -22.12 -22.40
CA ALA D 317 9.69 -21.87 -23.74
C ALA D 317 10.03 -20.40 -23.90
N GLN D 318 9.32 -19.54 -23.16
CA GLN D 318 9.58 -18.10 -23.22
C GLN D 318 10.79 -17.77 -22.34
N GLY D 319 11.33 -18.78 -21.67
CA GLY D 319 12.47 -18.58 -20.81
C GLY D 319 12.09 -18.00 -19.45
N LEU D 320 10.85 -18.22 -19.03
CA LEU D 320 10.39 -17.70 -17.75
C LEU D 320 10.48 -18.79 -16.68
N ARG D 321 10.68 -18.36 -15.44
CA ARG D 321 10.76 -19.30 -14.35
C ARG D 321 9.36 -19.49 -13.82
N VAL D 322 8.72 -20.58 -14.26
CA VAL D 322 7.36 -20.88 -13.85
C VAL D 322 7.28 -22.14 -13.00
N HIS D 323 6.34 -22.16 -12.07
CA HIS D 323 6.13 -23.31 -11.21
C HIS D 323 4.66 -23.71 -11.25
N LEU D 324 4.40 -25.00 -11.45
CA LEU D 324 3.04 -25.51 -11.49
C LEU D 324 2.74 -26.17 -10.16
N ASP D 325 1.87 -25.57 -9.37
CA ASP D 325 1.51 -26.11 -8.06
C ASP D 325 0.36 -27.09 -8.21
N ASP D 326 0.71 -28.32 -8.55
CA ASP D 326 -0.25 -29.40 -8.76
C ASP D 326 -0.68 -30.11 -7.47
N ARG D 327 -0.06 -29.77 -6.34
CA ARG D 327 -0.38 -30.39 -5.06
C ARG D 327 -1.89 -30.51 -4.85
N ASP D 328 -2.33 -31.70 -4.42
CA ASP D 328 -3.74 -31.97 -4.20
C ASP D 328 -4.19 -31.87 -2.75
N GLN D 329 -3.24 -31.95 -1.83
CA GLN D 329 -3.56 -31.90 -0.40
C GLN D 329 -3.93 -30.50 0.07
N HIS D 330 -3.81 -29.51 -0.80
CA HIS D 330 -4.13 -28.13 -0.44
C HIS D 330 -5.20 -27.52 -1.34
N THR D 331 -6.01 -26.63 -0.78
CA THR D 331 -7.06 -25.98 -1.55
C THR D 331 -6.48 -24.78 -2.33
N PRO D 332 -7.18 -24.33 -3.38
CA PRO D 332 -6.71 -23.20 -4.18
C PRO D 332 -6.47 -21.97 -3.30
N GLY D 333 -7.37 -21.77 -2.33
CA GLY D 333 -7.25 -20.64 -1.42
C GLY D 333 -5.97 -20.72 -0.62
N TYR D 334 -5.64 -21.92 -0.17
CA TYR D 334 -4.43 -22.14 0.59
C TYR D 334 -3.22 -21.78 -0.28
N LYS D 335 -3.19 -22.32 -1.49
CA LYS D 335 -2.10 -22.06 -2.42
C LYS D 335 -1.91 -20.59 -2.73
N PHE D 336 -3.02 -19.89 -3.00
CA PHE D 336 -2.94 -18.47 -3.32
C PHE D 336 -2.22 -17.75 -2.19
N HIS D 337 -2.58 -18.10 -0.96
CA HIS D 337 -1.99 -17.50 0.21
C HIS D 337 -0.49 -17.76 0.31
N GLU D 338 -0.07 -18.98 0.02
CA GLU D 338 1.35 -19.29 0.10
C GLU D 338 2.21 -18.53 -0.88
N TRP D 339 1.85 -18.59 -2.16
CA TRP D 339 2.62 -17.91 -3.17
C TRP D 339 2.55 -16.39 -3.03
N GLU D 340 1.50 -15.91 -2.34
CA GLU D 340 1.37 -14.47 -2.12
C GLU D 340 2.39 -14.12 -1.04
N LEU D 341 2.39 -14.92 0.02
CA LEU D 341 3.28 -14.78 1.15
C LEU D 341 4.73 -14.86 0.66
N LYS D 342 4.98 -15.72 -0.34
CA LYS D 342 6.32 -15.91 -0.88
C LYS D 342 6.68 -14.89 -1.96
N GLY D 343 5.81 -13.91 -2.15
CA GLY D 343 6.09 -12.86 -3.11
C GLY D 343 6.22 -13.18 -4.59
N VAL D 344 5.55 -14.22 -5.06
CA VAL D 344 5.59 -14.56 -6.48
C VAL D 344 4.88 -13.43 -7.24
N PRO D 345 5.56 -12.81 -8.22
CA PRO D 345 4.98 -11.72 -9.01
C PRO D 345 3.60 -12.03 -9.61
N PHE D 346 3.50 -13.13 -10.35
CA PHE D 346 2.23 -13.47 -10.97
C PHE D 346 1.70 -14.86 -10.65
N ARG D 347 0.38 -14.96 -10.61
CA ARG D 347 -0.28 -16.21 -10.33
C ARG D 347 -1.35 -16.45 -11.39
N VAL D 348 -1.37 -17.66 -11.92
CA VAL D 348 -2.36 -18.00 -12.92
C VAL D 348 -3.33 -19.00 -12.31
N GLU D 349 -4.61 -18.65 -12.33
CA GLU D 349 -5.65 -19.51 -11.79
C GLU D 349 -6.31 -20.14 -13.00
N LEU D 350 -6.13 -21.44 -13.16
CA LEU D 350 -6.67 -22.15 -14.30
C LEU D 350 -7.77 -23.12 -13.86
N GLY D 351 -9.02 -22.68 -13.98
CA GLY D 351 -10.15 -23.49 -13.58
C GLY D 351 -10.98 -23.96 -14.76
N PRO D 352 -11.92 -24.90 -14.53
CA PRO D 352 -12.82 -25.49 -15.52
C PRO D 352 -13.56 -24.50 -16.42
N LYS D 353 -14.43 -23.70 -15.81
CA LYS D 353 -15.22 -22.71 -16.54
C LYS D 353 -14.38 -21.81 -17.45
N ASP D 354 -13.29 -21.24 -16.91
CA ASP D 354 -12.43 -20.37 -17.70
C ASP D 354 -11.79 -21.13 -18.86
N LEU D 355 -11.31 -22.34 -18.58
CA LEU D 355 -10.68 -23.17 -19.59
C LEU D 355 -11.60 -23.40 -20.78
N GLU D 356 -12.85 -23.78 -20.50
CA GLU D 356 -13.82 -24.01 -21.56
C GLU D 356 -13.80 -22.88 -22.57
N GLY D 357 -13.57 -21.65 -22.09
CA GLY D 357 -13.53 -20.51 -22.97
C GLY D 357 -12.14 -20.22 -23.47
N GLY D 358 -11.19 -21.08 -23.11
CA GLY D 358 -9.82 -20.89 -23.52
C GLY D 358 -9.19 -19.73 -22.77
N GLN D 359 -9.61 -19.52 -21.53
CA GLN D 359 -9.07 -18.43 -20.73
C GLN D 359 -8.65 -18.83 -19.32
N ALA D 360 -8.03 -17.90 -18.62
CA ALA D 360 -7.58 -18.12 -17.25
C ALA D 360 -7.44 -16.78 -16.55
N VAL D 361 -7.26 -16.82 -15.22
CA VAL D 361 -7.12 -15.62 -14.42
C VAL D 361 -5.67 -15.32 -14.05
N LEU D 362 -5.24 -14.10 -14.36
CA LEU D 362 -3.88 -13.69 -14.05
C LEU D 362 -3.90 -12.70 -12.89
N ALA D 363 -3.35 -13.11 -11.75
CA ALA D 363 -3.32 -12.25 -10.58
C ALA D 363 -1.91 -11.69 -10.32
N SER D 364 -1.86 -10.41 -10.00
CA SER D 364 -0.61 -9.74 -9.72
C SER D 364 -0.40 -9.54 -8.22
N ARG D 365 0.81 -9.83 -7.76
CA ARG D 365 1.16 -9.66 -6.35
C ARG D 365 1.08 -8.19 -5.98
N LEU D 366 1.13 -7.33 -6.99
CA LEU D 366 1.07 -5.89 -6.77
C LEU D 366 -0.38 -5.43 -6.70
N GLY D 367 -1.32 -6.34 -6.96
CA GLY D 367 -2.72 -6.01 -6.90
C GLY D 367 -3.50 -6.06 -8.20
N GLY D 368 -4.65 -6.72 -8.16
CA GLY D 368 -5.49 -6.82 -9.34
C GLY D 368 -5.47 -8.16 -10.03
N LYS D 369 -6.54 -8.45 -10.75
CA LYS D 369 -6.70 -9.69 -11.49
C LYS D 369 -7.33 -9.35 -12.82
N GLU D 370 -7.15 -10.22 -13.80
CA GLU D 370 -7.75 -10.03 -15.11
C GLU D 370 -7.87 -11.40 -15.77
N THR D 371 -8.94 -11.58 -16.53
CA THR D 371 -9.18 -12.83 -17.24
C THR D 371 -8.58 -12.65 -18.62
N LEU D 372 -7.76 -13.60 -19.05
CA LEU D 372 -7.12 -13.51 -20.35
C LEU D 372 -7.05 -14.86 -21.03
N PRO D 373 -6.88 -14.87 -22.36
CA PRO D 373 -6.79 -16.13 -23.07
C PRO D 373 -5.46 -16.83 -22.86
N LEU D 374 -5.53 -18.12 -22.51
CA LEU D 374 -4.35 -18.94 -22.27
C LEU D 374 -3.34 -18.86 -23.41
N ALA D 375 -3.80 -18.53 -24.62
CA ALA D 375 -2.91 -18.45 -25.77
C ALA D 375 -2.09 -17.18 -25.84
N ALA D 376 -2.56 -16.11 -25.21
CA ALA D 376 -1.84 -14.85 -25.24
C ALA D 376 -0.90 -14.65 -24.05
N LEU D 377 -1.12 -15.44 -23.00
CA LEU D 377 -0.33 -15.35 -21.78
C LEU D 377 1.18 -15.50 -22.00
N PRO D 378 1.60 -16.52 -22.76
CA PRO D 378 3.02 -16.72 -23.02
C PRO D 378 3.74 -15.50 -23.60
N GLU D 379 3.10 -14.81 -24.53
CA GLU D 379 3.70 -13.66 -25.17
C GLU D 379 3.53 -12.38 -24.35
N ALA D 380 2.51 -12.35 -23.50
CA ALA D 380 2.25 -11.17 -22.69
C ALA D 380 3.02 -11.08 -21.36
N LEU D 381 3.29 -12.21 -20.71
CA LEU D 381 3.97 -12.21 -19.43
C LEU D 381 5.34 -11.52 -19.39
N PRO D 382 6.21 -11.81 -20.36
CA PRO D 382 7.53 -11.16 -20.33
C PRO D 382 7.40 -9.65 -20.13
N GLY D 383 6.52 -9.04 -20.92
CA GLY D 383 6.30 -7.60 -20.82
C GLY D 383 5.69 -7.21 -19.50
N LYS D 384 4.80 -8.06 -18.97
CA LYS D 384 4.17 -7.77 -17.69
C LYS D 384 5.18 -7.86 -16.55
N LEU D 385 6.16 -8.77 -16.67
CA LEU D 385 7.18 -8.90 -15.64
C LEU D 385 8.02 -7.62 -15.61
N ASP D 386 8.34 -7.09 -16.80
CA ASP D 386 9.13 -5.86 -16.89
C ASP D 386 8.33 -4.71 -16.27
N ALA D 387 7.04 -4.65 -16.56
CA ALA D 387 6.19 -3.60 -16.01
C ALA D 387 6.13 -3.72 -14.49
N PHE D 388 6.10 -4.95 -14.02
CA PHE D 388 6.06 -5.25 -12.59
C PHE D 388 7.35 -4.71 -11.97
N HIS D 389 8.47 -5.02 -12.59
CA HIS D 389 9.75 -4.54 -12.09
C HIS D 389 9.72 -3.02 -11.99
N GLU D 390 9.34 -2.37 -13.09
CA GLU D 390 9.27 -0.91 -13.15
C GLU D 390 8.36 -0.31 -12.07
N GLU D 391 7.22 -0.96 -11.83
CA GLU D 391 6.30 -0.46 -10.80
C GLU D 391 6.94 -0.59 -9.43
N LEU D 392 7.67 -1.69 -9.20
CA LEU D 392 8.34 -1.90 -7.92
C LEU D 392 9.35 -0.79 -7.67
N TYR D 393 10.15 -0.50 -8.69
CA TYR D 393 11.16 0.54 -8.59
C TYR D 393 10.52 1.90 -8.38
N ARG D 394 9.44 2.16 -9.10
CA ARG D 394 8.74 3.44 -8.98
C ARG D 394 8.26 3.65 -7.55
N ARG D 395 7.58 2.65 -6.99
CA ARG D 395 7.07 2.77 -5.62
C ARG D 395 8.18 2.98 -4.62
N ALA D 396 9.30 2.30 -4.84
CA ALA D 396 10.45 2.42 -3.95
C ALA D 396 11.10 3.79 -4.10
N LEU D 397 11.06 4.36 -5.30
CA LEU D 397 11.61 5.70 -5.54
C LEU D 397 10.74 6.77 -4.88
N ALA D 398 9.41 6.57 -4.97
CA ALA D 398 8.45 7.50 -4.39
C ALA D 398 8.61 7.52 -2.88
N PHE D 399 8.78 6.34 -2.30
CA PHE D 399 8.95 6.22 -0.86
C PHE D 399 10.21 6.97 -0.43
N ARG D 400 11.29 6.82 -1.21
CA ARG D 400 12.55 7.48 -0.87
C ARG D 400 12.40 9.00 -0.94
N GLU D 401 11.72 9.48 -1.99
CA GLU D 401 11.49 10.90 -2.15
C GLU D 401 10.71 11.38 -0.91
N ASP D 402 9.64 10.66 -0.57
CA ASP D 402 8.80 11.03 0.56
C ASP D 402 9.52 10.89 1.89
N HIS D 403 10.64 10.19 1.90
CA HIS D 403 11.38 10.00 3.16
C HIS D 403 12.78 10.54 3.13
N THR D 404 12.99 11.57 2.33
CA THR D 404 14.27 12.23 2.20
C THR D 404 14.00 13.70 2.43
N ARG D 405 14.85 14.35 3.22
CA ARG D 405 14.63 15.74 3.53
C ARG D 405 15.92 16.51 3.84
N LYS D 406 16.01 17.74 3.32
CA LYS D 406 17.18 18.60 3.56
C LYS D 406 16.95 19.30 4.89
N VAL D 407 17.97 19.36 5.74
CA VAL D 407 17.83 20.02 7.02
C VAL D 407 18.93 21.03 7.27
N ASP D 408 18.58 22.13 7.92
CA ASP D 408 19.55 23.18 8.24
C ASP D 408 19.72 23.39 9.73
N THR D 409 18.86 22.75 10.52
CA THR D 409 18.93 22.88 11.96
C THR D 409 18.99 21.51 12.61
N TYR D 410 19.65 21.42 13.76
CA TYR D 410 19.77 20.15 14.46
C TYR D 410 18.40 19.71 14.99
N GLU D 411 17.40 20.57 14.84
CA GLU D 411 16.05 20.26 15.28
C GLU D 411 15.32 19.57 14.13
N ALA D 412 15.47 20.13 12.92
CA ALA D 412 14.84 19.57 11.73
C ALA D 412 15.58 18.28 11.36
N PHE D 413 16.84 18.18 11.80
CA PHE D 413 17.65 17.01 11.54
C PHE D 413 17.07 15.85 12.34
N LYS D 414 16.78 16.11 13.61
CA LYS D 414 16.21 15.09 14.48
C LYS D 414 14.84 14.60 13.99
N GLU D 415 14.07 15.47 13.36
CA GLU D 415 12.76 15.05 12.84
C GLU D 415 12.96 14.19 11.61
N ALA D 416 13.84 14.64 10.71
CA ALA D 416 14.11 13.92 9.48
C ALA D 416 14.62 12.48 9.69
N VAL D 417 15.64 12.30 10.53
CA VAL D 417 16.18 10.97 10.76
C VAL D 417 15.21 10.07 11.52
N GLN D 418 14.03 10.59 11.80
CA GLN D 418 13.01 9.80 12.49
C GLN D 418 12.16 9.15 11.43
N GLU D 419 12.24 9.70 10.21
CA GLU D 419 11.46 9.24 9.08
C GLU D 419 12.30 8.57 7.98
N GLY D 420 13.55 9.00 7.85
CA GLY D 420 14.39 8.45 6.83
C GLY D 420 15.68 9.21 6.62
N PHE D 421 15.97 9.54 5.36
CA PHE D 421 17.20 10.26 5.03
C PHE D 421 17.18 11.73 5.43
N ALA D 422 18.33 12.23 5.85
CA ALA D 422 18.48 13.62 6.22
C ALA D 422 19.71 14.17 5.50
N LEU D 423 19.48 15.07 4.55
CA LEU D 423 20.55 15.69 3.77
C LEU D 423 21.03 16.93 4.55
N ALA D 424 22.14 16.80 5.26
CA ALA D 424 22.67 17.90 6.06
C ALA D 424 24.18 18.15 5.88
N PHE D 425 24.59 19.39 6.13
CA PHE D 425 26.00 19.78 6.03
C PHE D 425 26.71 19.28 7.27
N HIS D 426 28.00 18.98 7.16
CA HIS D 426 28.75 18.55 8.34
C HIS D 426 30.16 19.11 8.31
N CYS D 427 30.69 19.42 9.48
CA CYS D 427 32.03 19.99 9.62
C CYS D 427 33.17 19.05 9.18
N GLY D 428 32.89 17.74 9.17
CA GLY D 428 33.90 16.79 8.77
C GLY D 428 34.72 16.25 9.93
N ASP D 429 34.41 16.70 11.14
CA ASP D 429 35.15 16.26 12.33
C ASP D 429 34.55 14.99 12.92
N LYS D 430 35.36 13.94 13.05
CA LYS D 430 34.88 12.68 13.61
C LYS D 430 34.21 12.89 14.96
N ALA D 431 34.85 13.71 15.80
CA ALA D 431 34.33 14.02 17.12
C ALA D 431 32.87 14.49 17.03
N CYS D 432 32.60 15.39 16.10
CA CYS D 432 31.27 15.92 15.93
C CYS D 432 30.33 14.84 15.39
N GLU D 433 30.82 14.06 14.44
CA GLU D 433 30.02 12.99 13.84
C GLU D 433 29.62 11.98 14.92
N ARG D 434 30.59 11.58 15.74
CA ARG D 434 30.32 10.63 16.82
C ARG D 434 29.28 11.19 17.77
N LEU D 435 29.33 12.50 18.00
CA LEU D 435 28.38 13.16 18.88
C LEU D 435 26.97 13.04 18.34
N ILE D 436 26.82 13.33 17.06
CA ILE D 436 25.51 13.25 16.43
C ILE D 436 24.92 11.86 16.60
N GLN D 437 25.77 10.84 16.54
CA GLN D 437 25.30 9.47 16.70
C GLN D 437 24.91 9.18 18.14
N GLU D 438 25.71 9.66 19.08
CA GLU D 438 25.41 9.46 20.49
C GLU D 438 24.09 10.16 20.83
N GLU D 439 23.86 11.32 20.22
CA GLU D 439 22.67 12.11 20.50
C GLU D 439 21.42 11.75 19.70
N THR D 440 21.58 11.16 18.53
CA THR D 440 20.42 10.82 17.72
C THR D 440 20.42 9.40 17.18
N THR D 441 21.53 8.69 17.38
CA THR D 441 21.72 7.32 16.90
C THR D 441 21.92 7.28 15.39
N ALA D 442 21.76 8.43 14.74
CA ALA D 442 21.93 8.52 13.31
C ALA D 442 23.41 8.61 12.94
N THR D 443 23.76 7.98 11.83
CA THR D 443 25.12 7.98 11.34
C THR D 443 25.14 8.55 9.94
N THR D 444 26.31 8.91 9.45
CA THR D 444 26.42 9.39 8.09
C THR D 444 26.33 8.11 7.26
N ARG D 445 25.65 8.15 6.13
CA ARG D 445 25.56 6.95 5.30
C ARG D 445 26.56 7.03 4.18
N CYS D 446 26.76 8.24 3.63
CA CYS D 446 27.72 8.46 2.56
C CYS D 446 27.69 9.88 1.98
N VAL D 447 28.83 10.33 1.47
CA VAL D 447 28.92 11.62 0.82
C VAL D 447 28.66 11.20 -0.62
N PRO D 448 27.44 11.45 -1.13
CA PRO D 448 27.07 11.07 -2.49
C PRO D 448 27.92 11.65 -3.61
N PHE D 449 28.18 10.83 -4.62
CA PHE D 449 29.00 11.22 -5.77
C PHE D 449 28.29 12.31 -6.56
N GLU D 450 27.02 12.11 -6.81
CA GLU D 450 26.23 13.07 -7.56
C GLU D 450 25.26 13.80 -6.63
N ALA D 451 25.71 14.92 -6.12
CA ALA D 451 24.89 15.73 -5.23
C ALA D 451 25.16 17.19 -5.56
N GLU D 452 24.12 17.99 -5.47
CA GLU D 452 24.23 19.41 -5.75
C GLU D 452 25.37 19.99 -4.92
N PRO D 453 26.37 20.59 -5.59
CA PRO D 453 27.51 21.18 -4.88
C PRO D 453 27.05 22.36 -4.05
N GLU D 454 27.02 22.19 -2.73
CA GLU D 454 26.60 23.23 -1.81
C GLU D 454 27.67 23.52 -0.77
N GLU D 455 27.52 24.65 -0.10
CA GLU D 455 28.45 25.08 0.94
C GLU D 455 27.54 25.62 2.04
N GLY D 456 27.90 25.36 3.29
CA GLY D 456 27.07 25.83 4.40
C GLY D 456 27.73 25.61 5.75
N PHE D 457 26.92 25.30 6.77
CA PHE D 457 27.46 25.07 8.12
C PHE D 457 26.96 23.80 8.79
N CYS D 458 27.85 23.17 9.56
CA CYS D 458 27.52 21.93 10.24
C CYS D 458 26.17 22.05 10.94
N VAL D 459 25.23 21.21 10.53
CA VAL D 459 23.88 21.19 11.09
C VAL D 459 23.91 20.99 12.61
N ARG D 460 25.04 20.54 13.13
CA ARG D 460 25.16 20.30 14.57
C ARG D 460 26.02 21.29 15.36
N CYS D 461 27.25 21.52 14.91
CA CYS D 461 28.15 22.42 15.64
C CYS D 461 28.33 23.81 15.04
N GLY D 462 27.70 24.07 13.90
CA GLY D 462 27.80 25.39 13.28
C GLY D 462 29.01 25.63 12.40
N ARG D 463 30.18 25.13 12.80
CA ARG D 463 31.41 25.31 12.01
C ARG D 463 31.15 25.07 10.53
N PRO D 464 31.99 25.63 9.65
CA PRO D 464 31.85 25.47 8.20
C PRO D 464 31.83 24.01 7.73
N SER D 465 31.01 23.74 6.72
CA SER D 465 30.84 22.40 6.17
C SER D 465 32.05 21.91 5.38
N ALA D 466 32.10 20.59 5.19
CA ALA D 466 33.17 19.96 4.42
C ALA D 466 32.52 19.23 3.26
N TYR D 467 33.32 18.55 2.44
CA TYR D 467 32.81 17.76 1.31
C TYR D 467 32.22 18.54 0.15
N GLY D 468 32.00 19.83 0.34
CA GLY D 468 31.44 20.63 -0.75
C GLY D 468 30.05 20.19 -1.15
N LYS D 469 29.33 19.58 -0.21
CA LYS D 469 27.97 19.14 -0.46
C LYS D 469 27.34 18.63 0.82
N ARG D 470 26.05 18.33 0.77
CA ARG D 470 25.37 17.81 1.94
C ARG D 470 25.67 16.31 2.04
N VAL D 471 25.74 15.82 3.28
CA VAL D 471 25.99 14.41 3.55
C VAL D 471 24.66 13.74 3.86
N VAL D 472 24.52 12.48 3.48
CA VAL D 472 23.31 11.73 3.76
C VAL D 472 23.42 11.11 5.15
N PHE D 473 22.41 11.35 5.99
CA PHE D 473 22.37 10.79 7.34
C PHE D 473 21.10 9.95 7.50
N ALA D 474 21.09 9.08 8.50
CA ALA D 474 19.93 8.25 8.77
C ALA D 474 20.20 7.31 9.90
N LYS D 475 19.14 6.70 10.41
CA LYS D 475 19.30 5.68 11.43
C LYS D 475 19.55 4.49 10.51
N ALA D 476 20.57 3.70 10.78
CA ALA D 476 20.89 2.58 9.92
C ALA D 476 21.01 1.22 10.59
N TYR D 477 20.88 0.18 9.77
CA TYR D 477 21.03 -1.19 10.22
C TYR D 477 22.54 -1.45 10.31
#